data_3MEW
# 
_entry.id   3MEW 
# 
_audit_conform.dict_name       mmcif_pdbx.dic 
_audit_conform.dict_version    5.379 
_audit_conform.dict_location   http://mmcif.pdb.org/dictionaries/ascii/mmcif_pdbx.dic 
# 
loop_
_database_2.database_id 
_database_2.database_code 
_database_2.pdbx_database_accession 
_database_2.pdbx_DOI 
PDB   3MEW         pdb_00003mew 10.2210/pdb3mew/pdb 
RCSB  RCSB058458   ?            ?                   
WWPDB D_1000058458 ?            ?                   
# 
loop_
_pdbx_database_related.db_name 
_pdbx_database_related.db_id 
_pdbx_database_related.details 
_pdbx_database_related.content_type 
PDB 3ME9 . unspecified 
PDB 3MEA . unspecified 
PDB 3MET . unspecified 
PDB 3MEU . unspecified 
PDB 3MEV . unspecified 
# 
_pdbx_database_status.entry_id                        3MEW 
_pdbx_database_status.status_code                     REL 
_pdbx_database_status.deposit_site                    RCSB 
_pdbx_database_status.process_site                    RCSB 
_pdbx_database_status.recvd_initial_deposition_date   2010-03-31 
_pdbx_database_status.status_code_sf                  REL 
_pdbx_database_status.status_code_mr                  ? 
_pdbx_database_status.SG_entry                        Y 
_pdbx_database_status.status_code_cs                  ? 
_pdbx_database_status.pdb_format_compatible           Y 
_pdbx_database_status.status_code_nmr_data            ? 
_pdbx_database_status.methods_development_category    ? 
# 
loop_
_audit_author.name 
_audit_author.pdbx_ordinal 
'Xu, C.'                               1  
'Bian, C.B.'                           2  
'Lam, R.'                              3  
'Bountra, C.'                          4  
'Arrowsmith, C.H.'                     5  
'Weigelt, J.'                          6  
'Edwards, A.M.'                        7  
'Bochkarev, A.'                        8  
'Min, J.'                              9  
'Structural Genomics Consortium (SGC)' 10 
# 
_citation.id                        primary 
_citation.title                     
'Sgf29 binds histone H3K4me2/3 and is required for SAGA complex recruitment and histone H3 acetylation.' 
_citation.journal_abbrev            'Embo J.' 
_citation.journal_volume            30 
_citation.page_first                2829 
_citation.page_last                 2842 
_citation.year                      2011 
_citation.journal_id_ASTM           EMJODG 
_citation.country                   UK 
_citation.journal_id_ISSN           0261-4189 
_citation.journal_id_CSD            0897 
_citation.book_publisher            ? 
_citation.pdbx_database_id_PubMed   21685874 
_citation.pdbx_database_id_DOI      10.1038/emboj.2011.193 
# 
loop_
_citation_author.citation_id 
_citation_author.name 
_citation_author.ordinal 
_citation_author.identifier_ORCID 
primary 'Bian, C.'           1  ? 
primary 'Xu, C.'             2  ? 
primary 'Ruan, J.'           3  ? 
primary 'Lee, K.K.'          4  ? 
primary 'Burke, T.L.'        5  ? 
primary 'Tempel, W.'         6  ? 
primary 'Barsyte, D.'        7  ? 
primary 'Li, J.'             8  ? 
primary 'Wu, M.'             9  ? 
primary 'Zhou, B.O.'         10 ? 
primary 'Fleharty, B.E.'     11 ? 
primary 'Paulson, A.'        12 ? 
primary 'Allali-Hassani, A.' 13 ? 
primary 'Zhou, J.Q.'         14 ? 
primary 'Mer, G.'            15 ? 
primary 'Grant, P.A.'        16 ? 
primary 'Workman, J.L.'      17 ? 
primary 'Zang, J.'           18 ? 
primary 'Min, J.'            19 ? 
# 
_cell.length_a           92.623 
_cell.length_b           41.424 
_cell.length_c           52.324 
_cell.angle_alpha        90.000 
_cell.angle_beta         121.430 
_cell.angle_gamma        90.000 
_cell.entry_id           3MEW 
_cell.pdbx_unique_axis   ? 
_cell.Z_PDB              4 
_cell.length_a_esd       ? 
_cell.length_b_esd       ? 
_cell.length_c_esd       ? 
_cell.angle_alpha_esd    ? 
_cell.angle_beta_esd     ? 
_cell.angle_gamma_esd    ? 
# 
_symmetry.space_group_name_H-M             'C 1 2 1' 
_symmetry.entry_id                         3MEW 
_symmetry.pdbx_full_space_group_name_H-M   ? 
_symmetry.Int_Tables_number                5 
_symmetry.cell_setting                     ? 
_symmetry.space_group_name_Hall            ? 
# 
loop_
_entity.id 
_entity.type 
_entity.src_method 
_entity.pdbx_description 
_entity.formula_weight 
_entity.pdbx_number_of_molecules 
_entity.pdbx_ec 
_entity.pdbx_mutation 
_entity.pdbx_fragment 
_entity.details 
1 polymer man 'SAGA-associated factor 29 homolog' 17813.990 1  ? ? 'UNP Residues 115-287' ? 
2 water   nat water                               18.015    84 ? ? ?                      ? 
# 
_entity_name_com.entity_id   1 
_entity_name_com.name        'Coiled-coil domain-containing protein 101' 
# 
_entity_poly.entity_id                      1 
_entity_poly.type                           'polypeptide(L)' 
_entity_poly.nstd_linkage                   no 
_entity_poly.nstd_monomer                   no 
_entity_poly.pdbx_seq_one_letter_code       
;TLPLWIGKPGDKPPPLCGAIPASGDYVARPGDKVAARVKAVDGDEQWILAEVVSYSHATNKYEVDDIDEEGKERHTLSRR
RVIPLPQWKANPETDPEALFQKEQLVLALYPQTTCFYRALIHAPPQRPQDDYSVLFEDTSYADGYSPPLNVAQRYVVAC
;
_entity_poly.pdbx_seq_one_letter_code_can   
;TLPLWIGKPGDKPPPLCGAIPASGDYVARPGDKVAARVKAVDGDEQWILAEVVSYSHATNKYEVDDIDEEGKERHTLSRR
RVIPLPQWKANPETDPEALFQKEQLVLALYPQTTCFYRALIHAPPQRPQDDYSVLFEDTSYADGYSPPLNVAQRYVVAC
;
_entity_poly.pdbx_strand_id                 A 
_entity_poly.pdbx_target_identifier         ? 
# 
loop_
_entity_poly_seq.entity_id 
_entity_poly_seq.num 
_entity_poly_seq.mon_id 
_entity_poly_seq.hetero 
1 1   THR n 
1 2   LEU n 
1 3   PRO n 
1 4   LEU n 
1 5   TRP n 
1 6   ILE n 
1 7   GLY n 
1 8   LYS n 
1 9   PRO n 
1 10  GLY n 
1 11  ASP n 
1 12  LYS n 
1 13  PRO n 
1 14  PRO n 
1 15  PRO n 
1 16  LEU n 
1 17  CYS n 
1 18  GLY n 
1 19  ALA n 
1 20  ILE n 
1 21  PRO n 
1 22  ALA n 
1 23  SER n 
1 24  GLY n 
1 25  ASP n 
1 26  TYR n 
1 27  VAL n 
1 28  ALA n 
1 29  ARG n 
1 30  PRO n 
1 31  GLY n 
1 32  ASP n 
1 33  LYS n 
1 34  VAL n 
1 35  ALA n 
1 36  ALA n 
1 37  ARG n 
1 38  VAL n 
1 39  LYS n 
1 40  ALA n 
1 41  VAL n 
1 42  ASP n 
1 43  GLY n 
1 44  ASP n 
1 45  GLU n 
1 46  GLN n 
1 47  TRP n 
1 48  ILE n 
1 49  LEU n 
1 50  ALA n 
1 51  GLU n 
1 52  VAL n 
1 53  VAL n 
1 54  SER n 
1 55  TYR n 
1 56  SER n 
1 57  HIS n 
1 58  ALA n 
1 59  THR n 
1 60  ASN n 
1 61  LYS n 
1 62  TYR n 
1 63  GLU n 
1 64  VAL n 
1 65  ASP n 
1 66  ASP n 
1 67  ILE n 
1 68  ASP n 
1 69  GLU n 
1 70  GLU n 
1 71  GLY n 
1 72  LYS n 
1 73  GLU n 
1 74  ARG n 
1 75  HIS n 
1 76  THR n 
1 77  LEU n 
1 78  SER n 
1 79  ARG n 
1 80  ARG n 
1 81  ARG n 
1 82  VAL n 
1 83  ILE n 
1 84  PRO n 
1 85  LEU n 
1 86  PRO n 
1 87  GLN n 
1 88  TRP n 
1 89  LYS n 
1 90  ALA n 
1 91  ASN n 
1 92  PRO n 
1 93  GLU n 
1 94  THR n 
1 95  ASP n 
1 96  PRO n 
1 97  GLU n 
1 98  ALA n 
1 99  LEU n 
1 100 PHE n 
1 101 GLN n 
1 102 LYS n 
1 103 GLU n 
1 104 GLN n 
1 105 LEU n 
1 106 VAL n 
1 107 LEU n 
1 108 ALA n 
1 109 LEU n 
1 110 TYR n 
1 111 PRO n 
1 112 GLN n 
1 113 THR n 
1 114 THR n 
1 115 CYS n 
1 116 PHE n 
1 117 TYR n 
1 118 ARG n 
1 119 ALA n 
1 120 LEU n 
1 121 ILE n 
1 122 HIS n 
1 123 ALA n 
1 124 PRO n 
1 125 PRO n 
1 126 GLN n 
1 127 ARG n 
1 128 PRO n 
1 129 GLN n 
1 130 ASP n 
1 131 ASP n 
1 132 TYR n 
1 133 SER n 
1 134 VAL n 
1 135 LEU n 
1 136 PHE n 
1 137 GLU n 
1 138 ASP n 
1 139 THR n 
1 140 SER n 
1 141 TYR n 
1 142 ALA n 
1 143 ASP n 
1 144 GLY n 
1 145 TYR n 
1 146 SER n 
1 147 PRO n 
1 148 PRO n 
1 149 LEU n 
1 150 ASN n 
1 151 VAL n 
1 152 ALA n 
1 153 GLN n 
1 154 ARG n 
1 155 TYR n 
1 156 VAL n 
1 157 VAL n 
1 158 ALA n 
1 159 CYS n 
# 
_entity_src_gen.entity_id                          1 
_entity_src_gen.pdbx_src_id                        1 
_entity_src_gen.pdbx_alt_source_flag               sample 
_entity_src_gen.pdbx_seq_type                      ? 
_entity_src_gen.pdbx_beg_seq_num                   ? 
_entity_src_gen.pdbx_end_seq_num                   ? 
_entity_src_gen.gene_src_common_name               human 
_entity_src_gen.gene_src_genus                     ? 
_entity_src_gen.pdbx_gene_src_gene                 'CCDC101, SGF29' 
_entity_src_gen.gene_src_species                   ? 
_entity_src_gen.gene_src_strain                    ? 
_entity_src_gen.gene_src_tissue                    ? 
_entity_src_gen.gene_src_tissue_fraction           ? 
_entity_src_gen.gene_src_details                   ? 
_entity_src_gen.pdbx_gene_src_fragment             ? 
_entity_src_gen.pdbx_gene_src_scientific_name      'Homo sapiens' 
_entity_src_gen.pdbx_gene_src_ncbi_taxonomy_id     9606 
_entity_src_gen.pdbx_gene_src_variant              ? 
_entity_src_gen.pdbx_gene_src_cell_line            ? 
_entity_src_gen.pdbx_gene_src_atcc                 ? 
_entity_src_gen.pdbx_gene_src_organ                ? 
_entity_src_gen.pdbx_gene_src_organelle            ? 
_entity_src_gen.pdbx_gene_src_cell                 ? 
_entity_src_gen.pdbx_gene_src_cellular_location    ? 
_entity_src_gen.host_org_common_name               ? 
_entity_src_gen.pdbx_host_org_scientific_name      'Escherichia coli' 
_entity_src_gen.pdbx_host_org_ncbi_taxonomy_id     511693 
_entity_src_gen.host_org_genus                     ? 
_entity_src_gen.pdbx_host_org_gene                 ? 
_entity_src_gen.pdbx_host_org_organ                ? 
_entity_src_gen.host_org_species                   ? 
_entity_src_gen.pdbx_host_org_tissue               ? 
_entity_src_gen.pdbx_host_org_tissue_fraction      ? 
_entity_src_gen.pdbx_host_org_strain               'BL21(DE3)-V2R-pRARE2' 
_entity_src_gen.pdbx_host_org_variant              ? 
_entity_src_gen.pdbx_host_org_cell_line            ? 
_entity_src_gen.pdbx_host_org_atcc                 ? 
_entity_src_gen.pdbx_host_org_culture_collection   ? 
_entity_src_gen.pdbx_host_org_cell                 ? 
_entity_src_gen.pdbx_host_org_organelle            ? 
_entity_src_gen.pdbx_host_org_cellular_location    ? 
_entity_src_gen.pdbx_host_org_vector_type          plasmid 
_entity_src_gen.pdbx_host_org_vector               ? 
_entity_src_gen.host_org_details                   ? 
_entity_src_gen.expression_system_id               ? 
_entity_src_gen.plasmid_name                       pET28-MHL 
_entity_src_gen.plasmid_details                    ? 
_entity_src_gen.pdbx_description                   ? 
# 
_struct_ref.id                         1 
_struct_ref.db_name                    UNP 
_struct_ref.db_code                    SGF29_HUMAN 
_struct_ref.pdbx_db_accession          Q96ES7 
_struct_ref.entity_id                  1 
_struct_ref.pdbx_seq_one_letter_code   
;TLPLWIGKPGDKPPPLCGAIPASGDYVARPGDKVAARVKAVDGDEQWILAEVVSYSHATNKYEVDDIDEEGKERHTLSRR
RVIPLPQWKANPETDPEALFQKEQLVLALYPQTTCFYRALIHAPPQRPQDDYSVLFEDTSYADGYSPPLNVAQRYVVAC
;
_struct_ref.pdbx_align_begin           129 
_struct_ref.pdbx_db_isoform            ? 
# 
_struct_ref_seq.align_id                      1 
_struct_ref_seq.ref_id                        1 
_struct_ref_seq.pdbx_PDB_id_code              3MEW 
_struct_ref_seq.pdbx_strand_id                A 
_struct_ref_seq.seq_align_beg                 1 
_struct_ref_seq.pdbx_seq_align_beg_ins_code   ? 
_struct_ref_seq.seq_align_end                 159 
_struct_ref_seq.pdbx_seq_align_end_ins_code   ? 
_struct_ref_seq.pdbx_db_accession             Q96ES7 
_struct_ref_seq.db_align_beg                  129 
_struct_ref_seq.pdbx_db_align_beg_ins_code    ? 
_struct_ref_seq.db_align_end                  287 
_struct_ref_seq.pdbx_db_align_end_ins_code    ? 
_struct_ref_seq.pdbx_auth_seq_align_beg       129 
_struct_ref_seq.pdbx_auth_seq_align_end       287 
# 
loop_
_chem_comp.id 
_chem_comp.type 
_chem_comp.mon_nstd_flag 
_chem_comp.name 
_chem_comp.pdbx_synonyms 
_chem_comp.formula 
_chem_comp.formula_weight 
ALA 'L-peptide linking' y ALANINE         ? 'C3 H7 N O2'     89.093  
ARG 'L-peptide linking' y ARGININE        ? 'C6 H15 N4 O2 1' 175.209 
ASN 'L-peptide linking' y ASPARAGINE      ? 'C4 H8 N2 O3'    132.118 
ASP 'L-peptide linking' y 'ASPARTIC ACID' ? 'C4 H7 N O4'     133.103 
CYS 'L-peptide linking' y CYSTEINE        ? 'C3 H7 N O2 S'   121.158 
GLN 'L-peptide linking' y GLUTAMINE       ? 'C5 H10 N2 O3'   146.144 
GLU 'L-peptide linking' y 'GLUTAMIC ACID' ? 'C5 H9 N O4'     147.129 
GLY 'peptide linking'   y GLYCINE         ? 'C2 H5 N O2'     75.067  
HIS 'L-peptide linking' y HISTIDINE       ? 'C6 H10 N3 O2 1' 156.162 
HOH non-polymer         . WATER           ? 'H2 O'           18.015  
ILE 'L-peptide linking' y ISOLEUCINE      ? 'C6 H13 N O2'    131.173 
LEU 'L-peptide linking' y LEUCINE         ? 'C6 H13 N O2'    131.173 
LYS 'L-peptide linking' y LYSINE          ? 'C6 H15 N2 O2 1' 147.195 
PHE 'L-peptide linking' y PHENYLALANINE   ? 'C9 H11 N O2'    165.189 
PRO 'L-peptide linking' y PROLINE         ? 'C5 H9 N O2'     115.130 
SER 'L-peptide linking' y SERINE          ? 'C3 H7 N O3'     105.093 
THR 'L-peptide linking' y THREONINE       ? 'C4 H9 N O3'     119.119 
TRP 'L-peptide linking' y TRYPTOPHAN      ? 'C11 H12 N2 O2'  204.225 
TYR 'L-peptide linking' y TYROSINE        ? 'C9 H11 N O3'    181.189 
VAL 'L-peptide linking' y VALINE          ? 'C5 H11 N O2'    117.146 
# 
_exptl.crystals_number   1 
_exptl.entry_id          3MEW 
_exptl.method            'X-RAY DIFFRACTION' 
# 
_exptl_crystal.id                    1 
_exptl_crystal.density_Matthews      2.40 
_exptl_crystal.density_meas          ? 
_exptl_crystal.density_percent_sol   48.84 
_exptl_crystal.description           ? 
_exptl_crystal.F_000                 ? 
_exptl_crystal.preparation           ? 
# 
_exptl_crystal_grow.crystal_id      1 
_exptl_crystal_grow.method          'VAPOR DIFFUSION, SITTING DROP' 
_exptl_crystal_grow.pH              5.5 
_exptl_crystal_grow.temp            291 
_exptl_crystal_grow.pdbx_details    
'20-28% PEG3350, 0.1M Bis-Tris pH 5.5, vapor diffusion, Sitting drop, temperature 291K, VAPOR DIFFUSION, SITTING DROP' 
_exptl_crystal_grow.temp_details    ? 
_exptl_crystal_grow.pdbx_pH_range   ? 
# 
_diffrn.id                     1 
_diffrn.ambient_temp           ? 
_diffrn.ambient_temp_details   ? 
_diffrn.crystal_id             1 
# 
_diffrn_detector.diffrn_id              1 
_diffrn_detector.detector               'IMAGE PLATE' 
_diffrn_detector.type                   'RIGAKU RAXIS IV' 
_diffrn_detector.pdbx_collection_date   2009-11-04 
_diffrn_detector.details                ? 
# 
_diffrn_radiation.diffrn_id                        1 
_diffrn_radiation.pdbx_diffrn_protocol             'SINGLE WAVELENGTH' 
_diffrn_radiation.monochromator                    ? 
_diffrn_radiation.wavelength_id                    1 
_diffrn_radiation.pdbx_monochromatic_or_laue_m_l   M 
_diffrn_radiation.pdbx_scattering_type             x-ray 
# 
_diffrn_radiation_wavelength.id           1 
_diffrn_radiation_wavelength.wavelength   1.5418 
_diffrn_radiation_wavelength.wt           1.0 
# 
_diffrn_source.diffrn_id                   1 
_diffrn_source.source                      'ROTATING ANODE' 
_diffrn_source.type                        'RIGAKU FR-E SUPERBRIGHT' 
_diffrn_source.pdbx_wavelength_list        1.5418 
_diffrn_source.pdbx_wavelength             ? 
_diffrn_source.pdbx_synchrotron_site       ? 
_diffrn_source.pdbx_synchrotron_beamline   ? 
# 
_reflns.entry_id                     3MEW 
_reflns.observed_criterion_sigma_F   ? 
_reflns.observed_criterion_sigma_I   ? 
_reflns.d_resolution_high            1.92 
_reflns.d_resolution_low             44.650 
_reflns.number_all                   13104 
_reflns.number_obs                   12062 
_reflns.percent_possible_obs         92.2 
_reflns.pdbx_Rmerge_I_obs            0.0381 
_reflns.pdbx_Rsym_value              ? 
_reflns.pdbx_netI_over_sigmaI        37.9 
_reflns.B_iso_Wilson_estimate        ? 
_reflns.pdbx_redundancy              3.8 
_reflns.R_free_details               ? 
_reflns.limit_h_max                  ? 
_reflns.limit_h_min                  ? 
_reflns.limit_k_max                  ? 
_reflns.limit_k_min                  ? 
_reflns.limit_l_max                  ? 
_reflns.limit_l_min                  ? 
_reflns.observed_criterion_F_max     ? 
_reflns.observed_criterion_F_min     ? 
_reflns.pdbx_chi_squared             ? 
_reflns.pdbx_scaling_rejects         ? 
_reflns.pdbx_ordinal                 1 
_reflns.pdbx_diffrn_id               1 
# 
_reflns_shell.d_res_high             1.92 
_reflns_shell.d_res_low              1.95 
_reflns_shell.percent_possible_obs   ? 
_reflns_shell.percent_possible_all   88.8 
_reflns_shell.Rmerge_I_obs           0.119 
_reflns_shell.meanI_over_sigI_obs    15.4 
_reflns_shell.pdbx_Rsym_value        ? 
_reflns_shell.pdbx_redundancy        3.8 
_reflns_shell.number_unique_all      ? 
_reflns_shell.number_measured_all    ? 
_reflns_shell.number_measured_obs    ? 
_reflns_shell.number_unique_obs      ? 
_reflns_shell.pdbx_chi_squared       ? 
_reflns_shell.pdbx_ordinal           1 
_reflns_shell.pdbx_diffrn_id         1 
# 
_refine.entry_id                                 3MEW 
_refine.ls_d_res_high                            1.920 
_refine.ls_d_res_low                             44.650 
_refine.pdbx_ls_sigma_F                          0.00 
_refine.pdbx_data_cutoff_high_absF               ? 
_refine.pdbx_data_cutoff_low_absF                ? 
_refine.ls_percent_reflns_obs                    92.040 
_refine.ls_number_reflns_obs                     12062 
_refine.ls_number_reflns_all                     ? 
_refine.pdbx_ls_cross_valid_method               THROUGHOUT 
_refine.pdbx_R_Free_selection_details            RANDOM 
_refine.details                                  
;HYDROGENS HAVE BEEN ADDED IN THE RIDING POSITIONS
U VALUES: REFINED INDIVIDUALLY
;
_refine.ls_R_factor_all                          ? 
_refine.ls_R_factor_obs                          0.201 
_refine.ls_R_factor_R_work                       0.199 
_refine.ls_wR_factor_R_work                      ? 
_refine.ls_R_factor_R_free                       0.235 
_refine.ls_wR_factor_R_free                      ? 
_refine.ls_percent_reflns_R_free                 4.900 
_refine.ls_number_reflns_R_free                  587 
_refine.ls_number_reflns_R_work                  11477 
_refine.ls_R_factor_R_free_error                 ? 
_refine.B_iso_mean                               31.390 
_refine.solvent_model_param_bsol                 ? 
_refine.solvent_model_param_ksol                 ? 
_refine.pdbx_isotropic_thermal_model             ? 
_refine.aniso_B[1][1]                            -0.580 
_refine.aniso_B[2][2]                            0.120 
_refine.aniso_B[3][3]                            -1.090 
_refine.aniso_B[1][2]                            0.000 
_refine.aniso_B[1][3]                            -1.480 
_refine.aniso_B[2][3]                            0.000 
_refine.correlation_coeff_Fo_to_Fc               0.948 
_refine.correlation_coeff_Fo_to_Fc_free          0.933 
_refine.overall_SU_R_Cruickshank_DPI             ? 
_refine.overall_SU_R_free                        ? 
_refine.pdbx_overall_ESU_R                       0.185 
_refine.pdbx_overall_ESU_R_Free                  0.160 
_refine.overall_SU_ML                            0.105 
_refine.overall_SU_B                             3.551 
_refine.solvent_model_details                    MASK 
_refine.pdbx_solvent_vdw_probe_radii             1.400 
_refine.pdbx_solvent_ion_probe_radii             0.800 
_refine.pdbx_solvent_shrinkage_radii             0.800 
_refine.ls_number_parameters                     ? 
_refine.ls_number_restraints                     ? 
_refine.pdbx_starting_model                      'PDB ENTRY 3ME9' 
_refine.pdbx_method_to_determine_struct          'MOLECULAR REPLACEMENT' 
_refine.pdbx_stereochemistry_target_values       'MAXIMUM LIKELIHOOD' 
_refine.pdbx_stereochem_target_val_spec_case     ? 
_refine.overall_FOM_work_R_set                   ? 
_refine.B_iso_max                                66.14 
_refine.B_iso_min                                16.79 
_refine.occupancy_max                            1.00 
_refine.occupancy_min                            1.00 
_refine.pdbx_ls_sigma_I                          ? 
_refine.ls_redundancy_reflns_obs                 ? 
_refine.ls_R_factor_R_free_error_details         ? 
_refine.pdbx_data_cutoff_high_rms_absF           ? 
_refine.overall_FOM_free_R_set                   ? 
_refine.pdbx_overall_phase_error                 ? 
_refine.pdbx_refine_id                           'X-RAY DIFFRACTION' 
_refine.pdbx_diffrn_id                           1 
_refine.pdbx_TLS_residual_ADP_flag               ? 
_refine.pdbx_overall_SU_R_free_Cruickshank_DPI   ? 
_refine.pdbx_overall_SU_R_Blow_DPI               ? 
_refine.pdbx_overall_SU_R_free_Blow_DPI          ? 
# 
_refine_hist.pdbx_refine_id                   'X-RAY DIFFRACTION' 
_refine_hist.cycle_id                         LAST 
_refine_hist.pdbx_number_atoms_protein        1245 
_refine_hist.pdbx_number_atoms_nucleic_acid   0 
_refine_hist.pdbx_number_atoms_ligand         0 
_refine_hist.number_atoms_solvent             84 
_refine_hist.number_atoms_total               1329 
_refine_hist.d_res_high                       1.920 
_refine_hist.d_res_low                        44.650 
# 
loop_
_refine_ls_restr.pdbx_refine_id 
_refine_ls_restr.type 
_refine_ls_restr.number 
_refine_ls_restr.dev_ideal 
_refine_ls_restr.dev_ideal_target 
_refine_ls_restr.weight 
_refine_ls_restr.pdbx_restraint_function 
'X-RAY DIFFRACTION' r_bond_refined_d       1281 0.024  0.022  ? ? 
'X-RAY DIFFRACTION' r_angle_refined_deg    1753 2.001  1.976  ? ? 
'X-RAY DIFFRACTION' r_dihedral_angle_1_deg 155  7.993  5.000  ? ? 
'X-RAY DIFFRACTION' r_dihedral_angle_2_deg 60   27.856 24.000 ? ? 
'X-RAY DIFFRACTION' r_dihedral_angle_3_deg 196  15.077 15.000 ? ? 
'X-RAY DIFFRACTION' r_dihedral_angle_4_deg 9    23.103 15.000 ? ? 
'X-RAY DIFFRACTION' r_chiral_restr         189  0.134  0.200  ? ? 
'X-RAY DIFFRACTION' r_gen_planes_refined   1006 0.012  0.022  ? ? 
'X-RAY DIFFRACTION' r_mcbond_it            793  1.371  1.500  ? ? 
'X-RAY DIFFRACTION' r_mcangle_it           1290 2.354  2.000  ? ? 
'X-RAY DIFFRACTION' r_scbond_it            488  3.708  3.000  ? ? 
'X-RAY DIFFRACTION' r_scangle_it           463  6.118  4.500  ? ? 
# 
_refine_ls_shell.d_res_high                       1.920 
_refine_ls_shell.d_res_low                        1.971 
_refine_ls_shell.pdbx_total_number_of_bins_used   20 
_refine_ls_shell.percent_reflns_obs               87.730 
_refine_ls_shell.number_reflns_R_work             811 
_refine_ls_shell.R_factor_all                     ? 
_refine_ls_shell.R_factor_R_work                  0.232 
_refine_ls_shell.R_factor_R_free                  0.270 
_refine_ls_shell.percent_reflns_R_free            ? 
_refine_ls_shell.number_reflns_R_free             40 
_refine_ls_shell.R_factor_R_free_error            ? 
_refine_ls_shell.number_reflns_all                851 
_refine_ls_shell.number_reflns_obs                ? 
_refine_ls_shell.pdbx_refine_id                   'X-RAY DIFFRACTION' 
_refine_ls_shell.redundancy_reflns_obs            ? 
# 
_struct.entry_id                  3MEW 
_struct.title                     'Crystal structure of Novel Tudor domain-containing protein SGF29' 
_struct.pdbx_model_details        ? 
_struct.pdbx_CASP_flag            ? 
_struct.pdbx_model_type_details   ? 
# 
_struct_keywords.entry_id        3MEW 
_struct_keywords.text            
;Structural Genomics Consortium, SGC, Nucleus, Transcription, Transcription regulation, Chromosomal protein, DNA-binding, Nucleosome core
;
_struct_keywords.pdbx_keywords   TRANSCRIPTION 
# 
loop_
_struct_asym.id 
_struct_asym.pdbx_blank_PDB_chainid_flag 
_struct_asym.pdbx_modified 
_struct_asym.entity_id 
_struct_asym.details 
A N N 1 ? 
B N N 2 ? 
# 
_struct_biol.id        1 
_struct_biol.details   ? 
# 
loop_
_struct_conf.conf_type_id 
_struct_conf.id 
_struct_conf.pdbx_PDB_helix_id 
_struct_conf.beg_label_comp_id 
_struct_conf.beg_label_asym_id 
_struct_conf.beg_label_seq_id 
_struct_conf.pdbx_beg_PDB_ins_code 
_struct_conf.end_label_comp_id 
_struct_conf.end_label_asym_id 
_struct_conf.end_label_seq_id 
_struct_conf.pdbx_end_PDB_ins_code 
_struct_conf.beg_auth_comp_id 
_struct_conf.beg_auth_asym_id 
_struct_conf.beg_auth_seq_id 
_struct_conf.end_auth_comp_id 
_struct_conf.end_auth_asym_id 
_struct_conf.end_auth_seq_id 
_struct_conf.pdbx_PDB_helix_class 
_struct_conf.details 
_struct_conf.pdbx_PDB_helix_length 
HELX_P HELX_P1 1 ASP A 95  ? LEU A 99  ? ASP A 223 LEU A 227 5 ? 5 
HELX_P HELX_P2 2 ALA A 152 ? ARG A 154 ? ALA A 280 ARG A 282 5 ? 3 
# 
_struct_conf_type.id          HELX_P 
_struct_conf_type.criteria    ? 
_struct_conf_type.reference   ? 
# 
loop_
_struct_sheet.id 
_struct_sheet.type 
_struct_sheet.number_strands 
_struct_sheet.details 
A ? 6 ? 
B ? 6 ? 
# 
loop_
_struct_sheet_order.sheet_id 
_struct_sheet_order.range_id_1 
_struct_sheet_order.range_id_2 
_struct_sheet_order.offset 
_struct_sheet_order.sense 
A 1 2 ? anti-parallel 
A 2 3 ? anti-parallel 
A 3 4 ? anti-parallel 
A 4 5 ? anti-parallel 
A 5 6 ? anti-parallel 
B 1 2 ? anti-parallel 
B 2 3 ? anti-parallel 
B 3 4 ? anti-parallel 
B 4 5 ? anti-parallel 
B 5 6 ? anti-parallel 
# 
loop_
_struct_sheet_range.sheet_id 
_struct_sheet_range.id 
_struct_sheet_range.beg_label_comp_id 
_struct_sheet_range.beg_label_asym_id 
_struct_sheet_range.beg_label_seq_id 
_struct_sheet_range.pdbx_beg_PDB_ins_code 
_struct_sheet_range.end_label_comp_id 
_struct_sheet_range.end_label_asym_id 
_struct_sheet_range.end_label_seq_id 
_struct_sheet_range.pdbx_end_PDB_ins_code 
_struct_sheet_range.beg_auth_comp_id 
_struct_sheet_range.beg_auth_asym_id 
_struct_sheet_range.beg_auth_seq_id 
_struct_sheet_range.end_auth_comp_id 
_struct_sheet_range.end_auth_asym_id 
_struct_sheet_range.end_auth_seq_id 
A 1 GLY A 71  ? SER A 78  ? GLY A 199 SER A 206 
A 2 LYS A 61  ? ASP A 68  ? LYS A 189 ASP A 196 
A 3 GLU A 45  ? SER A 56  ? GLU A 173 SER A 184 
A 4 CYS A 115 ? ALA A 123 ? CYS A 243 ALA A 251 
A 5 TYR A 132 ? PHE A 136 ? TYR A 260 PHE A 264 
A 6 LEU A 149 ? VAL A 151 ? LEU A 277 VAL A 279 
B 1 VAL A 82  ? PRO A 84  ? VAL A 210 PRO A 212 
B 2 LYS A 33  ? LYS A 39  ? LYS A 161 LYS A 167 
B 3 GLU A 45  ? SER A 56  ? GLU A 173 SER A 184 
B 4 CYS A 115 ? ALA A 123 ? CYS A 243 ALA A 251 
B 5 LEU A 105 ? LEU A 109 ? LEU A 233 LEU A 237 
B 6 VAL A 156 ? VAL A 157 ? VAL A 284 VAL A 285 
# 
loop_
_pdbx_struct_sheet_hbond.sheet_id 
_pdbx_struct_sheet_hbond.range_id_1 
_pdbx_struct_sheet_hbond.range_id_2 
_pdbx_struct_sheet_hbond.range_1_label_atom_id 
_pdbx_struct_sheet_hbond.range_1_label_comp_id 
_pdbx_struct_sheet_hbond.range_1_label_asym_id 
_pdbx_struct_sheet_hbond.range_1_label_seq_id 
_pdbx_struct_sheet_hbond.range_1_PDB_ins_code 
_pdbx_struct_sheet_hbond.range_1_auth_atom_id 
_pdbx_struct_sheet_hbond.range_1_auth_comp_id 
_pdbx_struct_sheet_hbond.range_1_auth_asym_id 
_pdbx_struct_sheet_hbond.range_1_auth_seq_id 
_pdbx_struct_sheet_hbond.range_2_label_atom_id 
_pdbx_struct_sheet_hbond.range_2_label_comp_id 
_pdbx_struct_sheet_hbond.range_2_label_asym_id 
_pdbx_struct_sheet_hbond.range_2_label_seq_id 
_pdbx_struct_sheet_hbond.range_2_PDB_ins_code 
_pdbx_struct_sheet_hbond.range_2_auth_atom_id 
_pdbx_struct_sheet_hbond.range_2_auth_comp_id 
_pdbx_struct_sheet_hbond.range_2_auth_asym_id 
_pdbx_struct_sheet_hbond.range_2_auth_seq_id 
A 1 2 O HIS A 75  ? O HIS A 203 N VAL A 64  ? N VAL A 192 
A 2 3 O GLU A 63  ? O GLU A 191 N VAL A 53  ? N VAL A 181 
A 3 4 N TRP A 47  ? N TRP A 175 O PHE A 116 ? O PHE A 244 
A 4 5 N LEU A 120 ? N LEU A 248 O LEU A 135 ? O LEU A 263 
A 5 6 N VAL A 134 ? N VAL A 262 O LEU A 149 ? O LEU A 277 
B 1 2 O ILE A 83  ? O ILE A 211 N ALA A 35  ? N ALA A 163 
B 2 3 N ALA A 36  ? N ALA A 164 O ILE A 48  ? O ILE A 176 
B 3 4 N TRP A 47  ? N TRP A 175 O PHE A 116 ? O PHE A 244 
B 4 5 O ALA A 119 ? O ALA A 247 N VAL A 106 ? N VAL A 234 
B 5 6 N LEU A 107 ? N LEU A 235 O VAL A 157 ? O VAL A 285 
# 
_atom_sites.entry_id                    3MEW 
_atom_sites.fract_transf_matrix[1][1]   -0.00524311 
_atom_sites.fract_transf_matrix[1][2]   -0.00611922 
_atom_sites.fract_transf_matrix[1][3]   -0.00975460 
_atom_sites.fract_transf_matrix[2][1]   0.01039046 
_atom_sites.fract_transf_matrix[2][2]   -0.02053287 
_atom_sites.fract_transf_matrix[2][3]   0.00729572 
_atom_sites.fract_transf_matrix[3][1]   -0.02016540 
_atom_sites.fract_transf_matrix[3][2]   -0.00959713 
_atom_sites.fract_transf_matrix[3][3]   0.00170939 
_atom_sites.fract_transf_vector[1]      -0.199280 
_atom_sites.fract_transf_vector[2]      -0.003809 
_atom_sites.fract_transf_vector[3]      -0.275522 
# 
loop_
_atom_type.symbol 
C 
N 
O 
S 
# 
loop_
_atom_site.group_PDB 
_atom_site.id 
_atom_site.type_symbol 
_atom_site.label_atom_id 
_atom_site.label_alt_id 
_atom_site.label_comp_id 
_atom_site.label_asym_id 
_atom_site.label_entity_id 
_atom_site.label_seq_id 
_atom_site.pdbx_PDB_ins_code 
_atom_site.Cartn_x 
_atom_site.Cartn_y 
_atom_site.Cartn_z 
_atom_site.occupancy 
_atom_site.B_iso_or_equiv 
_atom_site.pdbx_formal_charge 
_atom_site.auth_seq_id 
_atom_site.auth_comp_id 
_atom_site.auth_asym_id 
_atom_site.auth_atom_id 
_atom_site.pdbx_PDB_model_num 
ATOM   1    N N   . THR A 1 1   ? 2.945   -12.811 -5.118  1.00 40.41 ? 129 THR A N   1 
ATOM   2    C CA  . THR A 1 1   ? 3.923   -11.703 -5.372  1.00 41.35 ? 129 THR A CA  1 
ATOM   3    C C   . THR A 1 1   ? 3.470   -10.952 -6.624  1.00 39.63 ? 129 THR A C   1 
ATOM   4    O O   . THR A 1 1   ? 2.633   -11.517 -7.372  1.00 40.62 ? 129 THR A O   1 
ATOM   5    C CB  . THR A 1 1   ? 5.313   -12.242 -5.573  1.00 41.19 ? 129 THR A CB  1 
ATOM   6    O OG1 . THR A 1 1   ? 6.178   -11.141 -5.887  1.00 44.53 ? 129 THR A OG1 1 
ATOM   7    C CG2 . THR A 1 1   ? 5.337   -13.312 -6.692  1.00 43.24 ? 129 THR A CG2 1 
ATOM   8    N N   . LEU A 1 2   ? 3.899   -9.694  -6.839  1.00 36.85 ? 130 LEU A N   1 
ATOM   9    C CA  . LEU A 1 2   ? 3.169   -8.912  -7.876  1.00 33.59 ? 130 LEU A CA  1 
ATOM   10   C C   . LEU A 1 2   ? 3.783   -9.035  -9.279  1.00 30.56 ? 130 LEU A C   1 
ATOM   11   O O   . LEU A 1 2   ? 5.004   -8.902  -9.408  1.00 29.26 ? 130 LEU A O   1 
ATOM   12   C CB  . LEU A 1 2   ? 3.096   -7.426  -7.522  1.00 33.58 ? 130 LEU A CB  1 
ATOM   13   C CG  . LEU A 1 2   ? 2.171   -6.935  -6.420  1.00 32.97 ? 130 LEU A CG  1 
ATOM   14   C CD1 . LEU A 1 2   ? 2.305   -5.392  -6.496  1.00 30.92 ? 130 LEU A CD1 1 
ATOM   15   C CD2 . LEU A 1 2   ? 0.699   -7.423  -6.579  1.00 26.67 ? 130 LEU A CD2 1 
ATOM   16   N N   . PRO A 1 3   ? 2.938   -9.173  -10.315 1.00 30.55 ? 131 PRO A N   1 
ATOM   17   C CA  . PRO A 1 3   ? 3.513   -9.210  -11.675 1.00 30.52 ? 131 PRO A CA  1 
ATOM   18   C C   . PRO A 1 3   ? 4.007   -7.786  -12.065 1.00 30.32 ? 131 PRO A C   1 
ATOM   19   O O   . PRO A 1 3   ? 3.348   -6.772  -11.662 1.00 28.59 ? 131 PRO A O   1 
ATOM   20   C CB  . PRO A 1 3   ? 2.300   -9.546  -12.567 1.00 30.91 ? 131 PRO A CB  1 
ATOM   21   C CG  . PRO A 1 3   ? 1.073   -9.086  -11.793 1.00 31.85 ? 131 PRO A CG  1 
ATOM   22   C CD  . PRO A 1 3   ? 1.452   -9.229  -10.322 1.00 30.07 ? 131 PRO A CD  1 
ATOM   23   N N   . LEU A 1 4   ? 5.055   -7.721  -12.879 1.00 27.88 ? 132 LEU A N   1 
ATOM   24   C CA  . LEU A 1 4   ? 5.407   -6.486  -13.600 1.00 28.74 ? 132 LEU A CA  1 
ATOM   25   C C   . LEU A 1 4   ? 4.322   -6.048  -14.539 1.00 27.15 ? 132 LEU A C   1 
ATOM   26   O O   . LEU A 1 4   ? 3.808   -6.852  -15.338 1.00 26.96 ? 132 LEU A O   1 
ATOM   27   C CB  . LEU A 1 4   ? 6.667   -6.697  -14.456 1.00 29.56 ? 132 LEU A CB  1 
ATOM   28   C CG  . LEU A 1 4   ? 7.995   -6.697  -13.744 1.00 34.02 ? 132 LEU A CG  1 
ATOM   29   C CD1 . LEU A 1 4   ? 9.063   -7.142  -14.786 1.00 35.14 ? 132 LEU A CD1 1 
ATOM   30   C CD2 . LEU A 1 4   ? 8.303   -5.320  -13.080 1.00 33.16 ? 132 LEU A CD2 1 
ATOM   31   N N   . TRP A 1 5   ? 3.984   -4.777  -14.517 1.00 25.29 ? 133 TRP A N   1 
ATOM   32   C CA  . TRP A 1 5   ? 3.098   -4.253  -15.554 1.00 27.01 ? 133 TRP A CA  1 
ATOM   33   C C   . TRP A 1 5   ? 3.908   -4.202  -16.847 1.00 27.29 ? 133 TRP A C   1 
ATOM   34   O O   . TRP A 1 5   ? 5.059   -3.752  -16.846 1.00 26.70 ? 133 TRP A O   1 
ATOM   35   C CB  . TRP A 1 5   ? 2.683   -2.830  -15.231 1.00 25.21 ? 133 TRP A CB  1 
ATOM   36   C CG  . TRP A 1 5   ? 1.995   -2.048  -16.399 1.00 30.08 ? 133 TRP A CG  1 
ATOM   37   C CD1 . TRP A 1 5   ? 2.483   -0.902  -17.054 1.00 28.79 ? 133 TRP A CD1 1 
ATOM   38   C CD2 . TRP A 1 5   ? 0.788   -2.385  -17.057 1.00 33.07 ? 133 TRP A CD2 1 
ATOM   39   N NE1 . TRP A 1 5   ? 1.646   -0.533  -18.041 1.00 37.06 ? 133 TRP A NE1 1 
ATOM   40   C CE2 . TRP A 1 5   ? 0.595   -1.420  -18.083 1.00 36.19 ? 133 TRP A CE2 1 
ATOM   41   C CE3 . TRP A 1 5   ? -0.137  -3.419  -16.913 1.00 36.59 ? 133 TRP A CE3 1 
ATOM   42   C CZ2 . TRP A 1 5   ? -0.511  -1.437  -18.910 1.00 41.96 ? 133 TRP A CZ2 1 
ATOM   43   C CZ3 . TRP A 1 5   ? -1.233  -3.451  -17.735 1.00 39.75 ? 133 TRP A CZ3 1 
ATOM   44   C CH2 . TRP A 1 5   ? -1.430  -2.470  -18.721 1.00 41.93 ? 133 TRP A CH2 1 
ATOM   45   N N   . ILE A 1 6   ? 3.291   -4.625  -17.944 1.00 29.10 ? 134 ILE A N   1 
ATOM   46   C CA  . ILE A 1 6   ? 3.943   -4.537  -19.271 1.00 30.96 ? 134 ILE A CA  1 
ATOM   47   C C   . ILE A 1 6   ? 2.916   -3.956  -20.202 1.00 31.07 ? 134 ILE A C   1 
ATOM   48   O O   . ILE A 1 6   ? 1.965   -4.609  -20.576 1.00 32.48 ? 134 ILE A O   1 
ATOM   49   C CB  . ILE A 1 6   ? 4.483   -5.898  -19.774 1.00 32.41 ? 134 ILE A CB  1 
ATOM   50   C CG1 . ILE A 1 6   ? 5.294   -6.600  -18.665 1.00 31.80 ? 134 ILE A CG1 1 
ATOM   51   C CG2 . ILE A 1 6   ? 5.378   -5.672  -21.031 1.00 33.43 ? 134 ILE A CG2 1 
ATOM   52   C CD1 . ILE A 1 6   ? 5.732   -8.067  -19.002 1.00 41.80 ? 134 ILE A CD1 1 
ATOM   53   N N   . GLY A 1 7   ? 3.041   -2.680  -20.481 1.00 32.56 ? 135 GLY A N   1 
ATOM   54   C CA  . GLY A 1 7   ? 2.061   -2.025  -21.326 1.00 33.94 ? 135 GLY A CA  1 
ATOM   55   C C   . GLY A 1 7   ? 2.486   -2.087  -22.806 1.00 37.03 ? 135 GLY A C   1 
ATOM   56   O O   . GLY A 1 7   ? 3.687   -2.202  -23.143 1.00 34.96 ? 135 GLY A O   1 
ATOM   57   N N   . LYS A 1 8   ? 1.496   -2.005  -23.683 1.00 37.57 ? 136 LYS A N   1 
ATOM   58   C CA  . LYS A 1 8   ? 1.769   -1.855  -25.105 1.00 40.52 ? 136 LYS A CA  1 
ATOM   59   C C   . LYS A 1 8   ? 1.965   -0.370  -25.476 1.00 39.95 ? 136 LYS A C   1 
ATOM   60   O O   . LYS A 1 8   ? 1.697   0.520   -24.652 1.00 38.94 ? 136 LYS A O   1 
ATOM   61   C CB  . LYS A 1 8   ? 0.622   -2.514  -25.878 1.00 41.12 ? 136 LYS A CB  1 
ATOM   62   C CG  . LYS A 1 8   ? 0.753   -4.061  -25.817 1.00 45.49 ? 136 LYS A CG  1 
ATOM   63   C CD  . LYS A 1 8   ? -0.485  -4.765  -26.364 1.00 48.96 ? 136 LYS A CD  1 
ATOM   64   C CE  . LYS A 1 8   ? -0.536  -6.237  -25.901 1.00 51.58 ? 136 LYS A CE  1 
ATOM   65   N NZ  . LYS A 1 8   ? 0.027   -7.128  -26.979 1.00 51.80 ? 136 LYS A NZ  1 
ATOM   66   N N   . PRO A 1 9   ? 2.399   -0.082  -26.712 1.00 40.01 ? 137 PRO A N   1 
ATOM   67   C CA  . PRO A 1 9   ? 2.393   1.327   -27.217 1.00 39.69 ? 137 PRO A CA  1 
ATOM   68   C C   . PRO A 1 9   ? 1.073   2.130   -27.001 1.00 39.14 ? 137 PRO A C   1 
ATOM   69   O O   . PRO A 1 9   ? -0.067  1.683   -27.381 1.00 39.06 ? 137 PRO A O   1 
ATOM   70   C CB  . PRO A 1 9   ? 2.724   1.147   -28.728 1.00 39.92 ? 137 PRO A CB  1 
ATOM   71   C CG  . PRO A 1 9   ? 3.606   -0.057  -28.739 1.00 40.66 ? 137 PRO A CG  1 
ATOM   72   C CD  . PRO A 1 9   ? 2.959   -1.014  -27.728 1.00 41.96 ? 137 PRO A CD  1 
ATOM   73   N N   . GLY A 1 10  ? 1.220   3.315   -26.400 1.00 37.87 ? 138 GLY A N   1 
ATOM   74   C CA  . GLY A 1 10  ? 0.092   4.195   -26.120 1.00 35.63 ? 138 GLY A CA  1 
ATOM   75   C C   . GLY A 1 10  ? -0.703  3.836   -24.864 1.00 35.50 ? 138 GLY A C   1 
ATOM   76   O O   . GLY A 1 10  ? -1.714  4.483   -24.608 1.00 35.66 ? 138 GLY A O   1 
ATOM   77   N N   . ASP A 1 11  ? -0.263  2.824   -24.083 1.00 34.55 ? 139 ASP A N   1 
ATOM   78   C CA  . ASP A 1 11  ? -0.951  2.437   -22.815 1.00 33.46 ? 139 ASP A CA  1 
ATOM   79   C C   . ASP A 1 11  ? -0.298  3.207   -21.665 1.00 32.00 ? 139 ASP A C   1 
ATOM   80   O O   . ASP A 1 11  ? 0.915   3.092   -21.452 1.00 32.04 ? 139 ASP A O   1 
ATOM   81   C CB  . ASP A 1 11  ? -0.752  0.958   -22.475 1.00 34.65 ? 139 ASP A CB  1 
ATOM   82   C CG  . ASP A 1 11  ? -1.720  0.028   -23.170 1.00 37.69 ? 139 ASP A CG  1 
ATOM   83   O OD1 . ASP A 1 11  ? -2.772  0.446   -23.695 1.00 40.02 ? 139 ASP A OD1 1 
ATOM   84   O OD2 . ASP A 1 11  ? -1.369  -1.183  -23.194 1.00 44.40 ? 139 ASP A OD2 1 
ATOM   85   N N   . LYS A 1 12  ? -1.095  3.963   -20.934 1.00 31.64 ? 140 LYS A N   1 
ATOM   86   C CA  . LYS A 1 12  ? -0.673  4.605   -19.687 1.00 29.51 ? 140 LYS A CA  1 
ATOM   87   C C   . LYS A 1 12  ? -0.420  3.532   -18.631 1.00 28.71 ? 140 LYS A C   1 
ATOM   88   O O   . LYS A 1 12  ? -1.132  2.542   -18.600 1.00 28.08 ? 140 LYS A O   1 
ATOM   89   C CB  . LYS A 1 12  ? -1.828  5.462   -19.137 1.00 28.28 ? 140 LYS A CB  1 
ATOM   90   C CG  . LYS A 1 12  ? -2.139  6.673   -19.989 1.00 31.92 ? 140 LYS A CG  1 
ATOM   91   C CD  . LYS A 1 12  ? -3.265  7.478   -19.364 1.00 30.70 ? 140 LYS A CD  1 
ATOM   92   C CE  . LYS A 1 12  ? -3.673  8.611   -20.388 1.00 26.59 ? 140 LYS A CE  1 
ATOM   93   N NZ  . LYS A 1 12  ? -4.863  9.397   -19.858 1.00 27.81 ? 140 LYS A NZ  1 
ATOM   94   N N   . PRO A 1 13  ? 0.555   3.745   -17.726 1.00 27.45 ? 141 PRO A N   1 
ATOM   95   C CA  . PRO A 1 13  ? 0.524   2.799   -16.561 1.00 26.41 ? 141 PRO A CA  1 
ATOM   96   C C   . PRO A 1 13  ? -0.877  2.859   -15.874 1.00 25.57 ? 141 PRO A C   1 
ATOM   97   O O   . PRO A 1 13  ? -1.416  3.970   -15.596 1.00 24.04 ? 141 PRO A O   1 
ATOM   98   C CB  . PRO A 1 13  ? 1.628   3.337   -15.604 1.00 25.44 ? 141 PRO A CB  1 
ATOM   99   C CG  . PRO A 1 13  ? 2.433   4.377   -16.435 1.00 27.34 ? 141 PRO A CG  1 
ATOM   100  C CD  . PRO A 1 13  ? 1.449   4.899   -17.494 1.00 29.64 ? 141 PRO A CD  1 
ATOM   101  N N   . PRO A 1 14  ? -1.484  1.687   -15.595 1.00 24.74 ? 142 PRO A N   1 
ATOM   102  C CA  . PRO A 1 14  ? -2.916  1.811   -15.182 1.00 24.29 ? 142 PRO A CA  1 
ATOM   103  C C   . PRO A 1 14  ? -3.123  2.105   -13.658 1.00 24.65 ? 142 PRO A C   1 
ATOM   104  O O   . PRO A 1 14  ? -2.163  1.973   -12.852 1.00 22.58 ? 142 PRO A O   1 
ATOM   105  C CB  . PRO A 1 14  ? -3.497  0.427   -15.557 1.00 25.05 ? 142 PRO A CB  1 
ATOM   106  C CG  . PRO A 1 14  ? -2.227  -0.565  -15.266 1.00 24.31 ? 142 PRO A CG  1 
ATOM   107  C CD  . PRO A 1 14  ? -1.040  0.266   -15.847 1.00 22.84 ? 142 PRO A CD  1 
ATOM   108  N N   . PRO A 1 15  ? -4.364  2.474   -13.252 1.00 24.23 ? 143 PRO A N   1 
ATOM   109  C CA  . PRO A 1 15  ? -4.648  2.554   -11.820 1.00 23.08 ? 143 PRO A CA  1 
ATOM   110  C C   . PRO A 1 15  ? -4.167  1.278   -11.108 1.00 23.20 ? 143 PRO A C   1 
ATOM   111  O O   . PRO A 1 15  ? -4.375  0.154   -11.634 1.00 22.89 ? 143 PRO A O   1 
ATOM   112  C CB  . PRO A 1 15  ? -6.170  2.621   -11.776 1.00 24.69 ? 143 PRO A CB  1 
ATOM   113  C CG  . PRO A 1 15  ? -6.499  3.471   -13.079 1.00 24.86 ? 143 PRO A CG  1 
ATOM   114  C CD  . PRO A 1 15  ? -5.596  2.699   -14.060 1.00 25.36 ? 143 PRO A CD  1 
ATOM   115  N N   . LEU A 1 16  ? -3.439  1.448   -10.020 1.00 20.94 ? 144 LEU A N   1 
ATOM   116  C CA  . LEU A 1 16  ? -2.959  0.302   -9.194  1.00 21.77 ? 144 LEU A CA  1 
ATOM   117  C C   . LEU A 1 16  ? -1.769  -0.411  -9.786  1.00 21.09 ? 144 LEU A C   1 
ATOM   118  O O   . LEU A 1 16  ? -1.335  -1.478  -9.311  1.00 22.38 ? 144 LEU A O   1 
ATOM   119  C CB  . LEU A 1 16  ? -4.089  -0.697  -8.831  1.00 21.74 ? 144 LEU A CB  1 
ATOM   120  C CG  . LEU A 1 16  ? -5.351  -0.122  -8.140  1.00 21.14 ? 144 LEU A CG  1 
ATOM   121  C CD1 . LEU A 1 16  ? -6.273  -1.313  -7.769  1.00 26.44 ? 144 LEU A CD1 1 
ATOM   122  C CD2 . LEU A 1 16  ? -4.910  0.679   -6.894  1.00 17.22 ? 144 LEU A CD2 1 
ATOM   123  N N   . CYS A 1 17  ? -1.136  0.228   -10.756 1.00 21.71 ? 145 CYS A N   1 
ATOM   124  C CA  . CYS A 1 17  ? 0.253   -0.094  -11.112 1.00 22.64 ? 145 CYS A CA  1 
ATOM   125  C C   . CYS A 1 17  ? 1.213   0.833   -10.317 1.00 23.23 ? 145 CYS A C   1 
ATOM   126  O O   . CYS A 1 17  ? 1.166   2.078   -10.422 1.00 23.10 ? 145 CYS A O   1 
ATOM   127  C CB  . CYS A 1 17  ? 0.482   0.010   -12.631 1.00 23.57 ? 145 CYS A CB  1 
ATOM   128  S SG  . CYS A 1 17  ? 2.288   -0.007  -13.076 1.00 25.68 ? 145 CYS A SG  1 
ATOM   129  N N   . GLY A 1 18  ? 1.969   0.232   -9.385  1.00 22.21 ? 146 GLY A N   1 
ATOM   130  C CA  . GLY A 1 18  ? 2.897   1.007   -8.556  1.00 21.52 ? 146 GLY A CA  1 
ATOM   131  C C   . GLY A 1 18  ? 2.162   2.123   -7.831  1.00 23.42 ? 146 GLY A C   1 
ATOM   132  O O   . GLY A 1 18  ? 1.135   1.880   -7.226  1.00 23.16 ? 146 GLY A O   1 
ATOM   133  N N   . ALA A 1 19  ? 2.661   3.351   -7.979  1.00 23.13 ? 147 ALA A N   1 
ATOM   134  C CA  . ALA A 1 19  ? 2.053   4.589   -7.414  1.00 23.92 ? 147 ALA A CA  1 
ATOM   135  C C   . ALA A 1 19  ? 0.826   5.177   -8.166  1.00 24.07 ? 147 ALA A C   1 
ATOM   136  O O   . ALA A 1 19  ? 0.257   6.183   -7.702  1.00 23.26 ? 147 ALA A O   1 
ATOM   137  C CB  . ALA A 1 19  ? 3.186   5.683   -7.323  1.00 23.72 ? 147 ALA A CB  1 
ATOM   138  N N   . ILE A 1 20  ? 0.366   4.567   -9.256  1.00 22.19 ? 148 ILE A N   1 
ATOM   139  C CA  . ILE A 1 20  ? -0.804  5.213   -9.977  1.00 22.13 ? 148 ILE A CA  1 
ATOM   140  C C   . ILE A 1 20  ? -2.042  4.983   -9.132  1.00 23.99 ? 148 ILE A C   1 
ATOM   141  O O   . ILE A 1 20  ? -2.306  3.821   -8.768  1.00 25.58 ? 148 ILE A O   1 
ATOM   142  C CB  . ILE A 1 20  ? -1.003  4.712   -11.399 1.00 20.35 ? 148 ILE A CB  1 
ATOM   143  C CG1 . ILE A 1 20  ? 0.324   4.838   -12.213 1.00 19.55 ? 148 ILE A CG1 1 
ATOM   144  C CG2 . ILE A 1 20  ? -2.141  5.524   -12.076 1.00 20.83 ? 148 ILE A CG2 1 
ATOM   145  C CD1 . ILE A 1 20  ? 0.971   6.280   -12.197 1.00 23.87 ? 148 ILE A CD1 1 
ATOM   146  N N   . PRO A 1 21  ? -2.775  6.047   -8.777  1.00 24.39 ? 149 PRO A N   1 
ATOM   147  C CA  . PRO A 1 21  ? -3.830  5.825   -7.787  1.00 25.18 ? 149 PRO A CA  1 
ATOM   148  C C   . PRO A 1 21  ? -5.042  5.120   -8.403  1.00 25.01 ? 149 PRO A C   1 
ATOM   149  O O   . PRO A 1 21  ? -5.231  5.185   -9.588  1.00 23.48 ? 149 PRO A O   1 
ATOM   150  C CB  . PRO A 1 21  ? -4.223  7.240   -7.347  1.00 25.77 ? 149 PRO A CB  1 
ATOM   151  C CG  . PRO A 1 21  ? -3.930  8.109   -8.580  1.00 27.03 ? 149 PRO A CG  1 
ATOM   152  C CD  . PRO A 1 21  ? -2.577  7.506   -9.035  1.00 25.65 ? 149 PRO A CD  1 
ATOM   153  N N   . ALA A 1 22  ? -5.844  4.480   -7.570  1.00 25.64 ? 150 ALA A N   1 
ATOM   154  C CA  . ALA A 1 22  ? -7.130  3.902   -7.997  1.00 26.04 ? 150 ALA A CA  1 
ATOM   155  C C   . ALA A 1 22  ? -8.045  5.032   -8.505  1.00 28.78 ? 150 ALA A C   1 
ATOM   156  O O   . ALA A 1 22  ? -7.938  6.180   -8.038  1.00 25.87 ? 150 ALA A O   1 
ATOM   157  C CB  . ALA A 1 22  ? -7.784  3.193   -6.783  1.00 28.04 ? 150 ALA A CB  1 
ATOM   158  N N   . SER A 1 23  ? -8.924  4.720   -9.456  1.00 30.63 ? 151 SER A N   1 
ATOM   159  C CA  . SER A 1 23  ? -10.038 5.627   -9.896  1.00 34.32 ? 151 SER A CA  1 
ATOM   160  C C   . SER A 1 23  ? -10.924 6.064   -8.763  1.00 34.53 ? 151 SER A C   1 
ATOM   161  O O   . SER A 1 23  ? -11.071 5.340   -7.773  1.00 33.45 ? 151 SER A O   1 
ATOM   162  C CB  . SER A 1 23  ? -10.908 4.855   -10.881 1.00 34.96 ? 151 SER A CB  1 
ATOM   163  O OG  . SER A 1 23  ? -10.009 4.089   -11.691 1.00 41.85 ? 151 SER A OG  1 
ATOM   164  N N   . GLY A 1 24  ? -11.557 7.233   -8.883  1.00 34.52 ? 152 GLY A N   1 
ATOM   165  C CA  . GLY A 1 24  ? -12.330 7.727   -7.727  1.00 36.09 ? 152 GLY A CA  1 
ATOM   166  C C   . GLY A 1 24  ? -13.539 6.908   -7.308  1.00 36.45 ? 152 GLY A C   1 
ATOM   167  O O   . GLY A 1 24  ? -13.988 7.004   -6.168  1.00 38.46 ? 152 GLY A O   1 
ATOM   168  N N   . ASP A 1 25  ? -14.073 6.132   -8.240  1.00 36.56 ? 153 ASP A N   1 
ATOM   169  C CA  . ASP A 1 25  ? -15.227 5.254   -8.018  1.00 36.21 ? 153 ASP A CA  1 
ATOM   170  C C   . ASP A 1 25  ? -14.812 3.773   -7.751  1.00 34.39 ? 153 ASP A C   1 
ATOM   171  O O   . ASP A 1 25  ? -15.640 2.850   -7.770  1.00 32.25 ? 153 ASP A O   1 
ATOM   172  C CB  . ASP A 1 25  ? -16.117 5.310   -9.298  1.00 39.29 ? 153 ASP A CB  1 
ATOM   173  C CG  . ASP A 1 25  ? -15.348 4.817   -10.602 1.00 45.00 ? 153 ASP A CG  1 
ATOM   174  O OD1 . ASP A 1 25  ? -14.186 4.375   -10.543 1.00 49.46 ? 153 ASP A OD1 1 
ATOM   175  O OD2 . ASP A 1 25  ? -15.923 4.823   -11.714 1.00 50.75 ? 153 ASP A OD2 1 
ATOM   176  N N   . TYR A 1 26  ? -13.520 3.546   -7.492  1.00 30.30 ? 154 TYR A N   1 
ATOM   177  C CA  . TYR A 1 26  ? -13.034 2.176   -7.522  1.00 28.63 ? 154 TYR A CA  1 
ATOM   178  C C   . TYR A 1 26  ? -13.564 1.414   -6.329  1.00 27.37 ? 154 TYR A C   1 
ATOM   179  O O   . TYR A 1 26  ? -13.678 1.977   -5.230  1.00 25.82 ? 154 TYR A O   1 
ATOM   180  C CB  . TYR A 1 26  ? -11.510 2.174   -7.502  1.00 27.28 ? 154 TYR A CB  1 
ATOM   181  C CG  . TYR A 1 26  ? -10.939 0.785   -7.450  1.00 25.62 ? 154 TYR A CG  1 
ATOM   182  C CD1 . TYR A 1 26  ? -10.802 0.039   -8.613  1.00 27.13 ? 154 TYR A CD1 1 
ATOM   183  C CD2 . TYR A 1 26  ? -10.491 0.234   -6.226  1.00 26.66 ? 154 TYR A CD2 1 
ATOM   184  C CE1 . TYR A 1 26  ? -10.247 -1.258  -8.592  1.00 27.68 ? 154 TYR A CE1 1 
ATOM   185  C CE2 . TYR A 1 26  ? -9.963  -1.057  -6.195  1.00 22.56 ? 154 TYR A CE2 1 
ATOM   186  C CZ  . TYR A 1 26  ? -9.841  -1.784  -7.392  1.00 24.02 ? 154 TYR A CZ  1 
ATOM   187  O OH  . TYR A 1 26  ? -9.262  -3.046  -7.401  1.00 23.82 ? 154 TYR A OH  1 
ATOM   188  N N   . VAL A 1 27  ? -13.862 0.130   -6.549  1.00 26.00 ? 155 VAL A N   1 
ATOM   189  C CA  . VAL A 1 27  ? -14.288 -0.792  -5.514  1.00 26.26 ? 155 VAL A CA  1 
ATOM   190  C C   . VAL A 1 27  ? -13.484 -2.082  -5.612  1.00 25.12 ? 155 VAL A C   1 
ATOM   191  O O   . VAL A 1 27  ? -13.444 -2.729  -6.646  1.00 25.62 ? 155 VAL A O   1 
ATOM   192  C CB  . VAL A 1 27  ? -15.823 -1.147  -5.638  1.00 27.17 ? 155 VAL A CB  1 
ATOM   193  C CG1 . VAL A 1 27  ? -16.262 -2.180  -4.598  1.00 27.77 ? 155 VAL A CG1 1 
ATOM   194  C CG2 . VAL A 1 27  ? -16.641 0.129   -5.557  1.00 28.27 ? 155 VAL A CG2 1 
ATOM   195  N N   . ALA A 1 28  ? -12.823 -2.413  -4.515  1.00 23.57 ? 156 ALA A N   1 
ATOM   196  C CA  . ALA A 1 28  ? -12.027 -3.636  -4.439  1.00 25.55 ? 156 ALA A CA  1 
ATOM   197  C C   . ALA A 1 28  ? -12.909 -4.912  -4.365  1.00 25.25 ? 156 ALA A C   1 
ATOM   198  O O   . ALA A 1 28  ? -14.045 -4.872  -3.885  1.00 27.77 ? 156 ALA A O   1 
ATOM   199  C CB  . ALA A 1 28  ? -11.012 -3.543  -3.230  1.00 24.72 ? 156 ALA A CB  1 
ATOM   200  N N   . ARG A 1 29  ? -12.397 -6.016  -4.894  1.00 24.32 ? 157 ARG A N   1 
ATOM   201  C CA  . ARG A 1 29  ? -13.071 -7.333  -4.858  1.00 25.68 ? 157 ARG A CA  1 
ATOM   202  C C   . ARG A 1 29  ? -12.850 -8.116  -3.586  1.00 25.56 ? 157 ARG A C   1 
ATOM   203  O O   . ARG A 1 29  ? -11.787 -7.969  -2.961  1.00 25.52 ? 157 ARG A O   1 
ATOM   204  C CB  . ARG A 1 29  ? -12.528 -8.251  -5.945  1.00 24.83 ? 157 ARG A CB  1 
ATOM   205  C CG  . ARG A 1 29  ? -12.800 -7.848  -7.318  1.00 29.05 ? 157 ARG A CG  1 
ATOM   206  C CD  . ARG A 1 29  ? -12.377 -8.985  -8.261  1.00 27.38 ? 157 ARG A CD  1 
ATOM   207  N NE  . ARG A 1 29  ? -12.443 -8.525  -9.624  1.00 31.30 ? 157 ARG A NE  1 
ATOM   208  C CZ  . ARG A 1 29  ? -11.943 -9.199  -10.665 1.00 29.23 ? 157 ARG A CZ  1 
ATOM   209  N NH1 . ARG A 1 29  ? -11.386 -10.384 -10.462 1.00 26.24 ? 157 ARG A NH1 1 
ATOM   210  N NH2 . ARG A 1 29  ? -12.031 -8.682  -11.896 1.00 32.94 ? 157 ARG A NH2 1 
ATOM   211  N N   . PRO A 1 30  ? -13.810 -8.966  -3.207  1.00 25.19 ? 158 PRO A N   1 
ATOM   212  C CA  . PRO A 1 30  ? -13.459 -9.956  -2.193  1.00 26.53 ? 158 PRO A CA  1 
ATOM   213  C C   . PRO A 1 30  ? -12.120 -10.621 -2.463  1.00 25.58 ? 158 PRO A C   1 
ATOM   214  O O   . PRO A 1 30  ? -11.754 -10.936 -3.617  1.00 25.96 ? 158 PRO A O   1 
ATOM   215  C CB  . PRO A 1 30  ? -14.630 -10.972 -2.243  1.00 27.72 ? 158 PRO A CB  1 
ATOM   216  C CG  . PRO A 1 30  ? -15.833 -10.100 -2.661  1.00 27.81 ? 158 PRO A CG  1 
ATOM   217  C CD  . PRO A 1 30  ? -15.144 -9.228  -3.767  1.00 28.31 ? 158 PRO A CD  1 
ATOM   218  N N   . GLY A 1 31  ? -11.371 -10.797 -1.385  1.00 26.74 ? 159 GLY A N   1 
ATOM   219  C CA  . GLY A 1 31  ? -10.044 -11.425 -1.434  1.00 25.17 ? 159 GLY A CA  1 
ATOM   220  C C   . GLY A 1 31  ? -8.936  -10.402 -1.731  1.00 25.25 ? 159 GLY A C   1 
ATOM   221  O O   . GLY A 1 31  ? -7.762  -10.734 -1.592  1.00 24.19 ? 159 GLY A O   1 
ATOM   222  N N   . ASP A 1 32  ? -9.260  -9.157  -2.151  1.00 22.15 ? 160 ASP A N   1 
ATOM   223  C CA  . ASP A 1 32  ? -8.163  -8.217  -2.444  1.00 22.46 ? 160 ASP A CA  1 
ATOM   224  C C   . ASP A 1 32  ? -7.519  -7.781  -1.138  1.00 22.86 ? 160 ASP A C   1 
ATOM   225  O O   . ASP A 1 32  ? -8.216  -7.660  -0.122  1.00 21.83 ? 160 ASP A O   1 
ATOM   226  C CB  . ASP A 1 32  ? -8.692  -6.907  -3.126  1.00 21.67 ? 160 ASP A CB  1 
ATOM   227  C CG  . ASP A 1 32  ? -9.034  -7.094  -4.592  1.00 22.43 ? 160 ASP A CG  1 
ATOM   228  O OD1 . ASP A 1 32  ? -8.744  -8.186  -5.153  1.00 23.55 ? 160 ASP A OD1 1 
ATOM   229  O OD2 . ASP A 1 32  ? -9.656  -6.140  -5.199  1.00 23.46 ? 160 ASP A OD2 1 
ATOM   230  N N   . LYS A 1 33  ? -6.215  -7.457  -1.173  1.00 22.78 ? 161 LYS A N   1 
ATOM   231  C CA  . LYS A 1 33  ? -5.550  -7.040  0.059   1.00 23.37 ? 161 LYS A CA  1 
ATOM   232  C C   . LYS A 1 33  ? -5.564  -5.569  -0.007  1.00 22.37 ? 161 LYS A C   1 
ATOM   233  O O   . LYS A 1 33  ? -5.412  -4.999  -1.110  1.00 21.99 ? 161 LYS A O   1 
ATOM   234  C CB  . LYS A 1 33  ? -4.099  -7.544  0.107   1.00 24.49 ? 161 LYS A CB  1 
ATOM   235  C CG  . LYS A 1 33  ? -3.989  -9.035  0.161   1.00 27.93 ? 161 LYS A CG  1 
ATOM   236  C CD  . LYS A 1 33  ? -4.427  -9.503  1.514   1.00 32.16 ? 161 LYS A CD  1 
ATOM   237  C CE  . LYS A 1 33  ? -3.807  -10.837 1.923   1.00 42.63 ? 161 LYS A CE  1 
ATOM   238  N NZ  . LYS A 1 33  ? -2.273  -10.717 1.993   1.00 45.38 ? 161 LYS A NZ  1 
ATOM   239  N N   . VAL A 1 34  ? -5.775  -4.933  1.137   1.00 20.73 ? 162 VAL A N   1 
ATOM   240  C CA  . VAL A 1 34  ? -5.864  -3.489  1.196   1.00 20.32 ? 162 VAL A CA  1 
ATOM   241  C C   . VAL A 1 34  ? -5.112  -2.943  2.415   1.00 22.11 ? 162 VAL A C   1 
ATOM   242  O O   . VAL A 1 34  ? -4.819  -3.685  3.365   1.00 22.50 ? 162 VAL A O   1 
ATOM   243  C CB  . VAL A 1 34  ? -7.341  -2.996  1.331   1.00 18.70 ? 162 VAL A CB  1 
ATOM   244  C CG1 . VAL A 1 34  ? -8.124  -3.346  0.078   1.00 20.82 ? 162 VAL A CG1 1 
ATOM   245  C CG2 . VAL A 1 34  ? -8.024  -3.451  2.609   1.00 18.50 ? 162 VAL A CG2 1 
ATOM   246  N N   . ALA A 1 35  ? -4.878  -1.629  2.431   1.00 22.30 ? 163 ALA A N   1 
ATOM   247  C CA  . ALA A 1 35  ? -4.544  -0.996  3.714   1.00 22.52 ? 163 ALA A CA  1 
ATOM   248  C C   . ALA A 1 35  ? -5.814  -0.440  4.319   1.00 23.14 ? 163 ALA A C   1 
ATOM   249  O O   . ALA A 1 35  ? -6.590  0.170   3.610   1.00 22.96 ? 163 ALA A O   1 
ATOM   250  C CB  . ALA A 1 35  ? -3.438  0.076   3.519   1.00 24.01 ? 163 ALA A CB  1 
ATOM   251  N N   . ALA A 1 36  ? -6.103  -0.749  5.585   1.00 22.76 ? 164 ALA A N   1 
ATOM   252  C CA  . ALA A 1 36  ? -7.441  -0.425  6.154   1.00 23.17 ? 164 ALA A CA  1 
ATOM   253  C C   . ALA A 1 36  ? -7.194  0.368   7.456   1.00 24.69 ? 164 ALA A C   1 
ATOM   254  O O   . ALA A 1 36  ? -6.363  -0.040  8.259   1.00 23.92 ? 164 ALA A O   1 
ATOM   255  C CB  . ALA A 1 36  ? -8.222  -1.725  6.401   1.00 24.09 ? 164 ALA A CB  1 
ATOM   256  N N   . ARG A 1 37  ? -7.839  1.521   7.630   1.00 23.80 ? 165 ARG A N   1 
ATOM   257  C CA  . ARG A 1 37  ? -7.546  2.367   8.804   1.00 25.33 ? 165 ARG A CA  1 
ATOM   258  C C   . ARG A 1 37  ? -8.554  2.009   9.900   1.00 26.02 ? 165 ARG A C   1 
ATOM   259  O O   . ARG A 1 37  ? -9.741  2.263   9.739   1.00 26.75 ? 165 ARG A O   1 
ATOM   260  C CB  . ARG A 1 37  ? -7.580  3.896   8.465   1.00 23.84 ? 165 ARG A CB  1 
ATOM   261  C CG  . ARG A 1 37  ? -6.868  4.735   9.606   1.00 29.91 ? 165 ARG A CG  1 
ATOM   262  C CD  . ARG A 1 37  ? -6.942  6.232   9.395   1.00 37.63 ? 165 ARG A CD  1 
ATOM   263  N NE  . ARG A 1 37  ? -8.324  6.639   9.588   1.00 51.09 ? 165 ARG A NE  1 
ATOM   264  C CZ  . ARG A 1 37  ? -8.763  7.897   9.574   1.00 56.78 ? 165 ARG A CZ  1 
ATOM   265  N NH1 . ARG A 1 37  ? -7.929  8.924   9.388   1.00 61.41 ? 165 ARG A NH1 1 
ATOM   266  N NH2 . ARG A 1 37  ? -10.049 8.118   9.740   1.00 59.27 ? 165 ARG A NH2 1 
ATOM   267  N N   . VAL A 1 38  ? -8.108  1.379   10.990  1.00 26.68 ? 166 VAL A N   1 
ATOM   268  C CA  . VAL A 1 38  ? -9.003  0.866   11.993  1.00 28.48 ? 166 VAL A CA  1 
ATOM   269  C C   . VAL A 1 38  ? -8.702  1.554   13.341  1.00 32.82 ? 166 VAL A C   1 
ATOM   270  O O   . VAL A 1 38  ? -7.668  2.184   13.515  1.00 30.23 ? 166 VAL A O   1 
ATOM   271  C CB  . VAL A 1 38  ? -8.898  -0.672  12.154  1.00 29.58 ? 166 VAL A CB  1 
ATOM   272  C CG1 . VAL A 1 38  ? -9.323  -1.384  10.815  1.00 27.27 ? 166 VAL A CG1 1 
ATOM   273  C CG2 . VAL A 1 38  ? -7.454  -1.087  12.582  1.00 29.11 ? 166 VAL A CG2 1 
ATOM   274  N N   . LYS A 1 39  ? -9.627  1.452   14.285  1.00 37.29 ? 167 LYS A N   1 
ATOM   275  C CA  . LYS A 1 39  ? -9.341  2.044   15.590  1.00 42.08 ? 167 LYS A CA  1 
ATOM   276  C C   . LYS A 1 39  ? -8.407  1.072   16.286  1.00 44.39 ? 167 LYS A C   1 
ATOM   277  O O   . LYS A 1 39  ? -8.635  -0.154  16.262  1.00 43.78 ? 167 LYS A O   1 
ATOM   278  C CB  . LYS A 1 39  ? -10.585 2.228   16.435  1.00 42.94 ? 167 LYS A CB  1 
ATOM   279  C CG  . LYS A 1 39  ? -10.747 3.703   16.995  1.00 50.06 ? 167 LYS A CG  1 
ATOM   280  C CD  . LYS A 1 39  ? -9.595  4.193   17.853  1.00 55.85 ? 167 LYS A CD  1 
ATOM   281  C CE  . LYS A 1 39  ? -9.815  5.611   18.421  1.00 60.37 ? 167 LYS A CE  1 
ATOM   282  N NZ  . LYS A 1 39  ? -11.248 5.797   18.816  1.00 65.58 ? 167 LYS A NZ  1 
ATOM   283  N N   . ALA A 1 40  ? -7.353  1.628   16.873  1.00 46.42 ? 168 ALA A N   1 
ATOM   284  C CA  . ALA A 1 40  ? -6.467  0.847   17.719  1.00 48.99 ? 168 ALA A CA  1 
ATOM   285  C C   . ALA A 1 40  ? -6.698  1.161   19.216  1.00 50.26 ? 168 ALA A C   1 
ATOM   286  O O   . ALA A 1 40  ? -7.834  1.468   19.644  1.00 50.52 ? 168 ALA A O   1 
ATOM   287  C CB  . ALA A 1 40  ? -5.037  1.124   17.308  1.00 49.82 ? 168 ALA A CB  1 
ATOM   288  N N   . VAL A 1 41  ? -5.618  1.098   19.999  1.00 51.41 ? 169 VAL A N   1 
ATOM   289  C CA  . VAL A 1 41  ? -5.676  1.176   21.473  1.00 52.03 ? 169 VAL A CA  1 
ATOM   290  C C   . VAL A 1 41  ? -5.975  2.571   22.048  1.00 52.22 ? 169 VAL A C   1 
ATOM   291  O O   . VAL A 1 41  ? -5.437  3.565   21.557  1.00 52.90 ? 169 VAL A O   1 
ATOM   292  C CB  . VAL A 1 41  ? -4.376  0.560   22.071  1.00 52.22 ? 169 VAL A CB  1 
ATOM   293  C CG1 . VAL A 1 41  ? -4.263  0.827   23.560  1.00 52.45 ? 169 VAL A CG1 1 
ATOM   294  C CG2 . VAL A 1 41  ? -4.344  -0.941  21.781  1.00 51.56 ? 169 VAL A CG2 1 
ATOM   295  N N   . ASP A 1 44  ? -6.356  5.614   19.564  1.00 52.00 ? 172 ASP A N   1 
ATOM   296  C CA  . ASP A 1 44  ? -5.464  5.839   18.400  1.00 51.66 ? 172 ASP A CA  1 
ATOM   297  C C   . ASP A 1 44  ? -6.037  5.188   17.125  1.00 50.11 ? 172 ASP A C   1 
ATOM   298  O O   . ASP A 1 44  ? -6.885  4.298   17.204  1.00 50.46 ? 172 ASP A O   1 
ATOM   299  C CB  . ASP A 1 44  ? -4.033  5.305   18.663  1.00 52.78 ? 172 ASP A CB  1 
ATOM   300  C CG  . ASP A 1 44  ? -3.317  6.024   19.844  1.00 56.49 ? 172 ASP A CG  1 
ATOM   301  O OD1 . ASP A 1 44  ? -2.717  7.109   19.639  1.00 59.46 ? 172 ASP A OD1 1 
ATOM   302  O OD2 . ASP A 1 44  ? -3.347  5.482   20.977  1.00 59.16 ? 172 ASP A OD2 1 
ATOM   303  N N   . GLU A 1 45  ? -5.608  5.649   15.959  1.00 48.40 ? 173 GLU A N   1 
ATOM   304  C CA  . GLU A 1 45  ? -5.970  4.953   14.721  1.00 46.88 ? 173 GLU A CA  1 
ATOM   305  C C   . GLU A 1 45  ? -4.721  4.363   14.009  1.00 44.50 ? 173 GLU A C   1 
ATOM   306  O O   . GLU A 1 45  ? -3.601  4.885   14.153  1.00 45.25 ? 173 GLU A O   1 
ATOM   307  C CB  . GLU A 1 45  ? -6.838  5.844   13.835  1.00 48.12 ? 173 GLU A CB  1 
ATOM   308  C CG  . GLU A 1 45  ? -8.316  5.908   14.315  1.00 50.17 ? 173 GLU A CG  1 
ATOM   309  C CD  . GLU A 1 45  ? -9.222  6.697   13.375  1.00 56.21 ? 173 GLU A CD  1 
ATOM   310  O OE1 . GLU A 1 45  ? -9.179  6.419   12.160  1.00 57.87 ? 173 GLU A OE1 1 
ATOM   311  O OE2 . GLU A 1 45  ? -9.984  7.578   13.855  1.00 58.02 ? 173 GLU A OE2 1 
ATOM   312  N N   . GLN A 1 46  ? -4.905  3.249   13.297  1.00 39.98 ? 174 GLN A N   1 
ATOM   313  C CA  . GLN A 1 46  ? -3.789  2.491   12.753  1.00 34.27 ? 174 GLN A CA  1 
ATOM   314  C C   . GLN A 1 46  ? -4.170  1.963   11.373  1.00 31.42 ? 174 GLN A C   1 
ATOM   315  O O   . GLN A 1 46  ? -5.257  1.368   11.210  1.00 28.48 ? 174 GLN A O   1 
ATOM   316  C CB  . GLN A 1 46  ? -3.506  1.320   13.691  1.00 34.19 ? 174 GLN A CB  1 
ATOM   317  C CG  . GLN A 1 46  ? -2.390  0.382   13.282  1.00 38.62 ? 174 GLN A CG  1 
ATOM   318  C CD  . GLN A 1 46  ? -1.007  1.048   13.148  1.00 43.57 ? 174 GLN A CD  1 
ATOM   319  O OE1 . GLN A 1 46  ? -0.484  1.642   14.110  1.00 46.19 ? 174 GLN A OE1 1 
ATOM   320  N NE2 . GLN A 1 46  ? -0.401  0.934   11.953  1.00 40.83 ? 174 GLN A NE2 1 
ATOM   321  N N   . TRP A 1 47  ? -3.285  2.163   10.393  1.00 28.18 ? 175 TRP A N   1 
ATOM   322  C CA  . TRP A 1 47  ? -3.403  1.423   9.118   1.00 25.65 ? 175 TRP A CA  1 
ATOM   323  C C   . TRP A 1 47  ? -2.902  -0.004  9.204   1.00 24.97 ? 175 TRP A C   1 
ATOM   324  O O   . TRP A 1 47  ? -1.760  -0.255  9.673   1.00 23.83 ? 175 TRP A O   1 
ATOM   325  C CB  . TRP A 1 47  ? -2.688  2.177   8.008   1.00 26.15 ? 175 TRP A CB  1 
ATOM   326  C CG  . TRP A 1 47  ? -3.313  3.472   7.658   1.00 26.25 ? 175 TRP A CG  1 
ATOM   327  C CD1 . TRP A 1 47  ? -2.971  4.727   8.139   1.00 29.63 ? 175 TRP A CD1 1 
ATOM   328  C CD2 . TRP A 1 47  ? -4.359  3.697   6.664   1.00 26.10 ? 175 TRP A CD2 1 
ATOM   329  N NE1 . TRP A 1 47  ? -3.769  5.684   7.528   1.00 28.51 ? 175 TRP A NE1 1 
ATOM   330  C CE2 . TRP A 1 47  ? -4.631  5.080   6.644   1.00 27.96 ? 175 TRP A CE2 1 
ATOM   331  C CE3 . TRP A 1 47  ? -5.105  2.851   5.834   1.00 23.88 ? 175 TRP A CE3 1 
ATOM   332  C CZ2 . TRP A 1 47  ? -5.643  5.652   5.814   1.00 27.34 ? 175 TRP A CZ2 1 
ATOM   333  C CZ3 . TRP A 1 47  ? -6.071  3.405   5.009   1.00 22.69 ? 175 TRP A CZ3 1 
ATOM   334  C CH2 . TRP A 1 47  ? -6.350  4.796   5.020   1.00 24.38 ? 175 TRP A CH2 1 
ATOM   335  N N   . ILE A 1 48  ? -3.774  -0.955  8.838   1.00 22.11 ? 176 ILE A N   1 
ATOM   336  C CA  . ILE A 1 48  ? -3.404  -2.360  8.884   1.00 23.31 ? 176 ILE A CA  1 
ATOM   337  C C   . ILE A 1 48  ? -3.574  -3.016  7.534   1.00 23.18 ? 176 ILE A C   1 
ATOM   338  O O   . ILE A 1 48  ? -4.369  -2.573  6.694   1.00 22.38 ? 176 ILE A O   1 
ATOM   339  C CB  . ILE A 1 48  ? -4.240  -3.192  9.922   1.00 24.98 ? 176 ILE A CB  1 
ATOM   340  C CG1 . ILE A 1 48  ? -5.736  -3.271  9.535   1.00 25.72 ? 176 ILE A CG1 1 
ATOM   341  C CG2 . ILE A 1 48  ? -4.011  -2.685  11.379  1.00 22.78 ? 176 ILE A CG2 1 
ATOM   342  C CD1 . ILE A 1 48  ? -6.432  -4.349  10.260  1.00 30.45 ? 176 ILE A CD1 1 
ATOM   343  N N   . LEU A 1 49  ? -2.802  -4.055  7.311   1.00 22.15 ? 177 LEU A N   1 
ATOM   344  C CA  . LEU A 1 49  ? -3.036  -4.956  6.205   1.00 23.13 ? 177 LEU A CA  1 
ATOM   345  C C   . LEU A 1 49  ? -4.323  -5.773  6.453   1.00 23.72 ? 177 LEU A C   1 
ATOM   346  O O   . LEU A 1 49  ? -4.516  -6.407  7.509   1.00 22.63 ? 177 LEU A O   1 
ATOM   347  C CB  . LEU A 1 49  ? -1.822  -5.855  6.010   1.00 22.21 ? 177 LEU A CB  1 
ATOM   348  C CG  . LEU A 1 49  ? -1.798  -6.801  4.811   1.00 25.76 ? 177 LEU A CG  1 
ATOM   349  C CD1 . LEU A 1 49  ? -1.798  -5.936  3.533   1.00 23.51 ? 177 LEU A CD1 1 
ATOM   350  C CD2 . LEU A 1 49  ? -0.627  -7.829  4.774   1.00 25.47 ? 177 LEU A CD2 1 
ATOM   351  N N   . ALA A 1 50  ? -5.213  -5.755  5.457   1.00 23.75 ? 178 ALA A N   1 
ATOM   352  C CA  . ALA A 1 50  ? -6.487  -6.400  5.553   1.00 23.65 ? 178 ALA A CA  1 
ATOM   353  C C   . ALA A 1 50  ? -6.963  -7.035  4.252   1.00 23.92 ? 178 ALA A C   1 
ATOM   354  O O   . ALA A 1 50  ? -6.424  -6.768  3.151   1.00 23.88 ? 178 ALA A O   1 
ATOM   355  C CB  . ALA A 1 50  ? -7.548  -5.388  6.146   1.00 24.24 ? 178 ALA A CB  1 
ATOM   356  N N   . GLU A 1 51  ? -7.972  -7.894  4.357   1.00 22.74 ? 179 GLU A N   1 
ATOM   357  C CA  . GLU A 1 51  ? -8.494  -8.554  3.165   1.00 24.14 ? 179 GLU A CA  1 
ATOM   358  C C   . GLU A 1 51  ? -9.943  -8.202  3.006   1.00 24.04 ? 179 GLU A C   1 
ATOM   359  O O   . GLU A 1 51  ? -10.704 -8.296  3.970   1.00 24.86 ? 179 GLU A O   1 
ATOM   360  C CB  . GLU A 1 51  ? -8.420  -10.091 3.283   1.00 25.53 ? 179 GLU A CB  1 
ATOM   361  C CG  . GLU A 1 51  ? -8.519  -10.728 1.931   1.00 29.39 ? 179 GLU A CG  1 
ATOM   362  C CD  . GLU A 1 51  ? -8.244  -12.253 2.030   1.00 37.67 ? 179 GLU A CD  1 
ATOM   363  O OE1 . GLU A 1 51  ? -7.068  -12.632 2.243   1.00 39.02 ? 179 GLU A OE1 1 
ATOM   364  O OE2 . GLU A 1 51  ? -9.218  -13.013 1.904   1.00 37.63 ? 179 GLU A OE2 1 
ATOM   365  N N   . VAL A 1 52  ? -10.325 -7.800  1.806   1.00 24.43 ? 180 VAL A N   1 
ATOM   366  C CA  . VAL A 1 52  ? -11.714 -7.399  1.553   1.00 23.81 ? 180 VAL A CA  1 
ATOM   367  C C   . VAL A 1 52  ? -12.599 -8.674  1.643   1.00 26.44 ? 180 VAL A C   1 
ATOM   368  O O   . VAL A 1 52  ? -12.271 -9.743  1.044   1.00 24.44 ? 180 VAL A O   1 
ATOM   369  C CB  . VAL A 1 52  ? -11.866 -6.723  0.169   1.00 24.79 ? 180 VAL A CB  1 
ATOM   370  C CG1 . VAL A 1 52  ? -13.342 -6.524  -0.210  1.00 23.33 ? 180 VAL A CG1 1 
ATOM   371  C CG2 . VAL A 1 52  ? -11.196 -5.360  0.110   1.00 23.33 ? 180 VAL A CG2 1 
ATOM   372  N N   . VAL A 1 53  ? -13.698 -8.556  2.396   1.00 26.37 ? 181 VAL A N   1 
ATOM   373  C CA  . VAL A 1 53  ? -14.782 -9.545  2.428   1.00 26.87 ? 181 VAL A CA  1 
ATOM   374  C C   . VAL A 1 53  ? -15.903 -9.117  1.507   1.00 27.18 ? 181 VAL A C   1 
ATOM   375  O O   . VAL A 1 53  ? -16.324 -9.905  0.643   1.00 26.34 ? 181 VAL A O   1 
ATOM   376  C CB  . VAL A 1 53  ? -15.272 -9.747  3.876   1.00 27.84 ? 181 VAL A CB  1 
ATOM   377  C CG1 . VAL A 1 53  ? -16.510 -10.741 3.950   1.00 30.30 ? 181 VAL A CG1 1 
ATOM   378  C CG2 . VAL A 1 53  ? -14.096 -10.232 4.761   1.00 24.55 ? 181 VAL A CG2 1 
ATOM   379  N N   . SER A 1 54  ? -16.368 -7.872  1.605   1.00 26.50 ? 182 SER A N   1 
ATOM   380  C CA  . SER A 1 54  ? -17.437 -7.407  0.699   1.00 27.34 ? 182 SER A CA  1 
ATOM   381  C C   . SER A 1 54  ? -17.498 -5.906  0.707   1.00 27.35 ? 182 SER A C   1 
ATOM   382  O O   . SER A 1 54  ? -16.848 -5.255  1.504   1.00 27.51 ? 182 SER A O   1 
ATOM   383  C CB  . SER A 1 54  ? -18.817 -7.951  1.103   1.00 28.13 ? 182 SER A CB  1 
ATOM   384  O OG  . SER A 1 54  ? -19.130 -7.644  2.476   1.00 30.43 ? 182 SER A OG  1 
ATOM   385  N N   . TYR A 1 55  ? -18.242 -5.373  -0.232  1.00 27.78 ? 183 TYR A N   1 
ATOM   386  C CA  . TYR A 1 55  ? -18.589 -3.963  -0.282  1.00 28.55 ? 183 TYR A CA  1 
ATOM   387  C C   . TYR A 1 55  ? -20.085 -3.789  -0.468  1.00 29.46 ? 183 TYR A C   1 
ATOM   388  O O   . TYR A 1 55  ? -20.716 -4.507  -1.275  1.00 30.17 ? 183 TYR A O   1 
ATOM   389  C CB  . TYR A 1 55  ? -17.849 -3.301  -1.460  1.00 25.80 ? 183 TYR A CB  1 
ATOM   390  C CG  . TYR A 1 55  ? -18.095 -1.828  -1.638  1.00 26.99 ? 183 TYR A CG  1 
ATOM   391  C CD1 . TYR A 1 55  ? -17.422 -0.880  -0.832  1.00 30.06 ? 183 TYR A CD1 1 
ATOM   392  C CD2 . TYR A 1 55  ? -18.933 -1.360  -2.624  1.00 31.23 ? 183 TYR A CD2 1 
ATOM   393  C CE1 . TYR A 1 55  ? -17.612 0.456   -1.006  1.00 24.66 ? 183 TYR A CE1 1 
ATOM   394  C CE2 . TYR A 1 55  ? -19.124 0.012   -2.808  1.00 28.51 ? 183 TYR A CE2 1 
ATOM   395  C CZ  . TYR A 1 55  ? -18.434 0.893   -1.992  1.00 27.20 ? 183 TYR A CZ  1 
ATOM   396  O OH  . TYR A 1 55  ? -18.597 2.232   -2.144  1.00 30.51 ? 183 TYR A OH  1 
ATOM   397  N N   . SER A 1 56  ? -20.651 -2.816  0.244   1.00 30.89 ? 184 SER A N   1 
ATOM   398  C CA  . SER A 1 56  ? -22.056 -2.462  0.048   1.00 31.71 ? 184 SER A CA  1 
ATOM   399  C C   . SER A 1 56  ? -22.173 -1.113  -0.677  1.00 32.44 ? 184 SER A C   1 
ATOM   400  O O   . SER A 1 56  ? -21.711 -0.087  -0.181  1.00 32.35 ? 184 SER A O   1 
ATOM   401  C CB  . SER A 1 56  ? -22.810 -2.426  1.402   1.00 31.47 ? 184 SER A CB  1 
ATOM   402  O OG  . SER A 1 56  ? -23.928 -1.556  1.211   1.00 32.03 ? 184 SER A OG  1 
ATOM   403  N N   . HIS A 1 57  ? -22.722 -1.090  -1.892  1.00 33.40 ? 185 HIS A N   1 
ATOM   404  C CA  . HIS A 1 57  ? -22.953 0.191   -2.547  1.00 35.53 ? 185 HIS A CA  1 
ATOM   405  C C   . HIS A 1 57  ? -23.999 1.039   -1.812  1.00 35.65 ? 185 HIS A C   1 
ATOM   406  O O   . HIS A 1 57  ? -24.049 2.260   -1.994  1.00 37.79 ? 185 HIS A O   1 
ATOM   407  C CB  . HIS A 1 57  ? -23.340 0.019   -4.044  1.00 35.69 ? 185 HIS A CB  1 
ATOM   408  C CG  . HIS A 1 57  ? -22.208 -0.416  -4.932  1.00 38.02 ? 185 HIS A CG  1 
ATOM   409  N ND1 . HIS A 1 57  ? -21.767 -1.724  -5.001  1.00 37.66 ? 185 HIS A ND1 1 
ATOM   410  C CD2 . HIS A 1 57  ? -21.450 0.286   -5.819  1.00 38.44 ? 185 HIS A CD2 1 
ATOM   411  C CE1 . HIS A 1 57  ? -20.789 -1.814  -5.891  1.00 36.64 ? 185 HIS A CE1 1 
ATOM   412  N NE2 . HIS A 1 57  ? -20.566 -0.605  -6.389  1.00 38.55 ? 185 HIS A NE2 1 
ATOM   413  N N   . ALA A 1 58  ? -24.834 0.441   -0.979  1.00 35.96 ? 186 ALA A N   1 
ATOM   414  C CA  . ALA A 1 58  ? -25.868 1.229   -0.289  1.00 35.63 ? 186 ALA A CA  1 
ATOM   415  C C   . ALA A 1 58  ? -25.262 2.181   0.772   1.00 36.50 ? 186 ALA A C   1 
ATOM   416  O O   . ALA A 1 58  ? -25.657 3.368   0.882   1.00 36.54 ? 186 ALA A O   1 
ATOM   417  C CB  . ALA A 1 58  ? -26.840 0.320   0.375   1.00 35.27 ? 186 ALA A CB  1 
ATOM   418  N N   . THR A 1 59  ? -24.323 1.629   1.563   1.00 33.85 ? 187 THR A N   1 
ATOM   419  C CA  . THR A 1 59  ? -23.619 2.354   2.610   1.00 33.10 ? 187 THR A CA  1 
ATOM   420  C C   . THR A 1 59  ? -22.184 2.849   2.246   1.00 33.37 ? 187 THR A C   1 
ATOM   421  O O   . THR A 1 59  ? -21.608 3.610   3.033   1.00 33.62 ? 187 THR A O   1 
ATOM   422  C CB  . THR A 1 59  ? -23.510 1.518   3.890   1.00 31.91 ? 187 THR A CB  1 
ATOM   423  O OG1 . THR A 1 59  ? -22.685 0.412   3.600   1.00 29.31 ? 187 THR A OG1 1 
ATOM   424  C CG2 . THR A 1 59  ? -24.873 0.931   4.362   1.00 32.55 ? 187 THR A CG2 1 
ATOM   425  N N   . ASN A 1 60  ? -21.633 2.470   1.082   1.00 32.08 ? 188 ASN A N   1 
ATOM   426  C CA  . ASN A 1 60  ? -20.227 2.795   0.695   1.00 34.00 ? 188 ASN A CA  1 
ATOM   427  C C   . ASN A 1 60  ? -19.232 2.306   1.761   1.00 32.49 ? 188 ASN A C   1 
ATOM   428  O O   . ASN A 1 60  ? -18.241 2.981   2.079   1.00 34.45 ? 188 ASN A O   1 
ATOM   429  C CB  . ASN A 1 60  ? -20.000 4.294   0.253   1.00 34.93 ? 188 ASN A CB  1 
ATOM   430  C CG  . ASN A 1 60  ? -20.489 4.596   -1.223  1.00 40.13 ? 188 ASN A CG  1 
ATOM   431  O OD1 . ASN A 1 60  ? -21.080 3.740   -1.914  1.00 43.88 ? 188 ASN A OD1 1 
ATOM   432  N ND2 . ASN A 1 60  ? -20.233 5.833   -1.690  1.00 43.84 ? 188 ASN A ND2 1 
ATOM   433  N N   . LYS A 1 61  ? -19.548 1.144   2.333   1.00 30.56 ? 189 LYS A N   1 
ATOM   434  C CA  . LYS A 1 61  ? -18.688 0.508   3.345   1.00 29.44 ? 189 LYS A CA  1 
ATOM   435  C C   . LYS A 1 61  ? -18.212 -0.892  2.941   1.00 26.84 ? 189 LYS A C   1 
ATOM   436  O O   . LYS A 1 61  ? -18.933 -1.702  2.379   1.00 25.68 ? 189 LYS A O   1 
ATOM   437  C CB  . LYS A 1 61  ? -19.409 0.421   4.687   1.00 28.90 ? 189 LYS A CB  1 
ATOM   438  C CG  . LYS A 1 61  ? -19.739 1.861   5.271   1.00 30.73 ? 189 LYS A CG  1 
ATOM   439  C CD  . LYS A 1 61  ? -19.970 1.771   6.731   1.00 38.29 ? 189 LYS A CD  1 
ATOM   440  C CE  . LYS A 1 61  ? -20.319 3.148   7.367   1.00 38.76 ? 189 LYS A CE  1 
ATOM   441  N NZ  . LYS A 1 61  ? -20.896 2.704   8.644   1.00 41.94 ? 189 LYS A NZ  1 
ATOM   442  N N   . TYR A 1 62  ? -16.972 -1.153  3.263   1.00 25.23 ? 190 TYR A N   1 
ATOM   443  C CA  . TYR A 1 62  ? -16.438 -2.468  3.152   1.00 24.32 ? 190 TYR A CA  1 
ATOM   444  C C   . TYR A 1 62  ? -16.590 -3.221  4.410   1.00 24.65 ? 190 TYR A C   1 
ATOM   445  O O   . TYR A 1 62  ? -16.531 -2.624  5.535   1.00 26.08 ? 190 TYR A O   1 
ATOM   446  C CB  . TYR A 1 62  ? -14.931 -2.372  2.888   1.00 23.95 ? 190 TYR A CB  1 
ATOM   447  C CG  . TYR A 1 62  ? -14.543 -1.894  1.506   1.00 22.99 ? 190 TYR A CG  1 
ATOM   448  C CD1 . TYR A 1 62  ? -14.480 -2.779  0.430   1.00 26.88 ? 190 TYR A CD1 1 
ATOM   449  C CD2 . TYR A 1 62  ? -14.120 -0.568  1.293   1.00 22.58 ? 190 TYR A CD2 1 
ATOM   450  C CE1 . TYR A 1 62  ? -14.099 -2.327  -0.850  1.00 26.88 ? 190 TYR A CE1 1 
ATOM   451  C CE2 . TYR A 1 62  ? -13.717 -0.131  0.059   1.00 20.67 ? 190 TYR A CE2 1 
ATOM   452  C CZ  . TYR A 1 62  ? -13.722 -1.009  -1.011  1.00 23.64 ? 190 TYR A CZ  1 
ATOM   453  O OH  . TYR A 1 62  ? -13.285 -0.574  -2.247  1.00 25.97 ? 190 TYR A OH  1 
ATOM   454  N N   . GLU A 1 63  ? -16.634 -4.543  4.259   1.00 25.38 ? 191 GLU A N   1 
ATOM   455  C CA  . GLU A 1 63  ? -16.287 -5.426  5.333   1.00 26.43 ? 191 GLU A CA  1 
ATOM   456  C C   . GLU A 1 63  ? -14.887 -5.928  5.018   1.00 27.42 ? 191 GLU A C   1 
ATOM   457  O O   . GLU A 1 63  ? -14.629 -6.398  3.886   1.00 26.71 ? 191 GLU A O   1 
ATOM   458  C CB  . GLU A 1 63  ? -17.246 -6.629  5.471   1.00 28.45 ? 191 GLU A CB  1 
ATOM   459  C CG  . GLU A 1 63  ? -18.692 -6.256  5.605   1.00 33.49 ? 191 GLU A CG  1 
ATOM   460  C CD  . GLU A 1 63  ? -18.959 -5.526  6.915   1.00 43.47 ? 191 GLU A CD  1 
ATOM   461  O OE1 . GLU A 1 63  ? -18.407 -5.932  7.960   1.00 48.74 ? 191 GLU A OE1 1 
ATOM   462  O OE2 . GLU A 1 63  ? -19.734 -4.561  6.904   1.00 47.43 ? 191 GLU A OE2 1 
ATOM   463  N N   . VAL A 1 64  ? -13.987 -5.848  6.005   1.00 26.85 ? 192 VAL A N   1 
ATOM   464  C CA  . VAL A 1 64  ? -12.620 -6.358  5.797   1.00 26.96 ? 192 VAL A CA  1 
ATOM   465  C C   . VAL A 1 64  ? -12.165 -7.220  6.946   1.00 27.13 ? 192 VAL A C   1 
ATOM   466  O O   . VAL A 1 64  ? -12.562 -6.993  8.099   1.00 30.02 ? 192 VAL A O   1 
ATOM   467  C CB  . VAL A 1 64  ? -11.570 -5.242  5.553   1.00 25.82 ? 192 VAL A CB  1 
ATOM   468  C CG1 . VAL A 1 64  ? -12.008 -4.278  4.454   1.00 25.74 ? 192 VAL A CG1 1 
ATOM   469  C CG2 . VAL A 1 64  ? -11.248 -4.458  6.882   1.00 25.89 ? 192 VAL A CG2 1 
ATOM   470  N N   . ASP A 1 65  ? -11.344 -8.223  6.643   1.00 27.09 ? 193 ASP A N   1 
ATOM   471  C CA  . ASP A 1 65  ? -10.745 -9.038  7.698   1.00 28.80 ? 193 ASP A CA  1 
ATOM   472  C C   . ASP A 1 65  ? -9.269  -8.671  7.948   1.00 29.94 ? 193 ASP A C   1 
ATOM   473  O O   . ASP A 1 65  ? -8.440  -8.636  7.015   1.00 29.64 ? 193 ASP A O   1 
ATOM   474  C CB  . ASP A 1 65  ? -10.865 -10.541 7.348   1.00 29.47 ? 193 ASP A CB  1 
ATOM   475  C CG  . ASP A 1 65  ? -12.251 -11.124 7.705   1.00 32.30 ? 193 ASP A CG  1 
ATOM   476  O OD1 . ASP A 1 65  ? -12.945 -10.572 8.611   1.00 32.26 ? 193 ASP A OD1 1 
ATOM   477  O OD2 . ASP A 1 65  ? -12.657 -12.089 7.013   1.00 31.35 ? 193 ASP A OD2 1 
ATOM   478  N N   . ASP A 1 66  ? -8.945  -8.363  9.191   1.00 31.82 ? 194 ASP A N   1 
ATOM   479  C CA  . ASP A 1 66  ? -7.554  -8.302  9.621   1.00 35.68 ? 194 ASP A CA  1 
ATOM   480  C C   . ASP A 1 66  ? -6.959  -9.712  9.552   1.00 39.21 ? 194 ASP A C   1 
ATOM   481  O O   . ASP A 1 66  ? -7.468  -10.629 10.161  1.00 42.36 ? 194 ASP A O   1 
ATOM   482  C CB  . ASP A 1 66  ? -7.568  -7.755  11.043  1.00 36.57 ? 194 ASP A CB  1 
ATOM   483  C CG  . ASP A 1 66  ? -6.217  -7.746  11.737  1.00 38.59 ? 194 ASP A CG  1 
ATOM   484  O OD1 . ASP A 1 66  ? -5.196  -8.222  11.209  1.00 38.36 ? 194 ASP A OD1 1 
ATOM   485  O OD2 . ASP A 1 66  ? -6.217  -7.245  12.884  1.00 39.20 ? 194 ASP A OD2 1 
ATOM   486  N N   . ILE A 1 67  ? -5.838  -9.858  8.872   1.00 42.57 ? 195 ILE A N   1 
ATOM   487  C CA  . ILE A 1 67  ? -5.278  -11.175 8.605   1.00 45.89 ? 195 ILE A CA  1 
ATOM   488  C C   . ILE A 1 67  ? -4.172  -11.581 9.573   1.00 46.49 ? 195 ILE A C   1 
ATOM   489  O O   . ILE A 1 67  ? -3.038  -11.330 9.340   1.00 47.74 ? 195 ILE A O   1 
ATOM   490  C CB  . ILE A 1 67  ? -4.761  -11.202 7.145   1.00 46.14 ? 195 ILE A CB  1 
ATOM   491  C CG1 . ILE A 1 67  ? -4.131  -9.843  6.784   1.00 45.69 ? 195 ILE A CG1 1 
ATOM   492  C CG2 . ILE A 1 67  ? -5.908  -11.561 6.179   1.00 48.62 ? 195 ILE A CG2 1 
ATOM   493  C CD1 . ILE A 1 67  ? -2.626  -9.736  7.237   1.00 37.70 ? 195 ILE A CD1 1 
ATOM   494  N N   . ASP A 1 68  ? -4.502  -12.223 10.676  1.00 49.84 ? 196 ASP A N   1 
ATOM   495  C CA  . ASP A 1 68  ? -3.511  -12.430 11.722  1.00 51.29 ? 196 ASP A CA  1 
ATOM   496  C C   . ASP A 1 68  ? -3.263  -13.933 11.808  1.00 51.97 ? 196 ASP A C   1 
ATOM   497  O O   . ASP A 1 68  ? -4.104  -14.727 11.403  1.00 50.95 ? 196 ASP A O   1 
ATOM   498  C CB  . ASP A 1 68  ? -4.054  -11.827 13.033  1.00 52.78 ? 196 ASP A CB  1 
ATOM   499  C CG  . ASP A 1 68  ? -2.945  -11.294 13.951  1.00 56.87 ? 196 ASP A CG  1 
ATOM   500  O OD1 . ASP A 1 68  ? -1.993  -12.063 14.223  1.00 61.14 ? 196 ASP A OD1 1 
ATOM   501  O OD2 . ASP A 1 68  ? -3.017  -10.111 14.395  1.00 57.97 ? 196 ASP A OD2 1 
ATOM   502  N N   . GLU A 1 69  ? -2.104  -14.343 12.313  1.00 52.94 ? 197 GLU A N   1 
ATOM   503  C CA  . GLU A 1 69  ? -1.794  -15.768 12.350  1.00 54.15 ? 197 GLU A CA  1 
ATOM   504  C C   . GLU A 1 69  ? -2.634  -16.553 13.359  1.00 53.76 ? 197 GLU A C   1 
ATOM   505  O O   . GLU A 1 69  ? -2.562  -17.787 13.385  1.00 54.81 ? 197 GLU A O   1 
ATOM   506  C CB  . GLU A 1 69  ? -0.286  -16.045 12.520  1.00 55.28 ? 197 GLU A CB  1 
ATOM   507  C CG  . GLU A 1 69  ? 0.100   -17.503 12.144  1.00 58.98 ? 197 GLU A CG  1 
ATOM   508  C CD  . GLU A 1 69  ? 1.150   -17.625 11.012  1.00 63.23 ? 197 GLU A CD  1 
ATOM   509  O OE1 . GLU A 1 69  ? 0.907   -17.130 9.873   1.00 62.66 ? 197 GLU A OE1 1 
ATOM   510  O OE2 . GLU A 1 69  ? 2.202   -18.269 11.262  1.00 64.11 ? 197 GLU A OE2 1 
ATOM   511  N N   . GLU A 1 70  ? -3.450  -15.867 14.166  1.00 52.87 ? 198 GLU A N   1 
ATOM   512  C CA  . GLU A 1 70  ? -4.375  -16.582 15.058  1.00 51.70 ? 198 GLU A CA  1 
ATOM   513  C C   . GLU A 1 70  ? -5.837  -16.636 14.561  1.00 51.68 ? 198 GLU A C   1 
ATOM   514  O O   . GLU A 1 70  ? -6.701  -17.310 15.152  1.00 51.63 ? 198 GLU A O   1 
ATOM   515  C CB  . GLU A 1 70  ? -4.285  -16.075 16.508  1.00 51.15 ? 198 GLU A CB  1 
ATOM   516  C CG  . GLU A 1 70  ? -2.980  -16.453 17.285  1.00 49.63 ? 198 GLU A CG  1 
ATOM   517  C CD  . GLU A 1 70  ? -2.743  -17.962 17.527  1.00 42.62 ? 198 GLU A CD  1 
ATOM   518  O OE1 . GLU A 1 70  ? -3.616  -18.830 17.345  1.00 43.42 ? 198 GLU A OE1 1 
ATOM   519  O OE2 . GLU A 1 70  ? -1.613  -18.292 17.835  1.00 45.23 ? 198 GLU A OE2 1 
ATOM   520  N N   . GLY A 1 71  ? -6.114  -15.934 13.474  1.00 50.58 ? 199 GLY A N   1 
ATOM   521  C CA  . GLY A 1 71  ? -7.465  -15.888 12.941  1.00 50.55 ? 199 GLY A CA  1 
ATOM   522  C C   . GLY A 1 71  ? -7.718  -14.456 12.532  1.00 49.83 ? 199 GLY A C   1 
ATOM   523  O O   . GLY A 1 71  ? -6.849  -13.565 12.717  1.00 49.64 ? 199 GLY A O   1 
ATOM   524  N N   . LYS A 1 72  ? -8.912  -14.220 12.006  1.00 48.20 ? 200 LYS A N   1 
ATOM   525  C CA  . LYS A 1 72  ? -9.228  -12.899 11.541  1.00 47.00 ? 200 LYS A CA  1 
ATOM   526  C C   . LYS A 1 72  ? -10.286 -12.167 12.364  1.00 46.04 ? 200 LYS A C   1 
ATOM   527  O O   . LYS A 1 72  ? -11.228 -12.757 12.920  1.00 46.06 ? 200 LYS A O   1 
ATOM   528  C CB  . LYS A 1 72  ? -9.612  -12.951 10.071  1.00 48.10 ? 200 LYS A CB  1 
ATOM   529  C CG  . LYS A 1 72  ? -10.681 -13.939 9.777   1.00 50.36 ? 200 LYS A CG  1 
ATOM   530  C CD  . LYS A 1 72  ? -10.395 -14.683 8.478   1.00 55.38 ? 200 LYS A CD  1 
ATOM   531  C CE  . LYS A 1 72  ? -11.545 -15.663 8.152   1.00 60.21 ? 200 LYS A CE  1 
ATOM   532  N NZ  . LYS A 1 72  ? -12.082 -16.363 9.389   1.00 60.35 ? 200 LYS A NZ  1 
ATOM   533  N N   . GLU A 1 73  ? -10.123 -10.859 12.418  1.00 42.25 ? 201 GLU A N   1 
ATOM   534  C CA  . GLU A 1 73  ? -11.071 -10.020 13.062  1.00 39.79 ? 201 GLU A CA  1 
ATOM   535  C C   . GLU A 1 73  ? -11.698 -9.101  12.005  1.00 36.85 ? 201 GLU A C   1 
ATOM   536  O O   . GLU A 1 73  ? -10.996 -8.520  11.185  1.00 33.82 ? 201 GLU A O   1 
ATOM   537  C CB  . GLU A 1 73  ? -10.273 -9.265  14.075  1.00 41.35 ? 201 GLU A CB  1 
ATOM   538  C CG  . GLU A 1 73  ? -10.931 -8.175  14.765  1.00 46.25 ? 201 GLU A CG  1 
ATOM   539  C CD  . GLU A 1 73  ? -9.883  -7.387  15.559  1.00 57.31 ? 201 GLU A CD  1 
ATOM   540  O OE1 . GLU A 1 73  ? -8.763  -7.936  15.826  1.00 60.28 ? 201 GLU A OE1 1 
ATOM   541  O OE2 . GLU A 1 73  ? -10.192 -6.224  15.934  1.00 61.56 ? 201 GLU A OE2 1 
ATOM   542  N N   . ARG A 1 74  ? -13.020 -9.035  11.999  1.00 35.00 ? 202 ARG A N   1 
ATOM   543  C CA  . ARG A 1 74  ? -13.764 -8.290  10.997  1.00 34.49 ? 202 ARG A CA  1 
ATOM   544  C C   . ARG A 1 74  ? -13.921 -6.830  11.320  1.00 34.45 ? 202 ARG A C   1 
ATOM   545  O O   . ARG A 1 74  ? -14.284 -6.513  12.435  1.00 36.20 ? 202 ARG A O   1 
ATOM   546  C CB  . ARG A 1 74  ? -15.164 -8.903  10.862  1.00 35.48 ? 202 ARG A CB  1 
ATOM   547  C CG  . ARG A 1 74  ? -16.145 -8.159  9.963   1.00 38.15 ? 202 ARG A CG  1 
ATOM   548  C CD  . ARG A 1 74  ? -15.849 -8.354  8.509   1.00 40.54 ? 202 ARG A CD  1 
ATOM   549  N NE  . ARG A 1 74  ? -15.458 -9.731  8.214   1.00 42.62 ? 202 ARG A NE  1 
ATOM   550  C CZ  . ARG A 1 74  ? -16.298 -10.689 7.853   1.00 43.51 ? 202 ARG A CZ  1 
ATOM   551  N NH1 . ARG A 1 74  ? -17.580 -10.398 7.731   1.00 45.94 ? 202 ARG A NH1 1 
ATOM   552  N NH2 . ARG A 1 74  ? -15.842 -11.925 7.589   1.00 42.01 ? 202 ARG A NH2 1 
ATOM   553  N N   . HIS A 1 75  ? -13.749 -5.930  10.351  1.00 32.69 ? 203 HIS A N   1 
ATOM   554  C CA  . HIS A 1 75  ? -14.096 -4.520  10.529  1.00 31.48 ? 203 HIS A CA  1 
ATOM   555  C C   . HIS A 1 75  ? -15.025 -4.072  9.422   1.00 31.51 ? 203 HIS A C   1 
ATOM   556  O O   . HIS A 1 75  ? -14.946 -4.571  8.290   1.00 29.57 ? 203 HIS A O   1 
ATOM   557  C CB  . HIS A 1 75  ? -12.849 -3.619  10.533  1.00 30.84 ? 203 HIS A CB  1 
ATOM   558  C CG  . HIS A 1 75  ? -11.872 -3.957  11.618  1.00 33.14 ? 203 HIS A CG  1 
ATOM   559  N ND1 . HIS A 1 75  ? -11.013 -5.039  11.541  1.00 35.34 ? 203 HIS A ND1 1 
ATOM   560  C CD2 . HIS A 1 75  ? -11.629 -3.366  12.815  1.00 31.08 ? 203 HIS A CD2 1 
ATOM   561  C CE1 . HIS A 1 75  ? -10.304 -5.118  12.659  1.00 35.51 ? 203 HIS A CE1 1 
ATOM   562  N NE2 . HIS A 1 75  ? -10.654 -4.106  13.445  1.00 36.90 ? 203 HIS A NE2 1 
ATOM   563  N N   . THR A 1 76  ? -15.879 -3.107  9.734   1.00 30.12 ? 204 THR A N   1 
ATOM   564  C CA  . THR A 1 76  ? -16.752 -2.487  8.731   1.00 31.15 ? 204 THR A CA  1 
ATOM   565  C C   . THR A 1 76  ? -16.256 -1.067  8.624   1.00 30.91 ? 204 THR A C   1 
ATOM   566  O O   . THR A 1 76  ? -16.183 -0.421  9.656   1.00 31.83 ? 204 THR A O   1 
ATOM   567  C CB  . THR A 1 76  ? -18.194 -2.468  9.260   1.00 32.29 ? 204 THR A CB  1 
ATOM   568  O OG1 . THR A 1 76  ? -18.633 -3.810  9.478   1.00 34.86 ? 204 THR A OG1 1 
ATOM   569  C CG2 . THR A 1 76  ? -19.125 -1.749  8.307   1.00 32.99 ? 204 THR A CG2 1 
ATOM   570  N N   . LEU A 1 77  ? -15.881 -0.610  7.414   1.00 28.82 ? 205 LEU A N   1 
ATOM   571  C CA  . LEU A 1 77  ? -15.181 0.672   7.191   1.00 28.71 ? 205 LEU A CA  1 
ATOM   572  C C   . LEU A 1 77  ? -15.674 1.439   5.984   1.00 28.19 ? 205 LEU A C   1 
ATOM   573  O O   . LEU A 1 77  ? -15.799 0.852   4.914   1.00 27.27 ? 205 LEU A O   1 
ATOM   574  C CB  . LEU A 1 77  ? -13.686 0.421   6.923   1.00 28.20 ? 205 LEU A CB  1 
ATOM   575  C CG  . LEU A 1 77  ? -12.883 -0.312  7.975   1.00 30.97 ? 205 LEU A CG  1 
ATOM   576  C CD1 . LEU A 1 77  ? -11.506 -0.603  7.433   1.00 28.96 ? 205 LEU A CD1 1 
ATOM   577  C CD2 . LEU A 1 77  ? -12.812 0.525   9.310   1.00 30.02 ? 205 LEU A CD2 1 
ATOM   578  N N   . SER A 1 78  ? -15.826 2.768   6.088   1.00 29.66 ? 206 SER A N   1 
ATOM   579  C CA  . SER A 1 78  ? -16.057 3.555   4.881   1.00 29.59 ? 206 SER A CA  1 
ATOM   580  C C   . SER A 1 78  ? -14.920 3.342   3.901   1.00 30.63 ? 206 SER A C   1 
ATOM   581  O O   . SER A 1 78  ? -13.718 3.151   4.279   1.00 28.47 ? 206 SER A O   1 
ATOM   582  C CB  . SER A 1 78  ? -16.139 5.066   5.093   1.00 31.78 ? 206 SER A CB  1 
ATOM   583  O OG  . SER A 1 78  ? -15.023 5.531   5.857   1.00 37.07 ? 206 SER A OG  1 
ATOM   584  N N   . ARG A 1 79  ? -15.288 3.550   2.633   1.00 30.31 ? 207 ARG A N   1 
ATOM   585  C CA  . ARG A 1 79  ? -14.364 3.479   1.529   1.00 31.70 ? 207 ARG A CA  1 
ATOM   586  C C   . ARG A 1 79  ? -13.241 4.471   1.746   1.00 32.16 ? 207 ARG A C   1 
ATOM   587  O O   . ARG A 1 79  ? -12.170 4.228   1.234   1.00 32.71 ? 207 ARG A O   1 
ATOM   588  C CB  . ARG A 1 79  ? -15.092 3.761   0.182   1.00 32.57 ? 207 ARG A CB  1 
ATOM   589  C CG  . ARG A 1 79  ? -15.706 5.222   0.052   1.00 36.26 ? 207 ARG A CG  1 
ATOM   590  C CD  . ARG A 1 79  ? -15.860 5.648   -1.465  1.00 45.68 ? 207 ARG A CD  1 
ATOM   591  N NE  . ARG A 1 79  ? -16.001 4.402   -2.164  1.00 48.32 ? 207 ARG A NE  1 
ATOM   592  C CZ  . ARG A 1 79  ? -15.307 3.944   -3.188  1.00 45.03 ? 207 ARG A CZ  1 
ATOM   593  N NH1 . ARG A 1 79  ? -14.415 4.665   -3.869  1.00 45.53 ? 207 ARG A NH1 1 
ATOM   594  N NH2 . ARG A 1 79  ? -15.582 2.723   -3.539  1.00 46.74 ? 207 ARG A NH2 1 
ATOM   595  N N   . ARG A 1 80  ? -13.450 5.545   2.522   1.00 31.16 ? 208 ARG A N   1 
ATOM   596  C CA  . ARG A 1 80  ? -12.398 6.536   2.754   1.00 33.15 ? 208 ARG A CA  1 
ATOM   597  C C   . ARG A 1 80  ? -11.274 6.010   3.688   1.00 32.31 ? 208 ARG A C   1 
ATOM   598  O O   . ARG A 1 80  ? -10.182 6.612   3.794   1.00 33.19 ? 208 ARG A O   1 
ATOM   599  C CB  . ARG A 1 80  ? -12.974 7.878   3.281   1.00 35.80 ? 208 ARG A CB  1 
ATOM   600  C CG  . ARG A 1 80  ? -13.663 8.738   2.166   1.00 42.19 ? 208 ARG A CG  1 
ATOM   601  C CD  . ARG A 1 80  ? -14.659 9.705   2.719   1.00 50.39 ? 208 ARG A CD  1 
ATOM   602  N NE  . ARG A 1 80  ? -14.889 9.257   4.076   1.00 59.65 ? 208 ARG A NE  1 
ATOM   603  C CZ  . ARG A 1 80  ? -15.144 10.042  5.112   1.00 64.26 ? 208 ARG A CZ  1 
ATOM   604  N NH1 . ARG A 1 80  ? -15.280 11.372  4.970   1.00 66.14 ? 208 ARG A NH1 1 
ATOM   605  N NH2 . ARG A 1 80  ? -15.277 9.467   6.306   1.00 65.16 ? 208 ARG A NH2 1 
ATOM   606  N N   . ARG A 1 81  ? -11.490 4.851   4.311   1.00 29.99 ? 209 ARG A N   1 
ATOM   607  C CA  . ARG A 1 81  ? -10.480 4.308   5.184   1.00 27.09 ? 209 ARG A CA  1 
ATOM   608  C C   . ARG A 1 81  ? -9.828  3.072   4.618   1.00 25.32 ? 209 ARG A C   1 
ATOM   609  O O   . ARG A 1 81  ? -9.285  2.276   5.376   1.00 24.30 ? 209 ARG A O   1 
ATOM   610  C CB  . ARG A 1 81  ? -11.076 4.043   6.554   1.00 27.31 ? 209 ARG A CB  1 
ATOM   611  C CG  . ARG A 1 81  ? -11.437 5.392   7.245   1.00 30.86 ? 209 ARG A CG  1 
ATOM   612  C CD  . ARG A 1 81  ? -12.507 5.192   8.200   1.00 43.64 ? 209 ARG A CD  1 
ATOM   613  N NE  . ARG A 1 81  ? -11.807 4.826   9.384   1.00 52.34 ? 209 ARG A NE  1 
ATOM   614  C CZ  . ARG A 1 81  ? -12.296 4.857   10.602  1.00 57.23 ? 209 ARG A CZ  1 
ATOM   615  N NH1 . ARG A 1 81  ? -13.578 5.212   10.835  1.00 58.75 ? 209 ARG A NH1 1 
ATOM   616  N NH2 . ARG A 1 81  ? -11.467 4.488   11.573  1.00 58.67 ? 209 ARG A NH2 1 
ATOM   617  N N   . VAL A 1 82  ? -9.949  2.891   3.313   1.00 23.96 ? 210 VAL A N   1 
ATOM   618  C CA  . VAL A 1 82  ? -9.495  1.648   2.642   1.00 22.81 ? 210 VAL A CA  1 
ATOM   619  C C   . VAL A 1 82  ? -8.707  2.091   1.441   1.00 23.63 ? 210 VAL A C   1 
ATOM   620  O O   . VAL A 1 82  ? -9.234  2.859   0.608   1.00 24.62 ? 210 VAL A O   1 
ATOM   621  C CB  . VAL A 1 82  ? -10.709 0.711   2.203   1.00 21.74 ? 210 VAL A CB  1 
ATOM   622  C CG1 . VAL A 1 82  ? -10.177 -0.469  1.348   1.00 22.24 ? 210 VAL A CG1 1 
ATOM   623  C CG2 . VAL A 1 82  ? -11.387 0.106   3.414   1.00 21.53 ? 210 VAL A CG2 1 
ATOM   624  N N   . ILE A 1 83  ? -7.422  1.685   1.380   1.00 22.95 ? 211 ILE A N   1 
ATOM   625  C CA  . ILE A 1 83  ? -6.550  1.971   0.231   1.00 21.48 ? 211 ILE A CA  1 
ATOM   626  C C   . ILE A 1 83  ? -6.231  0.638   -0.415  1.00 22.09 ? 211 ILE A C   1 
ATOM   627  O O   . ILE A 1 83  ? -5.635  -0.219  0.255   1.00 22.44 ? 211 ILE A O   1 
ATOM   628  C CB  . ILE A 1 83  ? -5.254  2.716   0.637   1.00 22.11 ? 211 ILE A CB  1 
ATOM   629  C CG1 . ILE A 1 83  ? -5.578  4.006   1.438   1.00 25.14 ? 211 ILE A CG1 1 
ATOM   630  C CG2 . ILE A 1 83  ? -4.304  3.004   -0.629  1.00 20.27 ? 211 ILE A CG2 1 
ATOM   631  C CD1 . ILE A 1 83  ? -4.309  4.701   1.934   1.00 25.92 ? 211 ILE A CD1 1 
ATOM   632  N N   . PRO A 1 84  ? -6.670  0.421   -1.676  1.00 22.63 ? 212 PRO A N   1 
ATOM   633  C CA  . PRO A 1 84  ? -6.301  -0.855  -2.357  1.00 22.64 ? 212 PRO A CA  1 
ATOM   634  C C   . PRO A 1 84  ? -4.797  -0.896  -2.546  1.00 23.29 ? 212 PRO A C   1 
ATOM   635  O O   . PRO A 1 84  ? -4.194  0.125   -2.921  1.00 21.95 ? 212 PRO A O   1 
ATOM   636  C CB  . PRO A 1 84  ? -6.935  -0.766  -3.746  1.00 25.37 ? 212 PRO A CB  1 
ATOM   637  C CG  . PRO A 1 84  ? -7.675  0.636   -3.840  1.00 22.51 ? 212 PRO A CG  1 
ATOM   638  C CD  . PRO A 1 84  ? -7.343  1.418   -2.582  1.00 25.79 ? 212 PRO A CD  1 
ATOM   639  N N   . LEU A 1 85  ? -4.164  -2.038  -2.298  1.00 21.04 ? 213 LEU A N   1 
ATOM   640  C CA  . LEU A 1 85  ? -2.764  -2.162  -2.691  1.00 20.94 ? 213 LEU A CA  1 
ATOM   641  C C   . LEU A 1 85  ? -2.557  -2.221  -4.205  1.00 21.09 ? 213 LEU A C   1 
ATOM   642  O O   . LEU A 1 85  ? -3.485  -2.585  -4.946  1.00 22.35 ? 213 LEU A O   1 
ATOM   643  C CB  . LEU A 1 85  ? -2.135  -3.441  -2.055  1.00 19.72 ? 213 LEU A CB  1 
ATOM   644  C CG  . LEU A 1 85  ? -2.319  -3.472  -0.499  1.00 23.15 ? 213 LEU A CG  1 
ATOM   645  C CD1 . LEU A 1 85  ? -1.484  -4.668  -0.009  1.00 20.96 ? 213 LEU A CD1 1 
ATOM   646  C CD2 . LEU A 1 85  ? -1.861  -2.162  0.155   1.00 24.21 ? 213 LEU A CD2 1 
ATOM   647  N N   . PRO A 1 86  ? -1.320  -1.957  -4.671  1.00 20.88 ? 214 PRO A N   1 
ATOM   648  C CA  . PRO A 1 86  ? -1.051  -2.183  -6.106  1.00 20.96 ? 214 PRO A CA  1 
ATOM   649  C C   . PRO A 1 86  ? -1.301  -3.618  -6.544  1.00 22.60 ? 214 PRO A C   1 
ATOM   650  O O   . PRO A 1 86  ? -1.098  -4.562  -5.766  1.00 23.32 ? 214 PRO A O   1 
ATOM   651  C CB  . PRO A 1 86  ? 0.441   -1.798  -6.284  1.00 20.50 ? 214 PRO A CB  1 
ATOM   652  C CG  . PRO A 1 86  ? 0.775   -0.940  -5.073  1.00 20.61 ? 214 PRO A CG  1 
ATOM   653  C CD  . PRO A 1 86  ? -0.094  -1.512  -3.954  1.00 21.93 ? 214 PRO A CD  1 
ATOM   654  N N   . GLN A 1 87  ? -1.816  -3.756  -7.762  1.00 23.10 ? 215 GLN A N   1 
ATOM   655  C CA  . GLN A 1 87  ? -2.006  -5.039  -8.412  1.00 23.97 ? 215 GLN A CA  1 
ATOM   656  C C   . GLN A 1 87  ? -0.880  -5.347  -9.399  1.00 24.62 ? 215 GLN A C   1 
ATOM   657  O O   . GLN A 1 87  ? -0.748  -6.488  -9.889  1.00 24.03 ? 215 GLN A O   1 
ATOM   658  C CB  . GLN A 1 87  ? -3.390  -5.026  -9.084  1.00 25.08 ? 215 GLN A CB  1 
ATOM   659  C CG  . GLN A 1 87  ? -4.498  -4.877  -8.024  1.00 25.63 ? 215 GLN A CG  1 
ATOM   660  C CD  . GLN A 1 87  ? -5.878  -4.954  -8.669  1.00 30.54 ? 215 GLN A CD  1 
ATOM   661  O OE1 . GLN A 1 87  ? -5.999  -5.176  -9.887  1.00 31.80 ? 215 GLN A OE1 1 
ATOM   662  N NE2 . GLN A 1 87  ? -6.919  -4.865  -7.842  1.00 33.85 ? 215 GLN A NE2 1 
ATOM   663  N N   . TRP A 1 88  ? -0.064  -4.344  -9.744  1.00 23.81 ? 216 TRP A N   1 
ATOM   664  C CA  . TRP A 1 88  ? 1.164   -4.641  -10.490 1.00 25.04 ? 216 TRP A CA  1 
ATOM   665  C C   . TRP A 1 88  ? 2.328   -3.831  -9.930  1.00 26.10 ? 216 TRP A C   1 
ATOM   666  O O   . TRP A 1 88  ? 2.115   -2.697  -9.423  1.00 25.61 ? 216 TRP A O   1 
ATOM   667  C CB  . TRP A 1 88  ? 1.084   -4.228  -11.971 1.00 26.45 ? 216 TRP A CB  1 
ATOM   668  C CG  . TRP A 1 88  ? 0.006   -4.808  -12.878 1.00 27.61 ? 216 TRP A CG  1 
ATOM   669  C CD1 . TRP A 1 88  ? 0.135   -5.837  -13.748 1.00 27.24 ? 216 TRP A CD1 1 
ATOM   670  C CD2 . TRP A 1 88  ? -1.296  -4.251  -13.089 1.00 25.56 ? 216 TRP A CD2 1 
ATOM   671  N NE1 . TRP A 1 88  ? -1.051  -6.054  -14.437 1.00 25.53 ? 216 TRP A NE1 1 
ATOM   672  C CE2 . TRP A 1 88  ? -1.946  -5.076  -14.058 1.00 27.47 ? 216 TRP A CE2 1 
ATOM   673  C CE3 . TRP A 1 88  ? -1.996  -3.171  -12.509 1.00 26.99 ? 216 TRP A CE3 1 
ATOM   674  C CZ2 . TRP A 1 88  ? -3.251  -4.834  -14.505 1.00 28.94 ? 216 TRP A CZ2 1 
ATOM   675  C CZ3 . TRP A 1 88  ? -3.313  -2.911  -12.939 1.00 31.01 ? 216 TRP A CZ3 1 
ATOM   676  C CH2 . TRP A 1 88  ? -3.933  -3.757  -13.949 1.00 31.80 ? 216 TRP A CH2 1 
ATOM   677  N N   . LYS A 1 89  ? 3.559   -4.363  -10.078 1.00 25.25 ? 217 LYS A N   1 
ATOM   678  C CA  . LYS A 1 89  ? 4.774   -3.576  -9.852  1.00 26.09 ? 217 LYS A CA  1 
ATOM   679  C C   . LYS A 1 89  ? 4.944   -2.666  -11.077 1.00 26.43 ? 217 LYS A C   1 
ATOM   680  O O   . LYS A 1 89  ? 4.718   -3.083  -12.216 1.00 28.10 ? 217 LYS A O   1 
ATOM   681  C CB  . LYS A 1 89  ? 6.030   -4.471  -9.856  1.00 25.46 ? 217 LYS A CB  1 
ATOM   682  C CG  . LYS A 1 89  ? 6.132   -5.549  -8.779  1.00 28.28 ? 217 LYS A CG  1 
ATOM   683  C CD  . LYS A 1 89  ? 7.372   -6.366  -9.144  1.00 29.39 ? 217 LYS A CD  1 
ATOM   684  C CE  . LYS A 1 89  ? 8.018   -6.996  -7.920  1.00 38.61 ? 217 LYS A CE  1 
ATOM   685  N NZ  . LYS A 1 89  ? 9.017   -8.012  -8.436  1.00 43.23 ? 217 LYS A NZ  1 
ATOM   686  N N   . ALA A 1 90  ? 5.382   -1.442  -10.850 1.00 25.87 ? 218 ALA A N   1 
ATOM   687  C CA  . ALA A 1 90  ? 5.905   -0.617  -11.918 1.00 25.07 ? 218 ALA A CA  1 
ATOM   688  C C   . ALA A 1 90  ? 7.327   -1.045  -12.260 1.00 24.98 ? 218 ALA A C   1 
ATOM   689  O O   . ALA A 1 90  ? 8.211   -1.075  -11.358 1.00 25.35 ? 218 ALA A O   1 
ATOM   690  C CB  . ALA A 1 90  ? 5.920   0.862   -11.495 1.00 23.32 ? 218 ALA A CB  1 
ATOM   691  N N   . ASN A 1 91  ? 7.617   -1.264  -13.544 1.00 24.10 ? 219 ASN A N   1 
ATOM   692  C CA  . ASN A 1 91  ? 8.969   -1.589  -13.893 1.00 26.19 ? 219 ASN A CA  1 
ATOM   693  C C   . ASN A 1 91  ? 9.829   -0.324  -13.985 1.00 26.75 ? 219 ASN A C   1 
ATOM   694  O O   . ASN A 1 91  ? 9.501   0.560   -14.821 1.00 27.25 ? 219 ASN A O   1 
ATOM   695  C CB  . ASN A 1 91  ? 8.968   -2.364  -15.216 1.00 26.73 ? 219 ASN A CB  1 
ATOM   696  C CG  . ASN A 1 91  ? 10.369  -2.850  -15.618 1.00 30.86 ? 219 ASN A CG  1 
ATOM   697  O OD1 . ASN A 1 91  ? 11.424  -2.415  -15.075 1.00 28.33 ? 219 ASN A OD1 1 
ATOM   698  N ND2 . ASN A 1 91  ? 10.374  -3.844  -16.538 1.00 29.40 ? 219 ASN A ND2 1 
ATOM   699  N N   . PRO A 1 92  ? 10.865  -0.176  -13.098 1.00 27.77 ? 220 PRO A N   1 
ATOM   700  C CA  . PRO A 1 92  ? 11.750  1.007   -13.139 1.00 29.39 ? 220 PRO A CA  1 
ATOM   701  C C   . PRO A 1 92  ? 12.436  1.147   -14.493 1.00 31.37 ? 220 PRO A C   1 
ATOM   702  O O   . PRO A 1 92  ? 12.625  2.277   -14.964 1.00 31.39 ? 220 PRO A O   1 
ATOM   703  C CB  . PRO A 1 92  ? 12.797  0.747   -12.089 1.00 29.42 ? 220 PRO A CB  1 
ATOM   704  C CG  . PRO A 1 92  ? 12.392  -0.477  -11.362 1.00 30.63 ? 220 PRO A CG  1 
ATOM   705  C CD  . PRO A 1 92  ? 11.314  -1.173  -12.129 1.00 28.68 ? 220 PRO A CD  1 
ATOM   706  N N   . GLU A 1 93  ? 12.709  0.029   -15.160 1.00 31.71 ? 221 GLU A N   1 
ATOM   707  C CA  . GLU A 1 93  ? 13.308  0.100   -16.516 1.00 33.54 ? 221 GLU A CA  1 
ATOM   708  C C   . GLU A 1 93  ? 12.355  0.583   -17.636 1.00 34.35 ? 221 GLU A C   1 
ATOM   709  O O   . GLU A 1 93  ? 12.837  1.110   -18.649 1.00 35.25 ? 221 GLU A O   1 
ATOM   710  C CB  . GLU A 1 93  ? 14.078  -1.200  -16.837 1.00 34.32 ? 221 GLU A CB  1 
ATOM   711  C CG  . GLU A 1 93  ? 15.339  -1.359  -15.882 1.00 36.85 ? 221 GLU A CG  1 
ATOM   712  C CD  . GLU A 1 93  ? 15.991  -2.758  -15.896 1.00 41.52 ? 221 GLU A CD  1 
ATOM   713  O OE1 . GLU A 1 93  ? 15.522  -3.660  -16.636 1.00 44.91 ? 221 GLU A OE1 1 
ATOM   714  O OE2 . GLU A 1 93  ? 16.975  -2.973  -15.144 1.00 40.96 ? 221 GLU A OE2 1 
ATOM   715  N N   . THR A 1 94  ? 11.015  0.470   -17.475 1.00 32.12 ? 222 THR A N   1 
ATOM   716  C CA  . THR A 1 94  ? 10.114  0.928   -18.549 1.00 31.46 ? 222 THR A CA  1 
ATOM   717  C C   . THR A 1 94  ? 9.111   2.009   -18.119 1.00 30.74 ? 222 THR A C   1 
ATOM   718  O O   . THR A 1 94  ? 8.744   2.879   -18.910 1.00 31.60 ? 222 THR A O   1 
ATOM   719  C CB  . THR A 1 94  ? 9.313   -0.241  -19.160 1.00 32.14 ? 222 THR A CB  1 
ATOM   720  O OG1 . THR A 1 94  ? 8.441   -0.809  -18.138 1.00 31.91 ? 222 THR A OG1 1 
ATOM   721  C CG2 . THR A 1 94  ? 10.267  -1.344  -19.723 1.00 33.36 ? 222 THR A CG2 1 
ATOM   722  N N   . ASP A 1 95  ? 8.626   1.948   -16.878 1.00 29.21 ? 223 ASP A N   1 
ATOM   723  C CA  . ASP A 1 95  ? 7.613   2.917   -16.364 1.00 28.97 ? 223 ASP A CA  1 
ATOM   724  C C   . ASP A 1 95  ? 8.013   3.579   -15.059 1.00 27.62 ? 223 ASP A C   1 
ATOM   725  O O   . ASP A 1 95  ? 7.234   3.552   -14.092 1.00 26.05 ? 223 ASP A O   1 
ATOM   726  C CB  . ASP A 1 95  ? 6.278   2.180   -16.186 1.00 29.04 ? 223 ASP A CB  1 
ATOM   727  C CG  . ASP A 1 95  ? 5.815   1.535   -17.499 1.00 31.50 ? 223 ASP A CG  1 
ATOM   728  O OD1 . ASP A 1 95  ? 5.277   2.267   -18.351 1.00 30.03 ? 223 ASP A OD1 1 
ATOM   729  O OD2 . ASP A 1 95  ? 6.052   0.326   -17.713 1.00 29.10 ? 223 ASP A OD2 1 
ATOM   730  N N   . PRO A 1 96  ? 9.213   4.221   -15.044 1.00 27.02 ? 224 PRO A N   1 
ATOM   731  C CA  . PRO A 1 96  ? 9.844   4.748   -13.844 1.00 26.14 ? 224 PRO A CA  1 
ATOM   732  C C   . PRO A 1 96  ? 9.007   5.821   -13.158 1.00 26.53 ? 224 PRO A C   1 
ATOM   733  O O   . PRO A 1 96  ? 9.114   6.039   -11.929 1.00 25.43 ? 224 PRO A O   1 
ATOM   734  C CB  . PRO A 1 96  ? 11.183  5.330   -14.366 1.00 28.48 ? 224 PRO A CB  1 
ATOM   735  C CG  . PRO A 1 96  ? 10.953  5.654   -15.787 1.00 28.68 ? 224 PRO A CG  1 
ATOM   736  C CD  . PRO A 1 96  ? 9.980   4.573   -16.264 1.00 27.84 ? 224 PRO A CD  1 
ATOM   737  N N   . GLU A 1 97  ? 8.151   6.469   -13.952 1.00 27.31 ? 225 GLU A N   1 
ATOM   738  C CA  . GLU A 1 97  ? 7.360   7.600   -13.488 1.00 26.77 ? 225 GLU A CA  1 
ATOM   739  C C   . GLU A 1 97  ? 6.231   7.154   -12.617 1.00 25.70 ? 225 GLU A C   1 
ATOM   740  O O   . GLU A 1 97  ? 5.629   7.960   -11.908 1.00 28.30 ? 225 GLU A O   1 
ATOM   741  C CB  . GLU A 1 97  ? 6.839   8.417   -14.713 1.00 26.57 ? 225 GLU A CB  1 
ATOM   742  C CG  . GLU A 1 97  ? 5.576   7.817   -15.482 1.00 27.23 ? 225 GLU A CG  1 
ATOM   743  C CD  . GLU A 1 97  ? 5.956   6.798   -16.590 1.00 31.08 ? 225 GLU A CD  1 
ATOM   744  O OE1 . GLU A 1 97  ? 7.150   6.364   -16.665 1.00 29.65 ? 225 GLU A OE1 1 
ATOM   745  O OE2 . GLU A 1 97  ? 5.028   6.399   -17.351 1.00 31.12 ? 225 GLU A OE2 1 
ATOM   746  N N   . ALA A 1 98  ? 5.942   5.861   -12.656 1.00 24.76 ? 226 ALA A N   1 
ATOM   747  C CA  . ALA A 1 98  ? 4.877   5.223   -11.882 1.00 25.72 ? 226 ALA A CA  1 
ATOM   748  C C   . ALA A 1 98  ? 5.423   4.670   -10.521 1.00 25.84 ? 226 ALA A C   1 
ATOM   749  O O   . ALA A 1 98  ? 4.746   3.906   -9.853  1.00 26.34 ? 226 ALA A O   1 
ATOM   750  C CB  . ALA A 1 98  ? 4.257   4.100   -12.712 1.00 26.18 ? 226 ALA A CB  1 
ATOM   751  N N   . LEU A 1 99  ? 6.656   5.044   -10.153 1.00 24.75 ? 227 LEU A N   1 
ATOM   752  C CA  . LEU A 1 99  ? 7.230   4.723   -8.815  1.00 23.56 ? 227 LEU A CA  1 
ATOM   753  C C   . LEU A 1 99  ? 7.185   5.954   -7.921  1.00 24.56 ? 227 LEU A C   1 
ATOM   754  O O   . LEU A 1 99  ? 7.370   7.049   -8.435  1.00 26.05 ? 227 LEU A O   1 
ATOM   755  C CB  . LEU A 1 99  ? 8.710   4.320   -8.941  1.00 22.74 ? 227 LEU A CB  1 
ATOM   756  C CG  . LEU A 1 99  ? 8.945   2.992   -9.698  1.00 22.03 ? 227 LEU A CG  1 
ATOM   757  C CD1 . LEU A 1 99  ? 10.429  2.740   -9.995  1.00 24.71 ? 227 LEU A CD1 1 
ATOM   758  C CD2 . LEU A 1 99  ? 8.323   1.837   -8.928  1.00 21.07 ? 227 LEU A CD2 1 
ATOM   759  N N   . PHE A 1 100 ? 7.004   5.788   -6.608  1.00 24.16 ? 228 PHE A N   1 
ATOM   760  C CA  . PHE A 1 100 ? 7.143   6.932   -5.700  1.00 24.92 ? 228 PHE A CA  1 
ATOM   761  C C   . PHE A 1 100 ? 8.630   7.357   -5.712  1.00 25.13 ? 228 PHE A C   1 
ATOM   762  O O   . PHE A 1 100 ? 9.548   6.503   -5.890  1.00 24.78 ? 228 PHE A O   1 
ATOM   763  C CB  . PHE A 1 100 ? 6.717   6.639   -4.270  1.00 23.96 ? 228 PHE A CB  1 
ATOM   764  C CG  . PHE A 1 100 ? 5.262   6.309   -4.122  1.00 26.06 ? 228 PHE A CG  1 
ATOM   765  C CD1 . PHE A 1 100 ? 4.312   7.331   -4.089  1.00 25.64 ? 228 PHE A CD1 1 
ATOM   766  C CD2 . PHE A 1 100 ? 4.845   4.976   -3.997  1.00 22.46 ? 228 PHE A CD2 1 
ATOM   767  C CE1 . PHE A 1 100 ? 2.942   7.039   -3.960  1.00 26.87 ? 228 PHE A CE1 1 
ATOM   768  C CE2 . PHE A 1 100 ? 3.507   4.657   -3.823  1.00 24.19 ? 228 PHE A CE2 1 
ATOM   769  C CZ  . PHE A 1 100 ? 2.520   5.694   -3.815  1.00 22.79 ? 228 PHE A CZ  1 
ATOM   770  N N   . GLN A 1 101 ? 8.858   8.671   -5.604  1.00 23.70 ? 229 GLN A N   1 
ATOM   771  C CA  . GLN A 1 101 ? 10.200  9.232   -5.729  1.00 24.33 ? 229 GLN A CA  1 
ATOM   772  C C   . GLN A 1 101 ? 10.801  9.586   -4.337  1.00 25.32 ? 229 GLN A C   1 
ATOM   773  O O   . GLN A 1 101 ? 10.081  9.736   -3.330  1.00 23.46 ? 229 GLN A O   1 
ATOM   774  C CB  . GLN A 1 101 ? 10.232  10.425  -6.773  1.00 25.71 ? 229 GLN A CB  1 
ATOM   775  C CG  . GLN A 1 101 ? 9.690   10.096  -8.218  1.00 25.83 ? 229 GLN A CG  1 
ATOM   776  C CD  . GLN A 1 101 ? 10.312  8.746   -8.927  1.00 38.31 ? 229 GLN A CD  1 
ATOM   777  O OE1 . GLN A 1 101 ? 11.496  8.412   -8.686  1.00 46.07 ? 229 GLN A OE1 1 
ATOM   778  N NE2 . GLN A 1 101 ? 9.525   8.050   -9.839  1.00 27.01 ? 229 GLN A NE2 1 
ATOM   779  N N   . LYS A 1 102 ? 12.139  9.660   -4.277  1.00 25.56 ? 230 LYS A N   1 
ATOM   780  C CA  . LYS A 1 102 ? 12.838  10.027  -3.070  1.00 27.06 ? 230 LYS A CA  1 
ATOM   781  C C   . LYS A 1 102 ? 12.143  11.187  -2.353  1.00 28.02 ? 230 LYS A C   1 
ATOM   782  O O   . LYS A 1 102 ? 11.723  12.181  -2.990  1.00 25.97 ? 230 LYS A O   1 
ATOM   783  C CB  . LYS A 1 102 ? 14.284  10.414  -3.411  1.00 29.05 ? 230 LYS A CB  1 
ATOM   784  C CG  . LYS A 1 102 ? 15.081  10.884  -2.248  1.00 36.30 ? 230 LYS A CG  1 
ATOM   785  C CD  . LYS A 1 102 ? 16.309  11.715  -2.705  1.00 44.56 ? 230 LYS A CD  1 
ATOM   786  C CE  . LYS A 1 102 ? 17.208  12.075  -1.524  1.00 48.98 ? 230 LYS A CE  1 
ATOM   787  N NZ  . LYS A 1 102 ? 17.973  10.837  -0.996  1.00 50.59 ? 230 LYS A NZ  1 
ATOM   788  N N   . GLU A 1 103 ? 12.030  11.044  -1.023  1.00 26.97 ? 231 GLU A N   1 
ATOM   789  C CA  . GLU A 1 103 ? 11.437  12.026  -0.163  1.00 28.31 ? 231 GLU A CA  1 
ATOM   790  C C   . GLU A 1 103 ? 9.903   12.110  -0.155  1.00 28.06 ? 231 GLU A C   1 
ATOM   791  O O   . GLU A 1 103 ? 9.327   12.728  0.773   1.00 29.80 ? 231 GLU A O   1 
ATOM   792  C CB  . GLU A 1 103 ? 12.128  13.437  -0.278  1.00 28.60 ? 231 GLU A CB  1 
ATOM   793  C CG  . GLU A 1 103 ? 11.971  14.246  0.971   1.00 37.19 ? 231 GLU A CG  1 
ATOM   794  C CD  . GLU A 1 103 ? 12.675  15.589  0.927   1.00 43.65 ? 231 GLU A CD  1 
ATOM   795  O OE1 . GLU A 1 103 ? 13.520  15.831  0.020   1.00 47.12 ? 231 GLU A OE1 1 
ATOM   796  O OE2 . GLU A 1 103 ? 12.365  16.376  1.844   1.00 48.48 ? 231 GLU A OE2 1 
ATOM   797  N N   . GLN A 1 104 ? 9.212   11.440  -1.059  1.00 26.05 ? 232 GLN A N   1 
ATOM   798  C CA  . GLN A 1 104 ? 7.719   11.391  -0.931  1.00 26.67 ? 232 GLN A CA  1 
ATOM   799  C C   . GLN A 1 104 ? 7.251   10.664  0.305   1.00 27.18 ? 232 GLN A C   1 
ATOM   800  O O   . GLN A 1 104 ? 7.812   9.613   0.680   1.00 25.81 ? 232 GLN A O   1 
ATOM   801  C CB  . GLN A 1 104 ? 7.074   10.777  -2.127  1.00 26.04 ? 232 GLN A CB  1 
ATOM   802  C CG  . GLN A 1 104 ? 7.437   11.640  -3.408  1.00 29.20 ? 232 GLN A CG  1 
ATOM   803  C CD  . GLN A 1 104 ? 6.912   11.078  -4.752  1.00 29.64 ? 232 GLN A CD  1 
ATOM   804  O OE1 . GLN A 1 104 ? 6.264   10.028  -4.829  1.00 34.34 ? 232 GLN A OE1 1 
ATOM   805  N NE2 . GLN A 1 104 ? 7.239   11.779  -5.824  1.00 34.23 ? 232 GLN A NE2 1 
ATOM   806  N N   . LEU A 1 105 ? 6.222   11.239  0.923   1.00 24.04 ? 233 LEU A N   1 
ATOM   807  C CA  . LEU A 1 105 ? 5.548   10.656  2.062   1.00 26.12 ? 233 LEU A CA  1 
ATOM   808  C C   . LEU A 1 105 ? 4.652   9.533   1.571   1.00 25.45 ? 233 LEU A C   1 
ATOM   809  O O   . LEU A 1 105 ? 3.969   9.706   0.522   1.00 25.25 ? 233 LEU A O   1 
ATOM   810  C CB  . LEU A 1 105 ? 4.726   11.764  2.764   1.00 24.82 ? 233 LEU A CB  1 
ATOM   811  C CG  . LEU A 1 105 ? 3.787   11.184  3.824   1.00 27.67 ? 233 LEU A CG  1 
ATOM   812  C CD1 . LEU A 1 105 ? 4.604   10.653  5.007   1.00 27.82 ? 233 LEU A CD1 1 
ATOM   813  C CD2 . LEU A 1 105 ? 2.755   12.298  4.273   1.00 29.04 ? 233 LEU A CD2 1 
ATOM   814  N N   . VAL A 1 106 ? 4.775   8.357   2.216   1.00 23.21 ? 234 VAL A N   1 
ATOM   815  C CA  . VAL A 1 106 ? 3.916   7.213   1.923   1.00 22.09 ? 234 VAL A CA  1 
ATOM   816  C C   . VAL A 1 106 ? 3.487   6.509   3.176   1.00 21.55 ? 234 VAL A C   1 
ATOM   817  O O   . VAL A 1 106 ? 3.936   6.832   4.286   1.00 23.39 ? 234 VAL A O   1 
ATOM   818  C CB  . VAL A 1 106 ? 4.669   6.152   1.072   1.00 20.86 ? 234 VAL A CB  1 
ATOM   819  C CG1 . VAL A 1 106 ? 4.992   6.701   -0.290  1.00 24.90 ? 234 VAL A CG1 1 
ATOM   820  C CG2 . VAL A 1 106 ? 6.015   5.686   1.787   1.00 19.00 ? 234 VAL A CG2 1 
ATOM   821  N N   . LEU A 1 107 ? 2.663   5.488   2.999   1.00 22.69 ? 235 LEU A N   1 
ATOM   822  C CA  . LEU A 1 107 ? 2.331   4.569   4.066   1.00 22.72 ? 235 LEU A CA  1 
ATOM   823  C C   . LEU A 1 107 ? 3.021   3.249   3.604   1.00 22.56 ? 235 LEU A C   1 
ATOM   824  O O   . LEU A 1 107 ? 2.884   2.904   2.433   1.00 21.39 ? 235 LEU A O   1 
ATOM   825  C CB  . LEU A 1 107 ? 0.795   4.396   4.162   1.00 23.27 ? 235 LEU A CB  1 
ATOM   826  C CG  . LEU A 1 107 ? 0.031   5.464   4.971   1.00 26.20 ? 235 LEU A CG  1 
ATOM   827  C CD1 . LEU A 1 107 ? -1.405  5.245   4.720   1.00 27.64 ? 235 LEU A CD1 1 
ATOM   828  C CD2 . LEU A 1 107 ? 0.347   5.282   6.462   1.00 28.01 ? 235 LEU A CD2 1 
ATOM   829  N N   . ALA A 1 108 ? 3.711   2.538   4.495   1.00 22.06 ? 236 ALA A N   1 
ATOM   830  C CA  . ALA A 1 108 ? 4.524   1.358   4.111   1.00 21.87 ? 236 ALA A CA  1 
ATOM   831  C C   . ALA A 1 108 ? 4.428   0.319   5.192   1.00 22.53 ? 236 ALA A C   1 
ATOM   832  O O   . ALA A 1 108 ? 4.388   0.661   6.367   1.00 23.56 ? 236 ALA A O   1 
ATOM   833  C CB  . ALA A 1 108 ? 6.002   1.732   3.887   1.00 23.22 ? 236 ALA A CB  1 
ATOM   834  N N   . LEU A 1 109 ? 4.441   -0.955  4.768   1.00 22.12 ? 237 LEU A N   1 
ATOM   835  C CA  . LEU A 1 109 ? 4.295   -2.044  5.689   1.00 23.72 ? 237 LEU A CA  1 
ATOM   836  C C   . LEU A 1 109 ? 5.589   -2.178  6.434   1.00 22.54 ? 237 LEU A C   1 
ATOM   837  O O   . LEU A 1 109 ? 6.652   -2.307  5.812   1.00 21.04 ? 237 LEU A O   1 
ATOM   838  C CB  . LEU A 1 109 ? 3.942   -3.348  4.928   1.00 23.07 ? 237 LEU A CB  1 
ATOM   839  C CG  . LEU A 1 109 ? 3.386   -4.482  5.808   1.00 26.70 ? 237 LEU A CG  1 
ATOM   840  C CD1 . LEU A 1 109 ? 1.992   -4.261  6.442   1.00 23.37 ? 237 LEU A CD1 1 
ATOM   841  C CD2 . LEU A 1 109 ? 3.456   -5.890  5.145   1.00 27.70 ? 237 LEU A CD2 1 
ATOM   842  N N   . TYR A 1 110 ? 5.507   -2.160  7.755   1.00 22.82 ? 238 TYR A N   1 
ATOM   843  C CA  . TYR A 1 110 ? 6.709   -2.297  8.565   1.00 24.72 ? 238 TYR A CA  1 
ATOM   844  C C   . TYR A 1 110 ? 7.213   -3.743  8.602   1.00 25.08 ? 238 TYR A C   1 
ATOM   845  O O   . TYR A 1 110 ? 6.429   -4.659  8.737   1.00 24.52 ? 238 TYR A O   1 
ATOM   846  C CB  . TYR A 1 110 ? 6.451   -1.839  9.989   1.00 25.91 ? 238 TYR A CB  1 
ATOM   847  C CG  . TYR A 1 110 ? 7.758   -1.589  10.758  1.00 25.27 ? 238 TYR A CG  1 
ATOM   848  C CD1 . TYR A 1 110 ? 8.449   -0.425  10.555  1.00 24.07 ? 238 TYR A CD1 1 
ATOM   849  C CD2 . TYR A 1 110 ? 8.284   -2.534  11.664  1.00 28.22 ? 238 TYR A CD2 1 
ATOM   850  C CE1 . TYR A 1 110 ? 9.624   -0.106  11.236  1.00 27.39 ? 238 TYR A CE1 1 
ATOM   851  C CE2 . TYR A 1 110 ? 9.529   -2.233  12.391  1.00 29.07 ? 238 TYR A CE2 1 
ATOM   852  C CZ  . TYR A 1 110 ? 10.176  -1.002  12.133  1.00 28.88 ? 238 TYR A CZ  1 
ATOM   853  O OH  . TYR A 1 110 ? 11.373  -0.572  12.738  1.00 29.85 ? 238 TYR A OH  1 
ATOM   854  N N   . PRO A 1 111 ? 8.537   -3.940  8.474   1.00 26.89 ? 239 PRO A N   1 
ATOM   855  C CA  . PRO A 1 111 ? 9.026   -5.330  8.369   1.00 28.25 ? 239 PRO A CA  1 
ATOM   856  C C   . PRO A 1 111 ? 8.517   -6.250  9.493   1.00 28.56 ? 239 PRO A C   1 
ATOM   857  O O   . PRO A 1 111 ? 8.592   -5.871  10.651  1.00 28.25 ? 239 PRO A O   1 
ATOM   858  C CB  . PRO A 1 111 ? 10.565  -5.153  8.451   1.00 28.56 ? 239 PRO A CB  1 
ATOM   859  C CG  . PRO A 1 111 ? 10.803  -3.851  7.658   1.00 28.83 ? 239 PRO A CG  1 
ATOM   860  C CD  . PRO A 1 111 ? 9.608   -2.944  8.215   1.00 24.60 ? 239 PRO A CD  1 
ATOM   861  N N   . GLN A 1 112 ? 7.973   -7.423  9.111   1.00 31.36 ? 240 GLN A N   1 
ATOM   862  C CA  . GLN A 1 112 ? 7.489   -8.466  10.050  1.00 32.26 ? 240 GLN A CA  1 
ATOM   863  C C   . GLN A 1 112 ? 6.265   -8.071  10.828  1.00 33.33 ? 240 GLN A C   1 
ATOM   864  O O   . GLN A 1 112 ? 5.997   -8.603  11.916  1.00 33.43 ? 240 GLN A O   1 
ATOM   865  C CB  . GLN A 1 112 ? 8.619   -8.923  10.990  1.00 32.90 ? 240 GLN A CB  1 
ATOM   866  C CG  . GLN A 1 112 ? 9.591   -9.738  10.203  1.00 36.61 ? 240 GLN A CG  1 
ATOM   867  C CD  . GLN A 1 112 ? 10.318  -10.769 11.052  1.00 41.71 ? 240 GLN A CD  1 
ATOM   868  O OE1 . GLN A 1 112 ? 10.028  -10.928 12.239  1.00 43.60 ? 240 GLN A OE1 1 
ATOM   869  N NE2 . GLN A 1 112 ? 11.334  -11.408 10.465  1.00 40.46 ? 240 GLN A NE2 1 
ATOM   870  N N   . THR A 1 113 ? 5.522   -7.100  10.289  1.00 31.05 ? 241 THR A N   1 
ATOM   871  C CA  . THR A 1 113 ? 4.268   -6.715  10.881  1.00 29.18 ? 241 THR A CA  1 
ATOM   872  C C   . THR A 1 113 ? 3.182   -6.835  9.832   1.00 29.13 ? 241 THR A C   1 
ATOM   873  O O   . THR A 1 113 ? 3.460   -6.989  8.618   1.00 27.88 ? 241 THR A O   1 
ATOM   874  C CB  . THR A 1 113 ? 4.219   -5.243  11.405  1.00 28.89 ? 241 THR A CB  1 
ATOM   875  O OG1 . THR A 1 113 ? 4.121   -4.310  10.301  1.00 29.04 ? 241 THR A OG1 1 
ATOM   876  C CG2 . THR A 1 113 ? 5.374   -4.906  12.357  1.00 28.72 ? 241 THR A CG2 1 
ATOM   877  N N   . THR A 1 114 ? 1.941   -6.712  10.276  1.00 25.69 ? 242 THR A N   1 
ATOM   878  C CA  . THR A 1 114 ? 0.876   -6.486  9.287   1.00 27.09 ? 242 THR A CA  1 
ATOM   879  C C   . THR A 1 114 ? 0.347   -5.062  9.447   1.00 26.52 ? 242 THR A C   1 
ATOM   880  O O   . THR A 1 114 ? -0.855  -4.797  9.213   1.00 28.18 ? 242 THR A O   1 
ATOM   881  C CB  . THR A 1 114 ? -0.249  -7.519  9.420   1.00 25.26 ? 242 THR A CB  1 
ATOM   882  O OG1 . THR A 1 114 ? -0.819  -7.388  10.736  1.00 25.80 ? 242 THR A OG1 1 
ATOM   883  C CG2 . THR A 1 114 ? 0.288   -8.897  9.247   1.00 30.10 ? 242 THR A CG2 1 
ATOM   884  N N   . CYS A 1 115 ? 1.239   -4.141  9.808   1.00 25.38 ? 243 CYS A N   1 
ATOM   885  C CA  . CYS A 1 115 ? 0.872   -2.743  9.940   1.00 26.62 ? 243 CYS A CA  1 
ATOM   886  C C   . CYS A 1 115 ? 1.635   -1.801  9.031   1.00 25.48 ? 243 CYS A C   1 
ATOM   887  O O   . CYS A 1 115 ? 2.844   -1.947  8.810   1.00 23.45 ? 243 CYS A O   1 
ATOM   888  C CB  . CYS A 1 115 ? 1.079   -2.237  11.333  1.00 28.50 ? 243 CYS A CB  1 
ATOM   889  S SG  . CYS A 1 115 ? 0.045   -3.052  12.603  1.00 36.30 ? 243 CYS A SG  1 
ATOM   890  N N   . PHE A 1 116 ? 0.901   -0.770  8.604   1.00 23.88 ? 244 PHE A N   1 
ATOM   891  C CA  . PHE A 1 116 ? 1.427   0.344   7.797   1.00 22.58 ? 244 PHE A CA  1 
ATOM   892  C C   . PHE A 1 116 ? 1.738   1.561   8.608   1.00 23.48 ? 244 PHE A C   1 
ATOM   893  O O   . PHE A 1 116 ? 0.970   1.944   9.503   1.00 24.83 ? 244 PHE A O   1 
ATOM   894  C CB  . PHE A 1 116 ? 0.414   0.746   6.713   1.00 22.02 ? 244 PHE A CB  1 
ATOM   895  C CG  . PHE A 1 116 ? 0.250   -0.263  5.623   1.00 20.51 ? 244 PHE A CG  1 
ATOM   896  C CD1 . PHE A 1 116 ? 1.036   -0.241  4.469   1.00 19.74 ? 244 PHE A CD1 1 
ATOM   897  C CD2 . PHE A 1 116 ? -0.731  -1.228  5.737   1.00 23.97 ? 244 PHE A CD2 1 
ATOM   898  C CE1 . PHE A 1 116 ? 0.867   -1.183  3.493   1.00 20.41 ? 244 PHE A CE1 1 
ATOM   899  C CE2 . PHE A 1 116 ? -0.911  -2.178  4.756   1.00 22.02 ? 244 PHE A CE2 1 
ATOM   900  C CZ  . PHE A 1 116 ? -0.104  -2.127  3.579   1.00 21.46 ? 244 PHE A CZ  1 
ATOM   901  N N   . TYR A 1 117 ? 2.835   2.239   8.284   1.00 22.67 ? 245 TYR A N   1 
ATOM   902  C CA  . TYR A 1 117 ? 3.164   3.457   9.002   1.00 23.19 ? 245 TYR A CA  1 
ATOM   903  C C   . TYR A 1 117 ? 3.690   4.423   8.042   1.00 23.16 ? 245 TYR A C   1 
ATOM   904  O O   . TYR A 1 117 ? 4.167   4.026   6.932   1.00 22.78 ? 245 TYR A O   1 
ATOM   905  C CB  . TYR A 1 117 ? 4.300   3.232   10.058  1.00 24.85 ? 245 TYR A CB  1 
ATOM   906  C CG  . TYR A 1 117 ? 3.940   2.253   11.128  1.00 26.29 ? 245 TYR A CG  1 
ATOM   907  C CD1 . TYR A 1 117 ? 3.209   2.671   12.276  1.00 29.76 ? 245 TYR A CD1 1 
ATOM   908  C CD2 . TYR A 1 117 ? 4.355   0.950   11.052  1.00 27.22 ? 245 TYR A CD2 1 
ATOM   909  C CE1 . TYR A 1 117 ? 2.894   1.792   13.253  1.00 29.89 ? 245 TYR A CE1 1 
ATOM   910  C CE2 . TYR A 1 117 ? 4.026   0.044   12.059  1.00 29.20 ? 245 TYR A CE2 1 
ATOM   911  C CZ  . TYR A 1 117 ? 3.301   0.480   13.157  1.00 26.09 ? 245 TYR A CZ  1 
ATOM   912  O OH  . TYR A 1 117 ? 2.980   -0.425  14.170  1.00 31.97 ? 245 TYR A OH  1 
ATOM   913  N N   . ARG A 1 118 ? 3.622   5.704   8.429   1.00 22.68 ? 246 ARG A N   1 
ATOM   914  C CA  . ARG A 1 118 ? 4.242   6.804   7.637   1.00 22.16 ? 246 ARG A CA  1 
ATOM   915  C C   . ARG A 1 118 ? 5.751   6.674   7.409   1.00 22.79 ? 246 ARG A C   1 
ATOM   916  O O   . ARG A 1 118 ? 6.551   6.436   8.358   1.00 23.92 ? 246 ARG A O   1 
ATOM   917  C CB  . ARG A 1 118 ? 3.962   8.136   8.312   1.00 23.52 ? 246 ARG A CB  1 
ATOM   918  C CG  . ARG A 1 118 ? 2.451   8.455   8.296   1.00 28.68 ? 246 ARG A CG  1 
ATOM   919  C CD  . ARG A 1 118 ? 2.149   9.522   9.307   1.00 38.33 ? 246 ARG A CD  1 
ATOM   920  N NE  . ARG A 1 118 ? 2.787   10.744  8.905   1.00 36.42 ? 246 ARG A NE  1 
ATOM   921  C CZ  . ARG A 1 118 ? 2.169   11.703  8.216   1.00 44.00 ? 246 ARG A CZ  1 
ATOM   922  N NH1 . ARG A 1 118 ? 0.887   11.560  7.857   1.00 40.43 ? 246 ARG A NH1 1 
ATOM   923  N NH2 . ARG A 1 118 ? 2.837   12.795  7.886   1.00 41.31 ? 246 ARG A NH2 1 
ATOM   924  N N   . ALA A 1 119 ? 6.170   6.859   6.173   1.00 22.31 ? 247 ALA A N   1 
ATOM   925  C CA  . ALA A 1 119 ? 7.593   6.817   5.870   1.00 23.77 ? 247 ALA A CA  1 
ATOM   926  C C   . ALA A 1 119 ? 7.880   7.751   4.727   1.00 24.13 ? 247 ALA A C   1 
ATOM   927  O O   . ALA A 1 119 ? 6.954   8.039   3.963   1.00 24.86 ? 247 ALA A O   1 
ATOM   928  C CB  . ALA A 1 119 ? 7.969   5.393   5.408   1.00 22.44 ? 247 ALA A CB  1 
ATOM   929  N N   . LEU A 1 120 ? 9.162   8.093   4.542   1.00 24.39 ? 248 LEU A N   1 
ATOM   930  C CA  . LEU A 1 120 ? 9.662   8.791   3.363   1.00 25.38 ? 248 LEU A CA  1 
ATOM   931  C C   . LEU A 1 120 ? 10.451  7.827   2.491   1.00 25.36 ? 248 LEU A C   1 
ATOM   932  O O   . LEU A 1 120 ? 11.244  7.011   2.986   1.00 25.75 ? 248 LEU A O   1 
ATOM   933  C CB  . LEU A 1 120 ? 10.570  9.927   3.768   1.00 26.26 ? 248 LEU A CB  1 
ATOM   934  C CG  . LEU A 1 120 ? 9.931   11.110  4.526   1.00 31.07 ? 248 LEU A CG  1 
ATOM   935  C CD1 . LEU A 1 120 ? 10.981  12.234  4.803   1.00 33.70 ? 248 LEU A CD1 1 
ATOM   936  C CD2 . LEU A 1 120 ? 8.682   11.663  3.806   1.00 29.64 ? 248 LEU A CD2 1 
ATOM   937  N N   . ILE A 1 121 ? 10.254  7.945   1.186   1.00 25.83 ? 249 ILE A N   1 
ATOM   938  C CA  . ILE A 1 121 ? 11.043  7.207   0.231   1.00 25.97 ? 249 ILE A CA  1 
ATOM   939  C C   . ILE A 1 121 ? 12.545  7.568   0.382   1.00 26.83 ? 249 ILE A C   1 
ATOM   940  O O   . ILE A 1 121 ? 12.966  8.752   0.309   1.00 25.84 ? 249 ILE A O   1 
ATOM   941  C CB  . ILE A 1 121 ? 10.519  7.325   -1.231  1.00 25.34 ? 249 ILE A CB  1 
ATOM   942  C CG1 . ILE A 1 121 ? 9.013   6.932   -1.327  1.00 26.70 ? 249 ILE A CG1 1 
ATOM   943  C CG2 . ILE A 1 121 ? 11.427  6.577   -2.228  1.00 27.01 ? 249 ILE A CG2 1 
ATOM   944  C CD1 . ILE A 1 121 ? 8.637   5.446   -0.854  1.00 24.97 ? 249 ILE A CD1 1 
ATOM   945  N N   . HIS A 1 122 ? 13.351  6.539   0.657   1.00 26.65 ? 250 HIS A N   1 
ATOM   946  C CA  . HIS A 1 122 ? 14.837  6.730   0.619   1.00 26.94 ? 250 HIS A CA  1 
ATOM   947  C C   . HIS A 1 122 ? 15.365  6.479   -0.793  1.00 27.72 ? 250 HIS A C   1 
ATOM   948  O O   . HIS A 1 122 ? 16.105  7.328   -1.417  1.00 27.66 ? 250 HIS A O   1 
ATOM   949  C CB  . HIS A 1 122 ? 15.528  5.806   1.690   1.00 27.17 ? 250 HIS A CB  1 
ATOM   950  C CG  . HIS A 1 122 ? 17.028  5.840   1.625   1.00 27.88 ? 250 HIS A CG  1 
ATOM   951  N ND1 . HIS A 1 122 ? 17.750  6.954   2.002   1.00 33.17 ? 250 HIS A ND1 1 
ATOM   952  C CD2 . HIS A 1 122 ? 17.936  4.932   1.185   1.00 28.85 ? 250 HIS A CD2 1 
ATOM   953  C CE1 . HIS A 1 122 ? 19.043  6.717   1.831   1.00 34.81 ? 250 HIS A CE1 1 
ATOM   954  N NE2 . HIS A 1 122 ? 19.176  5.508   1.317   1.00 32.34 ? 250 HIS A NE2 1 
ATOM   955  N N   . ALA A 1 123 ? 14.944  5.339   -1.369  1.00 27.36 ? 251 ALA A N   1 
ATOM   956  C CA  . ALA A 1 123 ? 15.310  5.029   -2.709  1.00 27.94 ? 251 ALA A CA  1 
ATOM   957  C C   . ALA A 1 123 ? 14.226  4.174   -3.395  1.00 28.51 ? 251 ALA A C   1 
ATOM   958  O O   . ALA A 1 123 ? 13.760  3.185   -2.838  1.00 27.68 ? 251 ALA A O   1 
ATOM   959  C CB  . ALA A 1 123 ? 16.722  4.296   -2.727  1.00 28.42 ? 251 ALA A CB  1 
ATOM   960  N N   . PRO A 1 124 ? 13.789  4.588   -4.589  1.00 28.57 ? 252 PRO A N   1 
ATOM   961  C CA  . PRO A 1 124 ? 12.875  3.698   -5.327  1.00 27.82 ? 252 PRO A CA  1 
ATOM   962  C C   . PRO A 1 124 ? 13.649  2.490   -5.899  1.00 27.36 ? 252 PRO A C   1 
ATOM   963  O O   . PRO A 1 124 ? 14.866  2.538   -5.977  1.00 27.34 ? 252 PRO A O   1 
ATOM   964  C CB  . PRO A 1 124 ? 12.381  4.563   -6.482  1.00 26.69 ? 252 PRO A CB  1 
ATOM   965  C CG  . PRO A 1 124 ? 13.521  5.570   -6.683  1.00 29.96 ? 252 PRO A CG  1 
ATOM   966  C CD  . PRO A 1 124 ? 14.064  5.852   -5.324  1.00 29.54 ? 252 PRO A CD  1 
ATOM   967  N N   . PRO A 1 125 ? 12.928  1.434   -6.280  1.00 26.82 ? 253 PRO A N   1 
ATOM   968  C CA  . PRO A 1 125 ? 13.561  0.296   -6.977  1.00 27.57 ? 253 PRO A CA  1 
ATOM   969  C C   . PRO A 1 125 ? 14.259  0.751   -8.207  1.00 28.67 ? 253 PRO A C   1 
ATOM   970  O O   . PRO A 1 125 ? 13.718  1.573   -8.966  1.00 27.02 ? 253 PRO A O   1 
ATOM   971  C CB  . PRO A 1 125 ? 12.394  -0.632  -7.328  1.00 27.19 ? 253 PRO A CB  1 
ATOM   972  C CG  . PRO A 1 125 ? 11.109  0.110   -6.967  1.00 28.40 ? 253 PRO A CG  1 
ATOM   973  C CD  . PRO A 1 125 ? 11.477  1.253   -6.082  1.00 23.59 ? 253 PRO A CD  1 
ATOM   974  N N   . GLN A 1 126 ? 15.470  0.236   -8.400  1.00 29.79 ? 254 GLN A N   1 
ATOM   975  C CA  . GLN A 1 126 ? 16.241  0.572   -9.590  1.00 33.41 ? 254 GLN A CA  1 
ATOM   976  C C   . GLN A 1 126 ? 16.050  -0.489  -10.682 1.00 32.47 ? 254 GLN A C   1 
ATOM   977  O O   . GLN A 1 126 ? 16.098  -0.185  -11.856 1.00 31.60 ? 254 GLN A O   1 
ATOM   978  C CB  . GLN A 1 126 ? 17.739  0.757   -9.219  1.00 35.54 ? 254 GLN A CB  1 
ATOM   979  C CG  . GLN A 1 126 ? 18.122  2.189   -8.763  1.00 44.28 ? 254 GLN A CG  1 
ATOM   980  C CD  . GLN A 1 126 ? 17.558  3.323   -9.666  1.00 55.58 ? 254 GLN A CD  1 
ATOM   981  O OE1 . GLN A 1 126 ? 17.788  3.339   -10.900 1.00 61.55 ? 254 GLN A OE1 1 
ATOM   982  N NE2 . GLN A 1 126 ? 16.830  4.280   -9.055  1.00 57.46 ? 254 GLN A NE2 1 
ATOM   983  N N   . ARG A 1 127 ? 15.805  -1.738  -10.273 1.00 32.62 ? 255 ARG A N   1 
ATOM   984  C CA  . ARG A 1 127 ? 15.656  -2.842  -11.206 1.00 33.58 ? 255 ARG A CA  1 
ATOM   985  C C   . ARG A 1 127 ? 14.375  -3.564  -10.865 1.00 32.48 ? 255 ARG A C   1 
ATOM   986  O O   . ARG A 1 127 ? 13.829  -3.355  -9.773  1.00 31.40 ? 255 ARG A O   1 
ATOM   987  C CB  . ARG A 1 127 ? 16.898  -3.759  -11.177 1.00 34.98 ? 255 ARG A CB  1 
ATOM   988  C CG  . ARG A 1 127 ? 18.152  -3.043  -11.765 1.00 43.09 ? 255 ARG A CG  1 
ATOM   989  C CD  . ARG A 1 127 ? 19.390  -3.718  -11.230 1.00 53.78 ? 255 ARG A CD  1 
ATOM   990  N NE  . ARG A 1 127 ? 19.235  -3.903  -9.778  1.00 58.85 ? 255 ARG A NE  1 
ATOM   991  C CZ  . ARG A 1 127 ? 19.565  -5.018  -9.095  1.00 62.12 ? 255 ARG A CZ  1 
ATOM   992  N NH1 . ARG A 1 127 ? 19.377  -5.060  -7.776  1.00 55.51 ? 255 ARG A NH1 1 
ATOM   993  N NH2 . ARG A 1 127 ? 20.094  -6.092  -9.716  1.00 62.94 ? 255 ARG A NH2 1 
ATOM   994  N N   . PRO A 1 128 ? 13.825  -4.338  -11.829 1.00 32.16 ? 256 PRO A N   1 
ATOM   995  C CA  . PRO A 1 128 ? 12.499  -4.845  -11.633 1.00 32.18 ? 256 PRO A CA  1 
ATOM   996  C C   . PRO A 1 128 ? 12.270  -5.674  -10.377 1.00 30.91 ? 256 PRO A C   1 
ATOM   997  O O   . PRO A 1 128 ? 11.178  -5.675  -9.878  1.00 29.38 ? 256 PRO A O   1 
ATOM   998  C CB  . PRO A 1 128 ? 12.235  -5.697  -12.917 1.00 32.45 ? 256 PRO A CB  1 
ATOM   999  C CG  . PRO A 1 128 ? 13.404  -5.463  -13.824 1.00 34.29 ? 256 PRO A CG  1 
ATOM   1000 C CD  . PRO A 1 128 ? 14.127  -4.257  -13.274 1.00 33.51 ? 256 PRO A CD  1 
ATOM   1001 N N   . GLN A 1 129 ? 13.279  -6.348  -9.856  1.00 30.68 ? 257 GLN A N   1 
ATOM   1002 C CA  . GLN A 1 129 ? 13.061  -7.203  -8.691  1.00 32.04 ? 257 GLN A CA  1 
ATOM   1003 C C   . GLN A 1 129 ? 13.301  -6.471  -7.350  1.00 31.40 ? 257 GLN A C   1 
ATOM   1004 O O   . GLN A 1 129 ? 13.126  -7.086  -6.250  1.00 28.34 ? 257 GLN A O   1 
ATOM   1005 C CB  . GLN A 1 129 ? 13.942  -8.472  -8.811  1.00 33.73 ? 257 GLN A CB  1 
ATOM   1006 C CG  . GLN A 1 129 ? 15.520  -8.199  -8.977  1.00 41.59 ? 257 GLN A CG  1 
ATOM   1007 C CD  . GLN A 1 129 ? 16.081  -7.546  -10.328 1.00 46.95 ? 257 GLN A CD  1 
ATOM   1008 O OE1 . GLN A 1 129 ? 15.331  -7.211  -11.249 1.00 48.69 ? 257 GLN A OE1 1 
ATOM   1009 N NE2 . GLN A 1 129 ? 17.449  -7.419  -10.418 1.00 47.29 ? 257 GLN A NE2 1 
ATOM   1010 N N   . ASP A 1 130 ? 13.677  -5.181  -7.446  1.00 29.34 ? 258 ASP A N   1 
ATOM   1011 C CA  . ASP A 1 130 ? 14.099  -4.420  -6.264  1.00 29.18 ? 258 ASP A CA  1 
ATOM   1012 C C   . ASP A 1 130 ? 12.934  -3.953  -5.382  1.00 27.77 ? 258 ASP A C   1 
ATOM   1013 O O   . ASP A 1 130 ? 11.841  -3.719  -5.877  1.00 27.16 ? 258 ASP A O   1 
ATOM   1014 C CB  . ASP A 1 130 ? 14.903  -3.204  -6.672  1.00 27.17 ? 258 ASP A CB  1 
ATOM   1015 C CG  . ASP A 1 130 ? 16.318  -3.555  -7.167  1.00 32.84 ? 258 ASP A CG  1 
ATOM   1016 O OD1 . ASP A 1 130 ? 16.817  -4.707  -6.939  1.00 32.56 ? 258 ASP A OD1 1 
ATOM   1017 O OD2 . ASP A 1 130 ? 16.887  -2.679  -7.836  1.00 32.82 ? 258 ASP A OD2 1 
ATOM   1018 N N   . ASP A 1 131 ? 13.205  -3.794  -4.093  1.00 26.63 ? 259 ASP A N   1 
ATOM   1019 C CA  . ASP A 1 131 ? 12.273  -3.173  -3.178  1.00 26.22 ? 259 ASP A CA  1 
ATOM   1020 C C   . ASP A 1 131 ? 12.467  -1.658  -3.191  1.00 24.90 ? 259 ASP A C   1 
ATOM   1021 O O   . ASP A 1 131 ? 13.490  -1.144  -3.703  1.00 25.69 ? 259 ASP A O   1 
ATOM   1022 C CB  . ASP A 1 131 ? 12.545  -3.675  -1.767  1.00 27.94 ? 259 ASP A CB  1 
ATOM   1023 C CG  . ASP A 1 131 ? 11.860  -5.010  -1.448  1.00 31.47 ? 259 ASP A CG  1 
ATOM   1024 O OD1 . ASP A 1 131 ? 11.318  -5.684  -2.347  1.00 30.69 ? 259 ASP A OD1 1 
ATOM   1025 O OD2 . ASP A 1 131 ? 11.848  -5.352  -0.240  1.00 36.91 ? 259 ASP A OD2 1 
ATOM   1026 N N   . TYR A 1 132 ? 11.502  -0.916  -2.629  1.00 23.75 ? 260 TYR A N   1 
ATOM   1027 C CA  . TYR A 1 132 ? 11.808  0.441   -2.145  1.00 22.69 ? 260 TYR A CA  1 
ATOM   1028 C C   . TYR A 1 132 ? 12.692  0.337   -0.927  1.00 24.15 ? 260 TYR A C   1 
ATOM   1029 O O   . TYR A 1 132 ? 12.671  -0.679  -0.210  1.00 24.23 ? 260 TYR A O   1 
ATOM   1030 C CB  . TYR A 1 132 ? 10.549  1.128   -1.654  1.00 23.08 ? 260 TYR A CB  1 
ATOM   1031 C CG  . TYR A 1 132 ? 9.670   1.589   -2.771  1.00 20.38 ? 260 TYR A CG  1 
ATOM   1032 C CD1 . TYR A 1 132 ? 9.874   2.851   -3.332  1.00 22.39 ? 260 TYR A CD1 1 
ATOM   1033 C CD2 . TYR A 1 132 ? 8.596   0.808   -3.232  1.00 22.07 ? 260 TYR A CD2 1 
ATOM   1034 C CE1 . TYR A 1 132 ? 9.088   3.350   -4.352  1.00 20.79 ? 260 TYR A CE1 1 
ATOM   1035 C CE2 . TYR A 1 132 ? 7.763   1.315   -4.282  1.00 23.83 ? 260 TYR A CE2 1 
ATOM   1036 C CZ  . TYR A 1 132 ? 8.028   2.574   -4.827  1.00 20.22 ? 260 TYR A CZ  1 
ATOM   1037 O OH  . TYR A 1 132 ? 7.217   3.093   -5.872  1.00 22.17 ? 260 TYR A OH  1 
ATOM   1038 N N   . SER A 1 133 ? 13.447  1.404   -0.687  1.00 23.20 ? 261 SER A N   1 
ATOM   1039 C CA  . SER A 1 133 ? 14.112  1.628   0.552   1.00 24.70 ? 261 SER A CA  1 
ATOM   1040 C C   . SER A 1 133 ? 13.384  2.834   1.175   1.00 22.89 ? 261 SER A C   1 
ATOM   1041 O O   . SER A 1 133 ? 13.164  3.819   0.501   1.00 23.96 ? 261 SER A O   1 
ATOM   1042 C CB  . SER A 1 133 ? 15.615  1.995   0.238   1.00 25.20 ? 261 SER A CB  1 
ATOM   1043 O OG  . SER A 1 133 ? 16.228  2.186   1.483   1.00 34.05 ? 261 SER A OG  1 
ATOM   1044 N N   . VAL A 1 134 ? 12.991  2.760   2.440   1.00 22.06 ? 262 VAL A N   1 
ATOM   1045 C CA  . VAL A 1 134 ? 12.288  3.890   3.029   1.00 22.25 ? 262 VAL A CA  1 
ATOM   1046 C C   . VAL A 1 134 ? 12.806  4.247   4.420   1.00 23.74 ? 262 VAL A C   1 
ATOM   1047 O O   . VAL A 1 134 ? 13.452  3.404   5.093   1.00 24.79 ? 262 VAL A O   1 
ATOM   1048 C CB  . VAL A 1 134 ? 10.710  3.651   3.094   1.00 21.33 ? 262 VAL A CB  1 
ATOM   1049 C CG1 . VAL A 1 134 ? 10.203  3.091   1.714   1.00 22.48 ? 262 VAL A CG1 1 
ATOM   1050 C CG2 . VAL A 1 134 ? 10.298  2.716   4.256   1.00 21.89 ? 262 VAL A CG2 1 
ATOM   1051 N N   . LEU A 1 135 ? 12.504  5.472   4.855   1.00 22.91 ? 263 LEU A N   1 
ATOM   1052 C CA  . LEU A 1 135 ? 12.775  5.883   6.232   1.00 25.18 ? 263 LEU A CA  1 
ATOM   1053 C C   . LEU A 1 135 ? 11.460  6.038   6.967   1.00 26.39 ? 263 LEU A C   1 
ATOM   1054 O O   . LEU A 1 135 ? 10.669  6.977   6.671   1.00 27.10 ? 263 LEU A O   1 
ATOM   1055 C CB  . LEU A 1 135 ? 13.557  7.218   6.306   1.00 25.40 ? 263 LEU A CB  1 
ATOM   1056 C CG  . LEU A 1 135 ? 14.790  7.358   5.390   1.00 24.76 ? 263 LEU A CG  1 
ATOM   1057 C CD1 . LEU A 1 135 ? 15.434  8.790   5.378   1.00 33.36 ? 263 LEU A CD1 1 
ATOM   1058 C CD2 . LEU A 1 135 ? 15.829  6.281   5.768   1.00 25.66 ? 263 LEU A CD2 1 
ATOM   1059 N N   . PHE A 1 136 ? 11.205  5.130   7.904   1.00 26.15 ? 264 PHE A N   1 
ATOM   1060 C CA  . PHE A 1 136 ? 9.932   5.189   8.625   1.00 26.18 ? 264 PHE A CA  1 
ATOM   1061 C C   . PHE A 1 136 ? 9.995   6.281   9.669   1.00 28.18 ? 264 PHE A C   1 
ATOM   1062 O O   . PHE A 1 136 ? 11.057  6.467   10.315  1.00 26.34 ? 264 PHE A O   1 
ATOM   1063 C CB  . PHE A 1 136 ? 9.661   3.875   9.360   1.00 26.75 ? 264 PHE A CB  1 
ATOM   1064 C CG  . PHE A 1 136 ? 9.117   2.785   8.485   1.00 25.27 ? 264 PHE A CG  1 
ATOM   1065 C CD1 . PHE A 1 136 ? 7.737   2.647   8.295   1.00 24.44 ? 264 PHE A CD1 1 
ATOM   1066 C CD2 . PHE A 1 136 ? 9.983   1.877   7.875   1.00 24.76 ? 264 PHE A CD2 1 
ATOM   1067 C CE1 . PHE A 1 136 ? 7.216   1.609   7.512   1.00 21.31 ? 264 PHE A CE1 1 
ATOM   1068 C CE2 . PHE A 1 136 ? 9.461   0.842   7.064   1.00 22.59 ? 264 PHE A CE2 1 
ATOM   1069 C CZ  . PHE A 1 136 ? 8.077   0.724   6.889   1.00 20.84 ? 264 PHE A CZ  1 
ATOM   1070 N N   . GLU A 1 137 ? 8.875   6.979   9.880   1.00 29.42 ? 265 GLU A N   1 
ATOM   1071 C CA  . GLU A 1 137 ? 8.774   7.916   11.010  1.00 31.08 ? 265 GLU A CA  1 
ATOM   1072 C C   . GLU A 1 137 ? 8.874   7.097   12.290  1.00 31.62 ? 265 GLU A C   1 
ATOM   1073 O O   . GLU A 1 137 ? 8.228   6.069   12.441  1.00 32.95 ? 265 GLU A O   1 
ATOM   1074 C CB  . GLU A 1 137 ? 7.462   8.707   10.985  1.00 31.30 ? 265 GLU A CB  1 
ATOM   1075 C CG  . GLU A 1 137 ? 7.445   9.822   9.956   1.00 30.41 ? 265 GLU A CG  1 
ATOM   1076 C CD  . GLU A 1 137 ? 6.101   10.590  9.997   1.00 30.59 ? 265 GLU A CD  1 
ATOM   1077 O OE1 . GLU A 1 137 ? 5.319   10.384  10.945  1.00 33.50 ? 265 GLU A OE1 1 
ATOM   1078 O OE2 . GLU A 1 137 ? 5.826   11.310  9.076   1.00 29.29 ? 265 GLU A OE2 1 
ATOM   1079 N N   . ASP A 1 138 ? 9.752   7.515   13.212  1.00 33.09 ? 266 ASP A N   1 
ATOM   1080 C CA  . ASP A 1 138 ? 9.943   6.755   14.445  1.00 32.20 ? 266 ASP A CA  1 
ATOM   1081 C C   . ASP A 1 138 ? 10.469  7.734   15.505  1.00 33.52 ? 266 ASP A C   1 
ATOM   1082 O O   . ASP A 1 138 ? 11.618  8.150   15.478  1.00 31.25 ? 266 ASP A O   1 
ATOM   1083 C CB  . ASP A 1 138 ? 10.925  5.574   14.238  1.00 33.11 ? 266 ASP A CB  1 
ATOM   1084 C CG  . ASP A 1 138 ? 10.890  4.574   15.417  1.00 34.67 ? 266 ASP A CG  1 
ATOM   1085 O OD1 . ASP A 1 138 ? 10.400  4.926   16.505  1.00 37.15 ? 266 ASP A OD1 1 
ATOM   1086 O OD2 . ASP A 1 138 ? 11.274  3.408   15.259  1.00 37.31 ? 266 ASP A OD2 1 
ATOM   1087 N N   . THR A 1 139 ? 9.595   8.105   16.425  1.00 34.60 ? 267 THR A N   1 
ATOM   1088 C CA  . THR A 1 139 ? 9.894   9.106   17.423  1.00 37.70 ? 267 THR A CA  1 
ATOM   1089 C C   . THR A 1 139 ? 10.844  8.520   18.490  1.00 38.05 ? 267 THR A C   1 
ATOM   1090 O O   . THR A 1 139 ? 11.234  9.209   19.396  1.00 40.32 ? 267 THR A O   1 
ATOM   1091 C CB  . THR A 1 139 ? 8.555   9.612   18.070  1.00 37.02 ? 267 THR A CB  1 
ATOM   1092 O OG1 . THR A 1 139 ? 7.852   8.466   18.581  1.00 41.82 ? 267 THR A OG1 1 
ATOM   1093 C CG2 . THR A 1 139 ? 7.693   10.281  17.034  1.00 40.03 ? 267 THR A CG2 1 
ATOM   1094 N N   . SER A 1 140 ? 11.245  7.257   18.377  1.00 39.11 ? 268 SER A N   1 
ATOM   1095 C CA  . SER A 1 140 ? 12.216  6.705   19.327  1.00 38.68 ? 268 SER A CA  1 
ATOM   1096 C C   . SER A 1 140 ? 13.676  7.230   19.040  1.00 37.69 ? 268 SER A C   1 
ATOM   1097 O O   . SER A 1 140 ? 14.575  7.129   19.902  1.00 36.70 ? 268 SER A O   1 
ATOM   1098 C CB  . SER A 1 140 ? 12.119  5.191   19.341  1.00 39.01 ? 268 SER A CB  1 
ATOM   1099 O OG  . SER A 1 140 ? 13.095  4.641   18.494  1.00 42.79 ? 268 SER A OG  1 
ATOM   1100 N N   . TYR A 1 141 ? 13.895  7.808   17.855  1.00 35.06 ? 269 TYR A N   1 
ATOM   1101 C CA  . TYR A 1 141 ? 15.175  8.338   17.467  1.00 35.34 ? 269 TYR A CA  1 
ATOM   1102 C C   . TYR A 1 141 ? 15.099  9.849   17.407  1.00 36.94 ? 269 TYR A C   1 
ATOM   1103 O O   . TYR A 1 141 ? 14.058  10.421  17.059  1.00 36.96 ? 269 TYR A O   1 
ATOM   1104 C CB  . TYR A 1 141 ? 15.636  7.770   16.105  1.00 35.08 ? 269 TYR A CB  1 
ATOM   1105 C CG  . TYR A 1 141 ? 15.552  6.260   16.061  1.00 31.74 ? 269 TYR A CG  1 
ATOM   1106 C CD1 . TYR A 1 141 ? 16.163  5.462   17.057  1.00 29.71 ? 269 TYR A CD1 1 
ATOM   1107 C CD2 . TYR A 1 141 ? 14.754  5.616   15.076  1.00 29.33 ? 269 TYR A CD2 1 
ATOM   1108 C CE1 . TYR A 1 141 ? 16.052  4.019   16.994  1.00 30.77 ? 269 TYR A CE1 1 
ATOM   1109 C CE2 . TYR A 1 141 ? 14.657  4.222   14.996  1.00 30.99 ? 269 TYR A CE2 1 
ATOM   1110 C CZ  . TYR A 1 141 ? 15.304  3.409   15.967  1.00 31.96 ? 269 TYR A CZ  1 
ATOM   1111 O OH  . TYR A 1 141 ? 15.136  1.995   15.879  1.00 30.89 ? 269 TYR A OH  1 
ATOM   1112 N N   . ALA A 1 142 ? 16.230  10.463  17.735  1.00 37.61 ? 270 ALA A N   1 
ATOM   1113 C CA  . ALA A 1 142 ? 16.371  11.890  17.894  1.00 38.17 ? 270 ALA A CA  1 
ATOM   1114 C C   . ALA A 1 142 ? 15.915  12.564  16.598  1.00 38.83 ? 270 ALA A C   1 
ATOM   1115 O O   . ALA A 1 142 ? 15.087  13.493  16.637  1.00 39.95 ? 270 ALA A O   1 
ATOM   1116 C CB  . ALA A 1 142 ? 17.874  12.224  18.217  1.00 37.80 ? 270 ALA A CB  1 
ATOM   1117 N N   . ASP A 1 143 ? 16.409  12.070  15.453  1.00 38.07 ? 271 ASP A N   1 
ATOM   1118 C CA  . ASP A 1 143 ? 16.092  12.687  14.194  1.00 37.37 ? 271 ASP A CA  1 
ATOM   1119 C C   . ASP A 1 143 ? 14.751  12.219  13.657  1.00 36.99 ? 271 ASP A C   1 
ATOM   1120 O O   . ASP A 1 143 ? 14.329  12.635  12.571  1.00 37.77 ? 271 ASP A O   1 
ATOM   1121 C CB  . ASP A 1 143 ? 17.219  12.499  13.201  1.00 37.18 ? 271 ASP A CB  1 
ATOM   1122 C CG  . ASP A 1 143 ? 17.211  11.121  12.538  1.00 38.68 ? 271 ASP A CG  1 
ATOM   1123 O OD1 . ASP A 1 143 ? 16.385  10.226  12.882  1.00 34.51 ? 271 ASP A OD1 1 
ATOM   1124 O OD2 . ASP A 1 143 ? 18.041  10.987  11.632  1.00 37.73 ? 271 ASP A OD2 1 
ATOM   1125 N N   . GLY A 1 144 ? 14.072  11.380  14.433  1.00 36.13 ? 272 GLY A N   1 
ATOM   1126 C CA  . GLY A 1 144 ? 12.725  10.920  14.098  1.00 34.45 ? 272 GLY A CA  1 
ATOM   1127 C C   . GLY A 1 144 ? 12.504  9.922   12.934  1.00 32.72 ? 272 GLY A C   1 
ATOM   1128 O O   . GLY A 1 144 ? 11.331  9.687   12.568  1.00 31.22 ? 272 GLY A O   1 
ATOM   1129 N N   . TYR A 1 145 ? 13.574  9.301   12.417  1.00 31.06 ? 273 TYR A N   1 
ATOM   1130 C CA  . TYR A 1 145 ? 13.502  8.370   11.261  1.00 29.52 ? 273 TYR A CA  1 
ATOM   1131 C C   . TYR A 1 145 ? 14.312  7.090   11.466  1.00 29.53 ? 273 TYR A C   1 
ATOM   1132 O O   . TYR A 1 145 ? 15.417  7.125   12.042  1.00 27.87 ? 273 TYR A O   1 
ATOM   1133 C CB  . TYR A 1 145 ? 13.956  9.002   9.965   1.00 30.08 ? 273 TYR A CB  1 
ATOM   1134 C CG  . TYR A 1 145 ? 12.960  9.998   9.494   1.00 34.11 ? 273 TYR A CG  1 
ATOM   1135 C CD1 . TYR A 1 145 ? 11.839  9.581   8.757   1.00 35.58 ? 273 TYR A CD1 1 
ATOM   1136 C CD2 . TYR A 1 145 ? 13.060  11.330  9.870   1.00 35.88 ? 273 TYR A CD2 1 
ATOM   1137 C CE1 . TYR A 1 145 ? 10.879  10.463  8.392   1.00 37.88 ? 273 TYR A CE1 1 
ATOM   1138 C CE2 . TYR A 1 145 ? 12.084  12.254  9.484   1.00 39.98 ? 273 TYR A CE2 1 
ATOM   1139 C CZ  . TYR A 1 145 ? 11.018  11.803  8.743   1.00 40.24 ? 273 TYR A CZ  1 
ATOM   1140 O OH  . TYR A 1 145 ? 10.028  12.667  8.352   1.00 42.35 ? 273 TYR A OH  1 
ATOM   1141 N N   . SER A 1 146 ? 13.739  5.958   11.000  1.00 26.92 ? 274 SER A N   1 
ATOM   1142 C CA  . SER A 1 146 ? 14.458  4.708   11.010  1.00 25.37 ? 274 SER A CA  1 
ATOM   1143 C C   . SER A 1 146 ? 15.622  4.834   10.021  1.00 24.44 ? 274 SER A C   1 
ATOM   1144 O O   . SER A 1 146 ? 15.672  5.726   9.158   1.00 25.53 ? 274 SER A O   1 
ATOM   1145 C CB  . SER A 1 146 ? 13.511  3.538   10.650  1.00 22.79 ? 274 SER A CB  1 
ATOM   1146 O OG  . SER A 1 146 ? 13.276  3.587   9.240   1.00 24.02 ? 274 SER A OG  1 
ATOM   1147 N N   . PRO A 1 147 ? 16.585  3.919   10.122  1.00 24.84 ? 275 PRO A N   1 
ATOM   1148 C CA  . PRO A 1 147 ? 17.481  3.732   9.016   1.00 24.57 ? 275 PRO A CA  1 
ATOM   1149 C C   . PRO A 1 147 ? 16.709  3.215   7.782   1.00 23.12 ? 275 PRO A C   1 
ATOM   1150 O O   . PRO A 1 147 ? 15.539  2.889   7.946   1.00 23.55 ? 275 PRO A O   1 
ATOM   1151 C CB  . PRO A 1 147 ? 18.526  2.736   9.580   1.00 24.42 ? 275 PRO A CB  1 
ATOM   1152 C CG  . PRO A 1 147 ? 17.985  2.142   10.784  1.00 26.36 ? 275 PRO A CG  1 
ATOM   1153 C CD  . PRO A 1 147 ? 16.727  2.904   11.176  1.00 24.81 ? 275 PRO A CD  1 
ATOM   1154 N N   . PRO A 1 148 ? 17.332  3.202   6.561   1.00 25.10 ? 276 PRO A N   1 
ATOM   1155 C CA  . PRO A 1 148 ? 16.689  2.696   5.358   1.00 24.71 ? 276 PRO A CA  1 
ATOM   1156 C C   . PRO A 1 148 ? 16.243  1.232   5.539   1.00 24.89 ? 276 PRO A C   1 
ATOM   1157 O O   . PRO A 1 148 ? 17.043  0.372   5.972   1.00 24.19 ? 276 PRO A O   1 
ATOM   1158 C CB  . PRO A 1 148 ? 17.803  2.780   4.300   1.00 26.63 ? 276 PRO A CB  1 
ATOM   1159 C CG  . PRO A 1 148 ? 18.688  3.871   4.795   1.00 26.96 ? 276 PRO A CG  1 
ATOM   1160 C CD  . PRO A 1 148 ? 18.736  3.557   6.259   1.00 24.61 ? 276 PRO A CD  1 
ATOM   1161 N N   . LEU A 1 149 ? 14.962  0.975   5.309   1.00 22.23 ? 277 LEU A N   1 
ATOM   1162 C CA  . LEU A 1 149 ? 14.455  -0.395  5.432   1.00 22.67 ? 277 LEU A CA  1 
ATOM   1163 C C   . LEU A 1 149 ? 13.749  -0.695  4.106   1.00 23.87 ? 277 LEU A C   1 
ATOM   1164 O O   . LEU A 1 149 ? 13.088  0.196   3.524   1.00 23.03 ? 277 LEU A O   1 
ATOM   1165 C CB  . LEU A 1 149 ? 13.482  -0.543  6.628   1.00 20.94 ? 277 LEU A CB  1 
ATOM   1166 C CG  . LEU A 1 149 ? 13.958  -0.219  8.037   1.00 23.28 ? 277 LEU A CG  1 
ATOM   1167 C CD1 . LEU A 1 149 ? 12.839  -0.340  9.039   1.00 24.32 ? 277 LEU A CD1 1 
ATOM   1168 C CD2 . LEU A 1 149 ? 15.126  -1.188  8.473   1.00 24.26 ? 277 LEU A CD2 1 
ATOM   1169 N N   . ASN A 1 150 ? 13.894  -1.936  3.647   1.00 22.13 ? 278 ASN A N   1 
ATOM   1170 C CA  . ASN A 1 150 ? 13.238  -2.417  2.433   1.00 24.83 ? 278 ASN A CA  1 
ATOM   1171 C C   . ASN A 1 150 ? 11.731  -2.690  2.561   1.00 23.28 ? 278 ASN A C   1 
ATOM   1172 O O   . ASN A 1 150 ? 11.276  -3.304  3.532   1.00 24.05 ? 278 ASN A O   1 
ATOM   1173 C CB  . ASN A 1 150 ? 13.906  -3.731  1.984   1.00 24.58 ? 278 ASN A CB  1 
ATOM   1174 C CG  . ASN A 1 150 ? 15.166  -3.518  1.252   1.00 30.80 ? 278 ASN A CG  1 
ATOM   1175 O OD1 . ASN A 1 150 ? 15.555  -2.370  0.943   1.00 31.11 ? 278 ASN A OD1 1 
ATOM   1176 N ND2 . ASN A 1 150 ? 15.856  -4.647  0.934   1.00 33.89 ? 278 ASN A ND2 1 
ATOM   1177 N N   . VAL A 1 151 ? 10.950  -2.218  1.589   1.00 23.19 ? 279 VAL A N   1 
ATOM   1178 C CA  . VAL A 1 151 ? 9.503   -2.515  1.521   1.00 22.21 ? 279 VAL A CA  1 
ATOM   1179 C C   . VAL A 1 151 ? 9.190   -2.799  0.068   1.00 23.55 ? 279 VAL A C   1 
ATOM   1180 O O   . VAL A 1 151 ? 9.591   -2.037  -0.781  1.00 23.64 ? 279 VAL A O   1 
ATOM   1181 C CB  . VAL A 1 151 ? 8.654   -1.329  1.977   1.00 22.79 ? 279 VAL A CB  1 
ATOM   1182 C CG1 . VAL A 1 151 ? 7.134   -1.742  2.078   1.00 21.78 ? 279 VAL A CG1 1 
ATOM   1183 C CG2 . VAL A 1 151 ? 9.052   -1.000  3.419   1.00 21.71 ? 279 VAL A CG2 1 
ATOM   1184 N N   . ALA A 1 152 ? 8.460   -3.893  -0.224  1.00 22.57 ? 280 ALA A N   1 
ATOM   1185 C CA  . ALA A 1 152 ? 8.193   -4.252  -1.617  1.00 22.17 ? 280 ALA A CA  1 
ATOM   1186 C C   . ALA A 1 152 ? 7.163   -3.291  -2.194  1.00 21.79 ? 280 ALA A C   1 
ATOM   1187 O O   . ALA A 1 152 ? 6.343   -2.698  -1.427  1.00 21.52 ? 280 ALA A O   1 
ATOM   1188 C CB  . ALA A 1 152 ? 7.642   -5.681  -1.705  1.00 21.65 ? 280 ALA A CB  1 
ATOM   1189 N N   . GLN A 1 153 ? 7.129   -3.199  -3.523  1.00 21.91 ? 281 GLN A N   1 
ATOM   1190 C CA  . GLN A 1 153 ? 6.100   -2.360  -4.222  1.00 20.61 ? 281 GLN A CA  1 
ATOM   1191 C C   . GLN A 1 153 ? 4.680   -2.662  -3.809  1.00 22.00 ? 281 GLN A C   1 
ATOM   1192 O O   . GLN A 1 153 ? 3.864   -1.751  -3.662  1.00 20.04 ? 281 GLN A O   1 
ATOM   1193 C CB  . GLN A 1 153 ? 6.159   -2.520  -5.712  1.00 20.46 ? 281 GLN A CB  1 
ATOM   1194 C CG  . GLN A 1 153 ? 7.478   -2.026  -6.301  1.00 21.08 ? 281 GLN A CG  1 
ATOM   1195 C CD  . GLN A 1 153 ? 7.336   -1.573  -7.722  1.00 21.46 ? 281 GLN A CD  1 
ATOM   1196 O OE1 . GLN A 1 153 ? 8.211   -1.879  -8.590  1.00 27.34 ? 281 GLN A OE1 1 
ATOM   1197 N NE2 . GLN A 1 153 ? 6.243   -0.882  -8.028  1.00 16.79 ? 281 GLN A NE2 1 
ATOM   1198 N N   . ARG A 1 154 ? 4.382   -3.953  -3.575  1.00 21.29 ? 282 ARG A N   1 
ATOM   1199 C CA  . ARG A 1 154 ? 3.067   -4.315  -3.054  1.00 22.84 ? 282 ARG A CA  1 
ATOM   1200 C C   . ARG A 1 154 ? 2.623   -3.581  -1.823  1.00 21.11 ? 282 ARG A C   1 
ATOM   1201 O O   . ARG A 1 154 ? 1.422   -3.388  -1.627  1.00 22.17 ? 282 ARG A O   1 
ATOM   1202 C CB  . ARG A 1 154 ? 2.997   -5.840  -2.800  1.00 24.05 ? 282 ARG A CB  1 
ATOM   1203 C CG  . ARG A 1 154 ? 1.532   -6.271  -2.968  1.00 29.38 ? 282 ARG A CG  1 
ATOM   1204 C CD  . ARG A 1 154 ? 1.343   -7.687  -2.564  1.00 37.26 ? 282 ARG A CD  1 
ATOM   1205 N NE  . ARG A 1 154 ? -0.061  -8.096  -2.743  1.00 43.77 ? 282 ARG A NE  1 
ATOM   1206 C CZ  . ARG A 1 154 ? -0.476  -9.337  -2.471  1.00 48.60 ? 282 ARG A CZ  1 
ATOM   1207 N NH1 . ARG A 1 154 ? -1.760  -9.695  -2.650  1.00 44.64 ? 282 ARG A NH1 1 
ATOM   1208 N NH2 . ARG A 1 154 ? 0.423   -10.224 -2.005  1.00 48.03 ? 282 ARG A NH2 1 
ATOM   1209 N N   . TYR A 1 155 ? 3.558   -3.109  -0.995  1.00 20.78 ? 283 TYR A N   1 
ATOM   1210 C CA  . TYR A 1 155 ? 3.176   -2.670  0.335   1.00 19.29 ? 283 TYR A CA  1 
ATOM   1211 C C   . TYR A 1 155 ? 3.583   -1.228  0.587   1.00 19.35 ? 283 TYR A C   1 
ATOM   1212 O O   . TYR A 1 155 ? 3.775   -0.868  1.718   1.00 19.59 ? 283 TYR A O   1 
ATOM   1213 C CB  . TYR A 1 155 ? 3.888   -3.580  1.387   1.00 18.00 ? 283 TYR A CB  1 
ATOM   1214 C CG  . TYR A 1 155 ? 3.316   -4.953  1.331   1.00 18.41 ? 283 TYR A CG  1 
ATOM   1215 C CD1 . TYR A 1 155 ? 1.922   -5.148  1.393   1.00 25.08 ? 283 TYR A CD1 1 
ATOM   1216 C CD2 . TYR A 1 155 ? 4.147   -6.077  1.251   1.00 23.80 ? 283 TYR A CD2 1 
ATOM   1217 C CE1 . TYR A 1 155 ? 1.366   -6.458  1.299   1.00 26.13 ? 283 TYR A CE1 1 
ATOM   1218 C CE2 . TYR A 1 155 ? 3.595   -7.350  1.187   1.00 29.98 ? 283 TYR A CE2 1 
ATOM   1219 C CZ  . TYR A 1 155 ? 2.219   -7.533  1.208   1.00 30.58 ? 283 TYR A CZ  1 
ATOM   1220 O OH  . TYR A 1 155 ? 1.675   -8.836  1.159   1.00 33.42 ? 283 TYR A OH  1 
ATOM   1221 N N   . VAL A 1 156 ? 3.616   -0.436  -0.476  1.00 20.23 ? 284 VAL A N   1 
ATOM   1222 C CA  . VAL A 1 156 ? 3.862   0.983   -0.372  1.00 19.31 ? 284 VAL A CA  1 
ATOM   1223 C C   . VAL A 1 156 ? 2.698   1.694   -1.111  1.00 18.96 ? 284 VAL A C   1 
ATOM   1224 O O   . VAL A 1 156 ? 2.497   1.502   -2.359  1.00 18.62 ? 284 VAL A O   1 
ATOM   1225 C CB  . VAL A 1 156 ? 5.200   1.366   -1.004  1.00 20.37 ? 284 VAL A CB  1 
ATOM   1226 C CG1 . VAL A 1 156 ? 5.350   2.908   -0.957  1.00 22.72 ? 284 VAL A CG1 1 
ATOM   1227 C CG2 . VAL A 1 156 ? 6.441   0.715   -0.258  1.00 20.77 ? 284 VAL A CG2 1 
ATOM   1228 N N   . VAL A 1 157 ? 1.951   2.492   -0.333  1.00 19.68 ? 285 VAL A N   1 
ATOM   1229 C CA  . VAL A 1 157 ? 0.792   3.184   -0.887  1.00 21.94 ? 285 VAL A CA  1 
ATOM   1230 C C   . VAL A 1 157 ? 0.833   4.646   -0.521  1.00 23.13 ? 285 VAL A C   1 
ATOM   1231 O O   . VAL A 1 157 ? 1.660   5.061   0.250   1.00 24.35 ? 285 VAL A O   1 
ATOM   1232 C CB  . VAL A 1 157 ? -0.534  2.496   -0.489  1.00 22.46 ? 285 VAL A CB  1 
ATOM   1233 C CG1 . VAL A 1 157 ? -0.606  1.016   -1.071  1.00 20.28 ? 285 VAL A CG1 1 
ATOM   1234 C CG2 . VAL A 1 157 ? -0.817  2.528   1.036   1.00 18.79 ? 285 VAL A CG2 1 
ATOM   1235 N N   . ALA A 1 158 ? 0.026   5.445   -1.199  1.00 24.54 ? 286 ALA A N   1 
ATOM   1236 C CA  . ALA A 1 158 ? -0.077  6.856   -0.911  1.00 25.77 ? 286 ALA A CA  1 
ATOM   1237 C C   . ALA A 1 158 ? -0.698  7.059   0.452   1.00 26.41 ? 286 ALA A C   1 
ATOM   1238 O O   . ALA A 1 158 ? -1.427  6.216   0.942   1.00 27.42 ? 286 ALA A O   1 
ATOM   1239 C CB  . ALA A 1 158 ? -0.894  7.587   -2.072  1.00 25.79 ? 286 ALA A CB  1 
ATOM   1240 N N   . CYS A 1 159 ? -0.291  8.126   1.133   1.00 29.09 ? 287 CYS A N   1 
ATOM   1241 C CA  . CYS A 1 159 ? -0.648  8.354   2.516   1.00 31.31 ? 287 CYS A CA  1 
ATOM   1242 C C   . CYS A 1 159 ? -1.957  9.190   2.529   1.00 33.89 ? 287 CYS A C   1 
ATOM   1243 O O   . CYS A 1 159 ? -1.918  10.394  2.233   1.00 37.39 ? 287 CYS A O   1 
ATOM   1244 C CB  . CYS A 1 159 ? 0.565   8.992   3.265   1.00 30.80 ? 287 CYS A CB  1 
ATOM   1245 S SG  . CYS A 1 159 ? 0.160   9.364   5.029   1.00 35.59 ? 287 CYS A SG  1 
HETATM 1246 O O   . HOH B 2 .   ? 5.832   -6.314  -4.912  1.00 19.85 ? 1   HOH A O   1 
HETATM 1247 O O   . HOH B 2 .   ? 18.701  13.212  1.260   1.00 50.75 ? 2   HOH A O   1 
HETATM 1248 O O   . HOH B 2 .   ? -8.322  -3.705  -5.027  1.00 25.38 ? 3   HOH A O   1 
HETATM 1249 O O   . HOH B 2 .   ? -0.705  3.879   10.759  1.00 31.71 ? 4   HOH A O   1 
HETATM 1250 O O   . HOH B 2 .   ? -3.093  2.398   -4.361  1.00 24.12 ? 5   HOH A O   1 
HETATM 1251 O O   . HOH B 2 .   ? 4.069   0.666   -4.567  1.00 21.73 ? 6   HOH A O   1 
HETATM 1252 O O   . HOH B 2 .   ? -1.534  2.224   -6.601  1.00 21.49 ? 7   HOH A O   1 
HETATM 1253 O O   . HOH B 2 .   ? -3.669  5.252   -15.909 1.00 28.08 ? 8   HOH A O   1 
HETATM 1254 O O   . HOH B 2 .   ? -5.790  -4.115  -4.897  1.00 26.08 ? 9   HOH A O   1 
HETATM 1255 O O   . HOH B 2 .   ? 1.506   -6.299  13.253  1.00 32.78 ? 10  HOH A O   1 
HETATM 1256 O O   . HOH B 2 .   ? -1.088  4.186   -3.637  1.00 23.66 ? 11  HOH A O   1 
HETATM 1257 O O   . HOH B 2 .   ? -1.282  6.374   -5.348  1.00 26.08 ? 12  HOH A O   1 
HETATM 1258 O O   . HOH B 2 .   ? -5.129  4.281   -4.799  1.00 21.24 ? 13  HOH A O   1 
HETATM 1259 O O   . HOH B 2 .   ? 5.797   -1.256  -15.523 1.00 23.38 ? 14  HOH A O   1 
HETATM 1260 O O   . HOH B 2 .   ? 5.491   1.331   -6.796  1.00 25.67 ? 15  HOH A O   1 
HETATM 1261 O O   . HOH B 2 .   ? 17.628  7.495   9.506   1.00 28.57 ? 16  HOH A O   1 
HETATM 1262 O O   . HOH B 2 .   ? -2.248  -6.581  -4.365  1.00 29.65 ? 17  HOH A O   1 
HETATM 1263 O O   . HOH B 2 .   ? 0.940   2.415   -4.424  1.00 23.99 ? 18  HOH A O   1 
HETATM 1264 O O   . HOH B 2 .   ? 10.266  -3.816  -7.894  1.00 28.75 ? 19  HOH A O   1 
HETATM 1265 O O   . HOH B 2 .   ? -14.411 -0.729  -9.370  1.00 27.33 ? 20  HOH A O   1 
HETATM 1266 O O   . HOH B 2 .   ? -18.704 -7.261  -2.424  1.00 29.40 ? 21  HOH A O   1 
HETATM 1267 O O   . HOH B 2 .   ? -11.372 3.323   -1.171  1.00 31.71 ? 22  HOH A O   1 
HETATM 1268 O O   . HOH B 2 .   ? 17.913  -2.102  5.075   1.00 26.13 ? 24  HOH A O   1 
HETATM 1269 O O   . HOH B 2 .   ? 15.896  -3.815  4.674   1.00 32.03 ? 25  HOH A O   1 
HETATM 1270 O O   . HOH B 2 .   ? -14.497 -10.559 14.115  1.00 39.36 ? 26  HOH A O   1 
HETATM 1271 O O   . HOH B 2 .   ? 7.794   -5.641  2.112   1.00 28.68 ? 27  HOH A O   1 
HETATM 1272 O O   . HOH B 2 .   ? -4.864  -6.451  -11.956 1.00 35.51 ? 28  HOH A O   1 
HETATM 1273 O O   . HOH B 2 .   ? 13.588  9.050   -6.773  1.00 26.53 ? 29  HOH A O   1 
HETATM 1274 O O   . HOH B 2 .   ? 8.381   14.396  -5.295  1.00 30.09 ? 30  HOH A O   1 
HETATM 1275 O O   . HOH B 2 .   ? 9.167   -4.746  -5.004  1.00 29.75 ? 31  HOH A O   1 
HETATM 1276 O O   . HOH B 2 .   ? -1.894  -3.482  -22.193 1.00 39.31 ? 32  HOH A O   1 
HETATM 1277 O O   . HOH B 2 .   ? 2.496   6.323   10.993  1.00 31.65 ? 33  HOH A O   1 
HETATM 1278 O O   . HOH B 2 .   ? 1.514   -14.488 -2.538  1.00 38.18 ? 34  HOH A O   1 
HETATM 1279 O O   . HOH B 2 .   ? -4.099  4.042   -21.822 1.00 26.80 ? 35  HOH A O   1 
HETATM 1280 O O   . HOH B 2 .   ? -12.115 -12.280 2.041   1.00 30.08 ? 36  HOH A O   1 
HETATM 1281 O O   . HOH B 2 .   ? 1.416   9.908   -0.471  1.00 27.16 ? 37  HOH A O   1 
HETATM 1282 O O   . HOH B 2 .   ? 15.774  -4.095  -2.961  1.00 28.60 ? 38  HOH A O   1 
HETATM 1283 O O   . HOH B 2 .   ? 20.003  6.579   8.477   1.00 33.25 ? 39  HOH A O   1 
HETATM 1284 O O   . HOH B 2 .   ? 18.223  8.672   19.231  1.00 32.91 ? 40  HOH A O   1 
HETATM 1285 O O   . HOH B 2 .   ? 15.826  8.198   -7.337  1.00 43.19 ? 41  HOH A O   1 
HETATM 1286 O O   . HOH B 2 .   ? -16.032 3.626   8.778   1.00 40.52 ? 42  HOH A O   1 
HETATM 1287 O O   . HOH B 2 .   ? -1.960  -8.674  -8.836  1.00 29.45 ? 43  HOH A O   1 
HETATM 1288 O O   . HOH B 2 .   ? 18.534  10.082  15.372  1.00 32.71 ? 44  HOH A O   1 
HETATM 1289 O O   . HOH B 2 .   ? -20.065 -2.722  -9.367  1.00 47.55 ? 45  HOH A O   1 
HETATM 1290 O O   . HOH B 2 .   ? 5.853   8.859   -9.577  1.00 34.30 ? 46  HOH A O   1 
HETATM 1291 O O   . HOH B 2 .   ? -13.826 -6.068  -10.095 1.00 31.59 ? 48  HOH A O   1 
HETATM 1292 O O   . HOH B 2 .   ? -13.955 -12.719 10.003  1.00 42.55 ? 49  HOH A O   1 
HETATM 1293 O O   . HOH B 2 .   ? -4.904  -6.327  -3.724  1.00 31.63 ? 50  HOH A O   1 
HETATM 1294 O O   . HOH B 2 .   ? -5.220  3.662   -17.777 1.00 25.91 ? 51  HOH A O   1 
HETATM 1295 O O   . HOH B 2 .   ? 21.501  4.320   8.873   1.00 29.16 ? 52  HOH A O   1 
HETATM 1296 O O   . HOH B 2 .   ? -0.884  -7.689  13.726  1.00 48.16 ? 53  HOH A O   1 
HETATM 1297 O O   . HOH B 2 .   ? 9.329   11.376  13.006  1.00 45.40 ? 54  HOH A O   1 
HETATM 1298 O O   . HOH B 2 .   ? -8.630  6.473   1.586   1.00 48.82 ? 55  HOH A O   1 
HETATM 1299 O O   . HOH B 2 .   ? -18.094 3.182   -6.779  1.00 45.68 ? 56  HOH A O   1 
HETATM 1300 O O   . HOH B 2 .   ? -23.954 1.895   7.652   1.00 55.80 ? 57  HOH A O   1 
HETATM 1301 O O   . HOH B 2 .   ? 12.233  1.693   12.970  1.00 31.29 ? 58  HOH A O   1 
HETATM 1302 O O   . HOH B 2 .   ? 17.614  10.060  9.116   1.00 32.41 ? 59  HOH A O   1 
HETATM 1303 O O   . HOH B 2 .   ? 7.753   -3.727  -18.041 1.00 38.56 ? 60  HOH A O   1 
HETATM 1304 O O   . HOH B 2 .   ? -14.837 7.584   7.826   1.00 51.97 ? 61  HOH A O   1 
HETATM 1305 O O   . HOH B 2 .   ? 12.562  -5.353  4.878   1.00 27.63 ? 62  HOH A O   1 
HETATM 1306 O O   . HOH B 2 .   ? -13.172 1.915   -11.077 1.00 44.75 ? 63  HOH A O   1 
HETATM 1307 O O   . HOH B 2 .   ? 7.934   12.150  7.251   1.00 37.07 ? 65  HOH A O   1 
HETATM 1308 O O   . HOH B 2 .   ? 11.673  1.341   16.993  1.00 48.41 ? 67  HOH A O   1 
HETATM 1309 O O   . HOH B 2 .   ? -20.684 -3.410  4.020   1.00 40.35 ? 68  HOH A O   1 
HETATM 1310 O O   . HOH B 2 .   ? 3.517   -9.305  -16.361 1.00 53.28 ? 69  HOH A O   1 
HETATM 1311 O O   . HOH B 2 .   ? 9.945   14.241  -3.300  1.00 35.62 ? 72  HOH A O   1 
HETATM 1312 O O   . HOH B 2 .   ? 15.579  0.604   -3.671  1.00 41.34 ? 73  HOH A O   1 
HETATM 1313 O O   . HOH B 2 .   ? 20.488  -2.215  -8.307  1.00 50.06 ? 75  HOH A O   1 
HETATM 1314 O O   . HOH B 2 .   ? 12.883  13.121  -5.425  1.00 33.88 ? 76  HOH A O   1 
HETATM 1315 O O   . HOH B 2 .   ? -22.673 -1.675  5.167   1.00 42.87 ? 78  HOH A O   1 
HETATM 1316 O O   . HOH B 2 .   ? 3.391   4.777   -21.192 1.00 40.20 ? 79  HOH A O   1 
HETATM 1317 O O   . HOH B 2 .   ? 13.108  -4.662  -17.571 1.00 34.33 ? 81  HOH A O   1 
HETATM 1318 O O   . HOH B 2 .   ? -9.562  -10.736 -5.121  1.00 31.73 ? 82  HOH A O   1 
HETATM 1319 O O   . HOH B 2 .   ? -6.356  -0.886  -13.022 1.00 31.83 ? 83  HOH A O   1 
HETATM 1320 O O   . HOH B 2 .   ? 2.865   8.012   -18.019 1.00 31.53 ? 85  HOH A O   1 
HETATM 1321 O O   . HOH B 2 .   ? 10.984  -1.094  15.654  1.00 57.15 ? 86  HOH A O   1 
HETATM 1322 O O   . HOH B 2 .   ? -10.942 9.641   -10.430 1.00 49.97 ? 87  HOH A O   1 
HETATM 1323 O O   . HOH B 2 .   ? -16.539 -6.101  -4.107  1.00 37.63 ? 88  HOH A O   1 
HETATM 1324 O O   . HOH B 2 .   ? -17.584 2.419   10.238  1.00 54.38 ? 90  HOH A O   1 
HETATM 1325 O O   . HOH B 2 .   ? 8.017   15.398  -1.432  1.00 32.74 ? 126 HOH A O   1 
HETATM 1326 O O   . HOH B 2 .   ? -16.549 -6.145  -6.727  1.00 33.28 ? 127 HOH A O   1 
HETATM 1327 O O   . HOH B 2 .   ? -5.119  -10.500 -3.346  1.00 53.53 ? 128 HOH A O   1 
HETATM 1328 O O   . HOH B 2 .   ? 11.513  16.654  -3.800  1.00 34.95 ? 288 HOH A O   1 
HETATM 1329 O O   . HOH B 2 .   ? -19.525 -4.869  -6.984  1.00 47.82 ? 289 HOH A O   1 
# 
loop_
_pdbx_poly_seq_scheme.asym_id 
_pdbx_poly_seq_scheme.entity_id 
_pdbx_poly_seq_scheme.seq_id 
_pdbx_poly_seq_scheme.mon_id 
_pdbx_poly_seq_scheme.ndb_seq_num 
_pdbx_poly_seq_scheme.pdb_seq_num 
_pdbx_poly_seq_scheme.auth_seq_num 
_pdbx_poly_seq_scheme.pdb_mon_id 
_pdbx_poly_seq_scheme.auth_mon_id 
_pdbx_poly_seq_scheme.pdb_strand_id 
_pdbx_poly_seq_scheme.pdb_ins_code 
_pdbx_poly_seq_scheme.hetero 
A 1 1   THR 1   129 129 THR THR A . n 
A 1 2   LEU 2   130 130 LEU LEU A . n 
A 1 3   PRO 3   131 131 PRO PRO A . n 
A 1 4   LEU 4   132 132 LEU LEU A . n 
A 1 5   TRP 5   133 133 TRP TRP A . n 
A 1 6   ILE 6   134 134 ILE ILE A . n 
A 1 7   GLY 7   135 135 GLY GLY A . n 
A 1 8   LYS 8   136 136 LYS LYS A . n 
A 1 9   PRO 9   137 137 PRO PRO A . n 
A 1 10  GLY 10  138 138 GLY GLY A . n 
A 1 11  ASP 11  139 139 ASP ASP A . n 
A 1 12  LYS 12  140 140 LYS LYS A . n 
A 1 13  PRO 13  141 141 PRO PRO A . n 
A 1 14  PRO 14  142 142 PRO PRO A . n 
A 1 15  PRO 15  143 143 PRO PRO A . n 
A 1 16  LEU 16  144 144 LEU LEU A . n 
A 1 17  CYS 17  145 145 CYS CYS A . n 
A 1 18  GLY 18  146 146 GLY GLY A . n 
A 1 19  ALA 19  147 147 ALA ALA A . n 
A 1 20  ILE 20  148 148 ILE ILE A . n 
A 1 21  PRO 21  149 149 PRO PRO A . n 
A 1 22  ALA 22  150 150 ALA ALA A . n 
A 1 23  SER 23  151 151 SER SER A . n 
A 1 24  GLY 24  152 152 GLY GLY A . n 
A 1 25  ASP 25  153 153 ASP ASP A . n 
A 1 26  TYR 26  154 154 TYR TYR A . n 
A 1 27  VAL 27  155 155 VAL VAL A . n 
A 1 28  ALA 28  156 156 ALA ALA A . n 
A 1 29  ARG 29  157 157 ARG ARG A . n 
A 1 30  PRO 30  158 158 PRO PRO A . n 
A 1 31  GLY 31  159 159 GLY GLY A . n 
A 1 32  ASP 32  160 160 ASP ASP A . n 
A 1 33  LYS 33  161 161 LYS LYS A . n 
A 1 34  VAL 34  162 162 VAL VAL A . n 
A 1 35  ALA 35  163 163 ALA ALA A . n 
A 1 36  ALA 36  164 164 ALA ALA A . n 
A 1 37  ARG 37  165 165 ARG ARG A . n 
A 1 38  VAL 38  166 166 VAL VAL A . n 
A 1 39  LYS 39  167 167 LYS LYS A . n 
A 1 40  ALA 40  168 168 ALA ALA A . n 
A 1 41  VAL 41  169 169 VAL VAL A . n 
A 1 42  ASP 42  170 ?   ?   ?   A . n 
A 1 43  GLY 43  171 ?   ?   ?   A . n 
A 1 44  ASP 44  172 172 ASP ASP A . n 
A 1 45  GLU 45  173 173 GLU GLU A . n 
A 1 46  GLN 46  174 174 GLN GLN A . n 
A 1 47  TRP 47  175 175 TRP TRP A . n 
A 1 48  ILE 48  176 176 ILE ILE A . n 
A 1 49  LEU 49  177 177 LEU LEU A . n 
A 1 50  ALA 50  178 178 ALA ALA A . n 
A 1 51  GLU 51  179 179 GLU GLU A . n 
A 1 52  VAL 52  180 180 VAL VAL A . n 
A 1 53  VAL 53  181 181 VAL VAL A . n 
A 1 54  SER 54  182 182 SER SER A . n 
A 1 55  TYR 55  183 183 TYR TYR A . n 
A 1 56  SER 56  184 184 SER SER A . n 
A 1 57  HIS 57  185 185 HIS HIS A . n 
A 1 58  ALA 58  186 186 ALA ALA A . n 
A 1 59  THR 59  187 187 THR THR A . n 
A 1 60  ASN 60  188 188 ASN ASN A . n 
A 1 61  LYS 61  189 189 LYS LYS A . n 
A 1 62  TYR 62  190 190 TYR TYR A . n 
A 1 63  GLU 63  191 191 GLU GLU A . n 
A 1 64  VAL 64  192 192 VAL VAL A . n 
A 1 65  ASP 65  193 193 ASP ASP A . n 
A 1 66  ASP 66  194 194 ASP ASP A . n 
A 1 67  ILE 67  195 195 ILE ILE A . n 
A 1 68  ASP 68  196 196 ASP ASP A . n 
A 1 69  GLU 69  197 197 GLU GLU A . n 
A 1 70  GLU 70  198 198 GLU GLU A . n 
A 1 71  GLY 71  199 199 GLY GLY A . n 
A 1 72  LYS 72  200 200 LYS LYS A . n 
A 1 73  GLU 73  201 201 GLU GLU A . n 
A 1 74  ARG 74  202 202 ARG ARG A . n 
A 1 75  HIS 75  203 203 HIS HIS A . n 
A 1 76  THR 76  204 204 THR THR A . n 
A 1 77  LEU 77  205 205 LEU LEU A . n 
A 1 78  SER 78  206 206 SER SER A . n 
A 1 79  ARG 79  207 207 ARG ARG A . n 
A 1 80  ARG 80  208 208 ARG ARG A . n 
A 1 81  ARG 81  209 209 ARG ARG A . n 
A 1 82  VAL 82  210 210 VAL VAL A . n 
A 1 83  ILE 83  211 211 ILE ILE A . n 
A 1 84  PRO 84  212 212 PRO PRO A . n 
A 1 85  LEU 85  213 213 LEU LEU A . n 
A 1 86  PRO 86  214 214 PRO PRO A . n 
A 1 87  GLN 87  215 215 GLN GLN A . n 
A 1 88  TRP 88  216 216 TRP TRP A . n 
A 1 89  LYS 89  217 217 LYS LYS A . n 
A 1 90  ALA 90  218 218 ALA ALA A . n 
A 1 91  ASN 91  219 219 ASN ASN A . n 
A 1 92  PRO 92  220 220 PRO PRO A . n 
A 1 93  GLU 93  221 221 GLU GLU A . n 
A 1 94  THR 94  222 222 THR THR A . n 
A 1 95  ASP 95  223 223 ASP ASP A . n 
A 1 96  PRO 96  224 224 PRO PRO A . n 
A 1 97  GLU 97  225 225 GLU GLU A . n 
A 1 98  ALA 98  226 226 ALA ALA A . n 
A 1 99  LEU 99  227 227 LEU LEU A . n 
A 1 100 PHE 100 228 228 PHE PHE A . n 
A 1 101 GLN 101 229 229 GLN GLN A . n 
A 1 102 LYS 102 230 230 LYS LYS A . n 
A 1 103 GLU 103 231 231 GLU GLU A . n 
A 1 104 GLN 104 232 232 GLN GLN A . n 
A 1 105 LEU 105 233 233 LEU LEU A . n 
A 1 106 VAL 106 234 234 VAL VAL A . n 
A 1 107 LEU 107 235 235 LEU LEU A . n 
A 1 108 ALA 108 236 236 ALA ALA A . n 
A 1 109 LEU 109 237 237 LEU LEU A . n 
A 1 110 TYR 110 238 238 TYR TYR A . n 
A 1 111 PRO 111 239 239 PRO PRO A . n 
A 1 112 GLN 112 240 240 GLN GLN A . n 
A 1 113 THR 113 241 241 THR THR A . n 
A 1 114 THR 114 242 242 THR THR A . n 
A 1 115 CYS 115 243 243 CYS CYS A . n 
A 1 116 PHE 116 244 244 PHE PHE A . n 
A 1 117 TYR 117 245 245 TYR TYR A . n 
A 1 118 ARG 118 246 246 ARG ARG A . n 
A 1 119 ALA 119 247 247 ALA ALA A . n 
A 1 120 LEU 120 248 248 LEU LEU A . n 
A 1 121 ILE 121 249 249 ILE ILE A . n 
A 1 122 HIS 122 250 250 HIS HIS A . n 
A 1 123 ALA 123 251 251 ALA ALA A . n 
A 1 124 PRO 124 252 252 PRO PRO A . n 
A 1 125 PRO 125 253 253 PRO PRO A . n 
A 1 126 GLN 126 254 254 GLN GLN A . n 
A 1 127 ARG 127 255 255 ARG ARG A . n 
A 1 128 PRO 128 256 256 PRO PRO A . n 
A 1 129 GLN 129 257 257 GLN GLN A . n 
A 1 130 ASP 130 258 258 ASP ASP A . n 
A 1 131 ASP 131 259 259 ASP ASP A . n 
A 1 132 TYR 132 260 260 TYR TYR A . n 
A 1 133 SER 133 261 261 SER SER A . n 
A 1 134 VAL 134 262 262 VAL VAL A . n 
A 1 135 LEU 135 263 263 LEU LEU A . n 
A 1 136 PHE 136 264 264 PHE PHE A . n 
A 1 137 GLU 137 265 265 GLU GLU A . n 
A 1 138 ASP 138 266 266 ASP ASP A . n 
A 1 139 THR 139 267 267 THR THR A . n 
A 1 140 SER 140 268 268 SER SER A . n 
A 1 141 TYR 141 269 269 TYR TYR A . n 
A 1 142 ALA 142 270 270 ALA ALA A . n 
A 1 143 ASP 143 271 271 ASP ASP A . n 
A 1 144 GLY 144 272 272 GLY GLY A . n 
A 1 145 TYR 145 273 273 TYR TYR A . n 
A 1 146 SER 146 274 274 SER SER A . n 
A 1 147 PRO 147 275 275 PRO PRO A . n 
A 1 148 PRO 148 276 276 PRO PRO A . n 
A 1 149 LEU 149 277 277 LEU LEU A . n 
A 1 150 ASN 150 278 278 ASN ASN A . n 
A 1 151 VAL 151 279 279 VAL VAL A . n 
A 1 152 ALA 152 280 280 ALA ALA A . n 
A 1 153 GLN 153 281 281 GLN GLN A . n 
A 1 154 ARG 154 282 282 ARG ARG A . n 
A 1 155 TYR 155 283 283 TYR TYR A . n 
A 1 156 VAL 156 284 284 VAL VAL A . n 
A 1 157 VAL 157 285 285 VAL VAL A . n 
A 1 158 ALA 158 286 286 ALA ALA A . n 
A 1 159 CYS 159 287 287 CYS CYS A . n 
# 
_pdbx_SG_project.id                    1 
_pdbx_SG_project.project_name          ? 
_pdbx_SG_project.full_name_of_center   'Structural Genomics Consortium' 
_pdbx_SG_project.initial_of_center     SGC 
# 
loop_
_pdbx_nonpoly_scheme.asym_id 
_pdbx_nonpoly_scheme.entity_id 
_pdbx_nonpoly_scheme.mon_id 
_pdbx_nonpoly_scheme.ndb_seq_num 
_pdbx_nonpoly_scheme.pdb_seq_num 
_pdbx_nonpoly_scheme.auth_seq_num 
_pdbx_nonpoly_scheme.pdb_mon_id 
_pdbx_nonpoly_scheme.auth_mon_id 
_pdbx_nonpoly_scheme.pdb_strand_id 
_pdbx_nonpoly_scheme.pdb_ins_code 
B 2 HOH 1  1   1   HOH HOH A . 
B 2 HOH 2  2   2   HOH HOH A . 
B 2 HOH 3  3   3   HOH HOH A . 
B 2 HOH 4  4   4   HOH HOH A . 
B 2 HOH 5  5   5   HOH HOH A . 
B 2 HOH 6  6   6   HOH HOH A . 
B 2 HOH 7  7   7   HOH HOH A . 
B 2 HOH 8  8   8   HOH HOH A . 
B 2 HOH 9  9   9   HOH HOH A . 
B 2 HOH 10 10  10  HOH HOH A . 
B 2 HOH 11 11  11  HOH HOH A . 
B 2 HOH 12 12  12  HOH HOH A . 
B 2 HOH 13 13  13  HOH HOH A . 
B 2 HOH 14 14  14  HOH HOH A . 
B 2 HOH 15 15  15  HOH HOH A . 
B 2 HOH 16 16  16  HOH HOH A . 
B 2 HOH 17 17  17  HOH HOH A . 
B 2 HOH 18 18  18  HOH HOH A . 
B 2 HOH 19 19  19  HOH HOH A . 
B 2 HOH 20 20  20  HOH HOH A . 
B 2 HOH 21 21  21  HOH HOH A . 
B 2 HOH 22 22  22  HOH HOH A . 
B 2 HOH 23 24  24  HOH HOH A . 
B 2 HOH 24 25  25  HOH HOH A . 
B 2 HOH 25 26  26  HOH HOH A . 
B 2 HOH 26 27  27  HOH HOH A . 
B 2 HOH 27 28  28  HOH HOH A . 
B 2 HOH 28 29  29  HOH HOH A . 
B 2 HOH 29 30  30  HOH HOH A . 
B 2 HOH 30 31  31  HOH HOH A . 
B 2 HOH 31 32  32  HOH HOH A . 
B 2 HOH 32 33  33  HOH HOH A . 
B 2 HOH 33 34  34  HOH HOH A . 
B 2 HOH 34 35  35  HOH HOH A . 
B 2 HOH 35 36  36  HOH HOH A . 
B 2 HOH 36 37  37  HOH HOH A . 
B 2 HOH 37 38  38  HOH HOH A . 
B 2 HOH 38 39  39  HOH HOH A . 
B 2 HOH 39 40  40  HOH HOH A . 
B 2 HOH 40 41  41  HOH HOH A . 
B 2 HOH 41 42  42  HOH HOH A . 
B 2 HOH 42 43  43  HOH HOH A . 
B 2 HOH 43 44  44  HOH HOH A . 
B 2 HOH 44 45  45  HOH HOH A . 
B 2 HOH 45 46  46  HOH HOH A . 
B 2 HOH 46 48  48  HOH HOH A . 
B 2 HOH 47 49  49  HOH HOH A . 
B 2 HOH 48 50  50  HOH HOH A . 
B 2 HOH 49 51  51  HOH HOH A . 
B 2 HOH 50 52  52  HOH HOH A . 
B 2 HOH 51 53  53  HOH HOH A . 
B 2 HOH 52 54  54  HOH HOH A . 
B 2 HOH 53 55  55  HOH HOH A . 
B 2 HOH 54 56  56  HOH HOH A . 
B 2 HOH 55 57  57  HOH HOH A . 
B 2 HOH 56 58  58  HOH HOH A . 
B 2 HOH 57 59  59  HOH HOH A . 
B 2 HOH 58 60  60  HOH HOH A . 
B 2 HOH 59 61  61  HOH HOH A . 
B 2 HOH 60 62  62  HOH HOH A . 
B 2 HOH 61 63  63  HOH HOH A . 
B 2 HOH 62 65  65  HOH HOH A . 
B 2 HOH 63 67  67  HOH HOH A . 
B 2 HOH 64 68  68  HOH HOH A . 
B 2 HOH 65 69  69  HOH HOH A . 
B 2 HOH 66 72  72  HOH HOH A . 
B 2 HOH 67 73  73  HOH HOH A . 
B 2 HOH 68 75  75  HOH HOH A . 
B 2 HOH 69 76  76  HOH HOH A . 
B 2 HOH 70 78  78  HOH HOH A . 
B 2 HOH 71 79  79  HOH HOH A . 
B 2 HOH 72 81  81  HOH HOH A . 
B 2 HOH 73 82  82  HOH HOH A . 
B 2 HOH 74 83  83  HOH HOH A . 
B 2 HOH 75 85  85  HOH HOH A . 
B 2 HOH 76 86  86  HOH HOH A . 
B 2 HOH 77 87  87  HOH HOH A . 
B 2 HOH 78 88  88  HOH HOH A . 
B 2 HOH 79 90  90  HOH HOH A . 
B 2 HOH 80 126 126 HOH HOH A . 
B 2 HOH 81 127 127 HOH HOH A . 
B 2 HOH 82 128 128 HOH HOH A . 
B 2 HOH 83 288 129 HOH HOH A . 
B 2 HOH 84 289 130 HOH HOH A . 
# 
_pdbx_struct_assembly.id                   1 
_pdbx_struct_assembly.details              software_defined_assembly 
_pdbx_struct_assembly.method_details       PISA 
_pdbx_struct_assembly.oligomeric_details   monomeric 
_pdbx_struct_assembly.oligomeric_count     1 
# 
_pdbx_struct_assembly_gen.assembly_id       1 
_pdbx_struct_assembly_gen.oper_expression   1 
_pdbx_struct_assembly_gen.asym_id_list      A,B 
# 
_pdbx_struct_oper_list.id                   1 
_pdbx_struct_oper_list.type                 'identity operation' 
_pdbx_struct_oper_list.name                 1_555 
_pdbx_struct_oper_list.symmetry_operation   x,y,z 
_pdbx_struct_oper_list.matrix[1][1]         1.0000000000 
_pdbx_struct_oper_list.matrix[1][2]         0.0000000000 
_pdbx_struct_oper_list.matrix[1][3]         0.0000000000 
_pdbx_struct_oper_list.vector[1]            0.0000000000 
_pdbx_struct_oper_list.matrix[2][1]         0.0000000000 
_pdbx_struct_oper_list.matrix[2][2]         1.0000000000 
_pdbx_struct_oper_list.matrix[2][3]         0.0000000000 
_pdbx_struct_oper_list.vector[2]            0.0000000000 
_pdbx_struct_oper_list.matrix[3][1]         0.0000000000 
_pdbx_struct_oper_list.matrix[3][2]         0.0000000000 
_pdbx_struct_oper_list.matrix[3][3]         1.0000000000 
_pdbx_struct_oper_list.vector[3]            0.0000000000 
# 
loop_
_pdbx_audit_revision_history.ordinal 
_pdbx_audit_revision_history.data_content_type 
_pdbx_audit_revision_history.major_revision 
_pdbx_audit_revision_history.minor_revision 
_pdbx_audit_revision_history.revision_date 
1 'Structure model' 1 0 2010-04-28 
2 'Structure model' 1 1 2011-07-13 
3 'Structure model' 1 2 2011-08-03 
4 'Structure model' 1 3 2023-09-06 
# 
_pdbx_audit_revision_details.ordinal             1 
_pdbx_audit_revision_details.revision_ordinal    1 
_pdbx_audit_revision_details.data_content_type   'Structure model' 
_pdbx_audit_revision_details.provider            repository 
_pdbx_audit_revision_details.type                'Initial release' 
_pdbx_audit_revision_details.description         ? 
_pdbx_audit_revision_details.details             ? 
# 
loop_
_pdbx_audit_revision_group.ordinal 
_pdbx_audit_revision_group.revision_ordinal 
_pdbx_audit_revision_group.data_content_type 
_pdbx_audit_revision_group.group 
1 2 'Structure model' 'Version format compliance' 
2 3 'Structure model' 'Database references'       
3 4 'Structure model' 'Data collection'           
4 4 'Structure model' 'Database references'       
5 4 'Structure model' 'Refinement description'    
# 
loop_
_pdbx_audit_revision_category.ordinal 
_pdbx_audit_revision_category.revision_ordinal 
_pdbx_audit_revision_category.data_content_type 
_pdbx_audit_revision_category.category 
1 4 'Structure model' chem_comp_atom                
2 4 'Structure model' chem_comp_bond                
3 4 'Structure model' database_2                    
4 4 'Structure model' pdbx_initial_refinement_model 
# 
loop_
_pdbx_audit_revision_item.ordinal 
_pdbx_audit_revision_item.revision_ordinal 
_pdbx_audit_revision_item.data_content_type 
_pdbx_audit_revision_item.item 
1 4 'Structure model' '_database_2.pdbx_DOI'                
2 4 'Structure model' '_database_2.pdbx_database_accession' 
# 
loop_
_software.pdbx_ordinal 
_software.name 
_software.version 
_software.date 
_software.type 
_software.contact_author 
_software.contact_author_email 
_software.classification 
_software.location 
_software.language 
_software.citation_id 
1 REFMAC      5.5.0102 ?               program 'Garib N. Murshudov' garib@ysbl.york.ac.uk refinement        
http://www.ccp4.ac.uk/dist/html/refmac5.html Fortran_77 ? 
2 PDB_EXTRACT 3.100    'Jan. 22, 2010' package PDB                  help@deposit.rcsb.org 'data extraction' 
http://sw-tools.pdb.org/apps/PDB_EXTRACT/    C++        ? 
3 HKL-2000    .        ?               ?       ?                    ?                     'data reduction'  ? ?          ? 
4 HKL-2000    .        ?               ?       ?                    ?                     'data scaling'    ? ?          ? 
# 
_pdbx_validate_symm_contact.id                1 
_pdbx_validate_symm_contact.PDB_model_num     1 
_pdbx_validate_symm_contact.auth_atom_id_1    O 
_pdbx_validate_symm_contact.auth_asym_id_1    A 
_pdbx_validate_symm_contact.auth_comp_id_1    GLU 
_pdbx_validate_symm_contact.auth_seq_id_1     198 
_pdbx_validate_symm_contact.PDB_ins_code_1    ? 
_pdbx_validate_symm_contact.label_alt_id_1    ? 
_pdbx_validate_symm_contact.site_symmetry_1   1_555 
_pdbx_validate_symm_contact.auth_atom_id_2    NH2 
_pdbx_validate_symm_contact.auth_asym_id_2    A 
_pdbx_validate_symm_contact.auth_comp_id_2    ARG 
_pdbx_validate_symm_contact.auth_seq_id_2     209 
_pdbx_validate_symm_contact.PDB_ins_code_2    ? 
_pdbx_validate_symm_contact.label_alt_id_2    ? 
_pdbx_validate_symm_contact.site_symmetry_2   4_455 
_pdbx_validate_symm_contact.dist              2.14 
# 
_pdbx_validate_rmsd_bond.id                        1 
_pdbx_validate_rmsd_bond.PDB_model_num             1 
_pdbx_validate_rmsd_bond.auth_atom_id_1            CG 
_pdbx_validate_rmsd_bond.auth_asym_id_1            A 
_pdbx_validate_rmsd_bond.auth_comp_id_1            GLN 
_pdbx_validate_rmsd_bond.auth_seq_id_1             229 
_pdbx_validate_rmsd_bond.PDB_ins_code_1            ? 
_pdbx_validate_rmsd_bond.label_alt_id_1            ? 
_pdbx_validate_rmsd_bond.auth_atom_id_2            CD 
_pdbx_validate_rmsd_bond.auth_asym_id_2            A 
_pdbx_validate_rmsd_bond.auth_comp_id_2            GLN 
_pdbx_validate_rmsd_bond.auth_seq_id_2             229 
_pdbx_validate_rmsd_bond.PDB_ins_code_2            ? 
_pdbx_validate_rmsd_bond.label_alt_id_2            ? 
_pdbx_validate_rmsd_bond.bond_value                1.647 
_pdbx_validate_rmsd_bond.bond_target_value         1.506 
_pdbx_validate_rmsd_bond.bond_deviation            0.141 
_pdbx_validate_rmsd_bond.bond_standard_deviation   0.023 
_pdbx_validate_rmsd_bond.linker_flag               N 
# 
loop_
_pdbx_validate_rmsd_angle.id 
_pdbx_validate_rmsd_angle.PDB_model_num 
_pdbx_validate_rmsd_angle.auth_atom_id_1 
_pdbx_validate_rmsd_angle.auth_asym_id_1 
_pdbx_validate_rmsd_angle.auth_comp_id_1 
_pdbx_validate_rmsd_angle.auth_seq_id_1 
_pdbx_validate_rmsd_angle.PDB_ins_code_1 
_pdbx_validate_rmsd_angle.label_alt_id_1 
_pdbx_validate_rmsd_angle.auth_atom_id_2 
_pdbx_validate_rmsd_angle.auth_asym_id_2 
_pdbx_validate_rmsd_angle.auth_comp_id_2 
_pdbx_validate_rmsd_angle.auth_seq_id_2 
_pdbx_validate_rmsd_angle.PDB_ins_code_2 
_pdbx_validate_rmsd_angle.label_alt_id_2 
_pdbx_validate_rmsd_angle.auth_atom_id_3 
_pdbx_validate_rmsd_angle.auth_asym_id_3 
_pdbx_validate_rmsd_angle.auth_comp_id_3 
_pdbx_validate_rmsd_angle.auth_seq_id_3 
_pdbx_validate_rmsd_angle.PDB_ins_code_3 
_pdbx_validate_rmsd_angle.label_alt_id_3 
_pdbx_validate_rmsd_angle.angle_value 
_pdbx_validate_rmsd_angle.angle_target_value 
_pdbx_validate_rmsd_angle.angle_deviation 
_pdbx_validate_rmsd_angle.angle_standard_deviation 
_pdbx_validate_rmsd_angle.linker_flag 
1 1 NE A ARG 207 ? ? CZ A ARG 207 ? ? NH1 A ARG 207 ? ? 124.07 120.30 3.77  0.50 N 
2 1 NE A ARG 207 ? ? CZ A ARG 207 ? ? NH2 A ARG 207 ? ? 115.14 120.30 -5.16 0.50 N 
3 1 NE A ARG 209 ? ? CZ A ARG 209 ? ? NH2 A ARG 209 ? ? 116.02 120.30 -4.28 0.50 N 
# 
loop_
_pdbx_validate_torsion.id 
_pdbx_validate_torsion.PDB_model_num 
_pdbx_validate_torsion.auth_comp_id 
_pdbx_validate_torsion.auth_asym_id 
_pdbx_validate_torsion.auth_seq_id 
_pdbx_validate_torsion.PDB_ins_code 
_pdbx_validate_torsion.label_alt_id 
_pdbx_validate_torsion.phi 
_pdbx_validate_torsion.psi 
1 1 ALA A 168 ? ? -105.01 -146.81 
2 1 GLU A 231 ? ? 76.87   -10.01  
# 
loop_
_pdbx_unobs_or_zero_occ_residues.id 
_pdbx_unobs_or_zero_occ_residues.PDB_model_num 
_pdbx_unobs_or_zero_occ_residues.polymer_flag 
_pdbx_unobs_or_zero_occ_residues.occupancy_flag 
_pdbx_unobs_or_zero_occ_residues.auth_asym_id 
_pdbx_unobs_or_zero_occ_residues.auth_comp_id 
_pdbx_unobs_or_zero_occ_residues.auth_seq_id 
_pdbx_unobs_or_zero_occ_residues.PDB_ins_code 
_pdbx_unobs_or_zero_occ_residues.label_asym_id 
_pdbx_unobs_or_zero_occ_residues.label_comp_id 
_pdbx_unobs_or_zero_occ_residues.label_seq_id 
1 1 Y 1 A ASP 170 ? A ASP 42 
2 1 Y 1 A GLY 171 ? A GLY 43 
# 
loop_
_chem_comp_atom.comp_id 
_chem_comp_atom.atom_id 
_chem_comp_atom.type_symbol 
_chem_comp_atom.pdbx_aromatic_flag 
_chem_comp_atom.pdbx_stereo_config 
_chem_comp_atom.pdbx_ordinal 
ALA N    N N N 1   
ALA CA   C N S 2   
ALA C    C N N 3   
ALA O    O N N 4   
ALA CB   C N N 5   
ALA OXT  O N N 6   
ALA H    H N N 7   
ALA H2   H N N 8   
ALA HA   H N N 9   
ALA HB1  H N N 10  
ALA HB2  H N N 11  
ALA HB3  H N N 12  
ALA HXT  H N N 13  
ARG N    N N N 14  
ARG CA   C N S 15  
ARG C    C N N 16  
ARG O    O N N 17  
ARG CB   C N N 18  
ARG CG   C N N 19  
ARG CD   C N N 20  
ARG NE   N N N 21  
ARG CZ   C N N 22  
ARG NH1  N N N 23  
ARG NH2  N N N 24  
ARG OXT  O N N 25  
ARG H    H N N 26  
ARG H2   H N N 27  
ARG HA   H N N 28  
ARG HB2  H N N 29  
ARG HB3  H N N 30  
ARG HG2  H N N 31  
ARG HG3  H N N 32  
ARG HD2  H N N 33  
ARG HD3  H N N 34  
ARG HE   H N N 35  
ARG HH11 H N N 36  
ARG HH12 H N N 37  
ARG HH21 H N N 38  
ARG HH22 H N N 39  
ARG HXT  H N N 40  
ASN N    N N N 41  
ASN CA   C N S 42  
ASN C    C N N 43  
ASN O    O N N 44  
ASN CB   C N N 45  
ASN CG   C N N 46  
ASN OD1  O N N 47  
ASN ND2  N N N 48  
ASN OXT  O N N 49  
ASN H    H N N 50  
ASN H2   H N N 51  
ASN HA   H N N 52  
ASN HB2  H N N 53  
ASN HB3  H N N 54  
ASN HD21 H N N 55  
ASN HD22 H N N 56  
ASN HXT  H N N 57  
ASP N    N N N 58  
ASP CA   C N S 59  
ASP C    C N N 60  
ASP O    O N N 61  
ASP CB   C N N 62  
ASP CG   C N N 63  
ASP OD1  O N N 64  
ASP OD2  O N N 65  
ASP OXT  O N N 66  
ASP H    H N N 67  
ASP H2   H N N 68  
ASP HA   H N N 69  
ASP HB2  H N N 70  
ASP HB3  H N N 71  
ASP HD2  H N N 72  
ASP HXT  H N N 73  
CYS N    N N N 74  
CYS CA   C N R 75  
CYS C    C N N 76  
CYS O    O N N 77  
CYS CB   C N N 78  
CYS SG   S N N 79  
CYS OXT  O N N 80  
CYS H    H N N 81  
CYS H2   H N N 82  
CYS HA   H N N 83  
CYS HB2  H N N 84  
CYS HB3  H N N 85  
CYS HG   H N N 86  
CYS HXT  H N N 87  
GLN N    N N N 88  
GLN CA   C N S 89  
GLN C    C N N 90  
GLN O    O N N 91  
GLN CB   C N N 92  
GLN CG   C N N 93  
GLN CD   C N N 94  
GLN OE1  O N N 95  
GLN NE2  N N N 96  
GLN OXT  O N N 97  
GLN H    H N N 98  
GLN H2   H N N 99  
GLN HA   H N N 100 
GLN HB2  H N N 101 
GLN HB3  H N N 102 
GLN HG2  H N N 103 
GLN HG3  H N N 104 
GLN HE21 H N N 105 
GLN HE22 H N N 106 
GLN HXT  H N N 107 
GLU N    N N N 108 
GLU CA   C N S 109 
GLU C    C N N 110 
GLU O    O N N 111 
GLU CB   C N N 112 
GLU CG   C N N 113 
GLU CD   C N N 114 
GLU OE1  O N N 115 
GLU OE2  O N N 116 
GLU OXT  O N N 117 
GLU H    H N N 118 
GLU H2   H N N 119 
GLU HA   H N N 120 
GLU HB2  H N N 121 
GLU HB3  H N N 122 
GLU HG2  H N N 123 
GLU HG3  H N N 124 
GLU HE2  H N N 125 
GLU HXT  H N N 126 
GLY N    N N N 127 
GLY CA   C N N 128 
GLY C    C N N 129 
GLY O    O N N 130 
GLY OXT  O N N 131 
GLY H    H N N 132 
GLY H2   H N N 133 
GLY HA2  H N N 134 
GLY HA3  H N N 135 
GLY HXT  H N N 136 
HIS N    N N N 137 
HIS CA   C N S 138 
HIS C    C N N 139 
HIS O    O N N 140 
HIS CB   C N N 141 
HIS CG   C Y N 142 
HIS ND1  N Y N 143 
HIS CD2  C Y N 144 
HIS CE1  C Y N 145 
HIS NE2  N Y N 146 
HIS OXT  O N N 147 
HIS H    H N N 148 
HIS H2   H N N 149 
HIS HA   H N N 150 
HIS HB2  H N N 151 
HIS HB3  H N N 152 
HIS HD1  H N N 153 
HIS HD2  H N N 154 
HIS HE1  H N N 155 
HIS HE2  H N N 156 
HIS HXT  H N N 157 
HOH O    O N N 158 
HOH H1   H N N 159 
HOH H2   H N N 160 
ILE N    N N N 161 
ILE CA   C N S 162 
ILE C    C N N 163 
ILE O    O N N 164 
ILE CB   C N S 165 
ILE CG1  C N N 166 
ILE CG2  C N N 167 
ILE CD1  C N N 168 
ILE OXT  O N N 169 
ILE H    H N N 170 
ILE H2   H N N 171 
ILE HA   H N N 172 
ILE HB   H N N 173 
ILE HG12 H N N 174 
ILE HG13 H N N 175 
ILE HG21 H N N 176 
ILE HG22 H N N 177 
ILE HG23 H N N 178 
ILE HD11 H N N 179 
ILE HD12 H N N 180 
ILE HD13 H N N 181 
ILE HXT  H N N 182 
LEU N    N N N 183 
LEU CA   C N S 184 
LEU C    C N N 185 
LEU O    O N N 186 
LEU CB   C N N 187 
LEU CG   C N N 188 
LEU CD1  C N N 189 
LEU CD2  C N N 190 
LEU OXT  O N N 191 
LEU H    H N N 192 
LEU H2   H N N 193 
LEU HA   H N N 194 
LEU HB2  H N N 195 
LEU HB3  H N N 196 
LEU HG   H N N 197 
LEU HD11 H N N 198 
LEU HD12 H N N 199 
LEU HD13 H N N 200 
LEU HD21 H N N 201 
LEU HD22 H N N 202 
LEU HD23 H N N 203 
LEU HXT  H N N 204 
LYS N    N N N 205 
LYS CA   C N S 206 
LYS C    C N N 207 
LYS O    O N N 208 
LYS CB   C N N 209 
LYS CG   C N N 210 
LYS CD   C N N 211 
LYS CE   C N N 212 
LYS NZ   N N N 213 
LYS OXT  O N N 214 
LYS H    H N N 215 
LYS H2   H N N 216 
LYS HA   H N N 217 
LYS HB2  H N N 218 
LYS HB3  H N N 219 
LYS HG2  H N N 220 
LYS HG3  H N N 221 
LYS HD2  H N N 222 
LYS HD3  H N N 223 
LYS HE2  H N N 224 
LYS HE3  H N N 225 
LYS HZ1  H N N 226 
LYS HZ2  H N N 227 
LYS HZ3  H N N 228 
LYS HXT  H N N 229 
PHE N    N N N 230 
PHE CA   C N S 231 
PHE C    C N N 232 
PHE O    O N N 233 
PHE CB   C N N 234 
PHE CG   C Y N 235 
PHE CD1  C Y N 236 
PHE CD2  C Y N 237 
PHE CE1  C Y N 238 
PHE CE2  C Y N 239 
PHE CZ   C Y N 240 
PHE OXT  O N N 241 
PHE H    H N N 242 
PHE H2   H N N 243 
PHE HA   H N N 244 
PHE HB2  H N N 245 
PHE HB3  H N N 246 
PHE HD1  H N N 247 
PHE HD2  H N N 248 
PHE HE1  H N N 249 
PHE HE2  H N N 250 
PHE HZ   H N N 251 
PHE HXT  H N N 252 
PRO N    N N N 253 
PRO CA   C N S 254 
PRO C    C N N 255 
PRO O    O N N 256 
PRO CB   C N N 257 
PRO CG   C N N 258 
PRO CD   C N N 259 
PRO OXT  O N N 260 
PRO H    H N N 261 
PRO HA   H N N 262 
PRO HB2  H N N 263 
PRO HB3  H N N 264 
PRO HG2  H N N 265 
PRO HG3  H N N 266 
PRO HD2  H N N 267 
PRO HD3  H N N 268 
PRO HXT  H N N 269 
SER N    N N N 270 
SER CA   C N S 271 
SER C    C N N 272 
SER O    O N N 273 
SER CB   C N N 274 
SER OG   O N N 275 
SER OXT  O N N 276 
SER H    H N N 277 
SER H2   H N N 278 
SER HA   H N N 279 
SER HB2  H N N 280 
SER HB3  H N N 281 
SER HG   H N N 282 
SER HXT  H N N 283 
THR N    N N N 284 
THR CA   C N S 285 
THR C    C N N 286 
THR O    O N N 287 
THR CB   C N R 288 
THR OG1  O N N 289 
THR CG2  C N N 290 
THR OXT  O N N 291 
THR H    H N N 292 
THR H2   H N N 293 
THR HA   H N N 294 
THR HB   H N N 295 
THR HG1  H N N 296 
THR HG21 H N N 297 
THR HG22 H N N 298 
THR HG23 H N N 299 
THR HXT  H N N 300 
TRP N    N N N 301 
TRP CA   C N S 302 
TRP C    C N N 303 
TRP O    O N N 304 
TRP CB   C N N 305 
TRP CG   C Y N 306 
TRP CD1  C Y N 307 
TRP CD2  C Y N 308 
TRP NE1  N Y N 309 
TRP CE2  C Y N 310 
TRP CE3  C Y N 311 
TRP CZ2  C Y N 312 
TRP CZ3  C Y N 313 
TRP CH2  C Y N 314 
TRP OXT  O N N 315 
TRP H    H N N 316 
TRP H2   H N N 317 
TRP HA   H N N 318 
TRP HB2  H N N 319 
TRP HB3  H N N 320 
TRP HD1  H N N 321 
TRP HE1  H N N 322 
TRP HE3  H N N 323 
TRP HZ2  H N N 324 
TRP HZ3  H N N 325 
TRP HH2  H N N 326 
TRP HXT  H N N 327 
TYR N    N N N 328 
TYR CA   C N S 329 
TYR C    C N N 330 
TYR O    O N N 331 
TYR CB   C N N 332 
TYR CG   C Y N 333 
TYR CD1  C Y N 334 
TYR CD2  C Y N 335 
TYR CE1  C Y N 336 
TYR CE2  C Y N 337 
TYR CZ   C Y N 338 
TYR OH   O N N 339 
TYR OXT  O N N 340 
TYR H    H N N 341 
TYR H2   H N N 342 
TYR HA   H N N 343 
TYR HB2  H N N 344 
TYR HB3  H N N 345 
TYR HD1  H N N 346 
TYR HD2  H N N 347 
TYR HE1  H N N 348 
TYR HE2  H N N 349 
TYR HH   H N N 350 
TYR HXT  H N N 351 
VAL N    N N N 352 
VAL CA   C N S 353 
VAL C    C N N 354 
VAL O    O N N 355 
VAL CB   C N N 356 
VAL CG1  C N N 357 
VAL CG2  C N N 358 
VAL OXT  O N N 359 
VAL H    H N N 360 
VAL H2   H N N 361 
VAL HA   H N N 362 
VAL HB   H N N 363 
VAL HG11 H N N 364 
VAL HG12 H N N 365 
VAL HG13 H N N 366 
VAL HG21 H N N 367 
VAL HG22 H N N 368 
VAL HG23 H N N 369 
VAL HXT  H N N 370 
# 
loop_
_chem_comp_bond.comp_id 
_chem_comp_bond.atom_id_1 
_chem_comp_bond.atom_id_2 
_chem_comp_bond.value_order 
_chem_comp_bond.pdbx_aromatic_flag 
_chem_comp_bond.pdbx_stereo_config 
_chem_comp_bond.pdbx_ordinal 
ALA N   CA   sing N N 1   
ALA N   H    sing N N 2   
ALA N   H2   sing N N 3   
ALA CA  C    sing N N 4   
ALA CA  CB   sing N N 5   
ALA CA  HA   sing N N 6   
ALA C   O    doub N N 7   
ALA C   OXT  sing N N 8   
ALA CB  HB1  sing N N 9   
ALA CB  HB2  sing N N 10  
ALA CB  HB3  sing N N 11  
ALA OXT HXT  sing N N 12  
ARG N   CA   sing N N 13  
ARG N   H    sing N N 14  
ARG N   H2   sing N N 15  
ARG CA  C    sing N N 16  
ARG CA  CB   sing N N 17  
ARG CA  HA   sing N N 18  
ARG C   O    doub N N 19  
ARG C   OXT  sing N N 20  
ARG CB  CG   sing N N 21  
ARG CB  HB2  sing N N 22  
ARG CB  HB3  sing N N 23  
ARG CG  CD   sing N N 24  
ARG CG  HG2  sing N N 25  
ARG CG  HG3  sing N N 26  
ARG CD  NE   sing N N 27  
ARG CD  HD2  sing N N 28  
ARG CD  HD3  sing N N 29  
ARG NE  CZ   sing N N 30  
ARG NE  HE   sing N N 31  
ARG CZ  NH1  sing N N 32  
ARG CZ  NH2  doub N N 33  
ARG NH1 HH11 sing N N 34  
ARG NH1 HH12 sing N N 35  
ARG NH2 HH21 sing N N 36  
ARG NH2 HH22 sing N N 37  
ARG OXT HXT  sing N N 38  
ASN N   CA   sing N N 39  
ASN N   H    sing N N 40  
ASN N   H2   sing N N 41  
ASN CA  C    sing N N 42  
ASN CA  CB   sing N N 43  
ASN CA  HA   sing N N 44  
ASN C   O    doub N N 45  
ASN C   OXT  sing N N 46  
ASN CB  CG   sing N N 47  
ASN CB  HB2  sing N N 48  
ASN CB  HB3  sing N N 49  
ASN CG  OD1  doub N N 50  
ASN CG  ND2  sing N N 51  
ASN ND2 HD21 sing N N 52  
ASN ND2 HD22 sing N N 53  
ASN OXT HXT  sing N N 54  
ASP N   CA   sing N N 55  
ASP N   H    sing N N 56  
ASP N   H2   sing N N 57  
ASP CA  C    sing N N 58  
ASP CA  CB   sing N N 59  
ASP CA  HA   sing N N 60  
ASP C   O    doub N N 61  
ASP C   OXT  sing N N 62  
ASP CB  CG   sing N N 63  
ASP CB  HB2  sing N N 64  
ASP CB  HB3  sing N N 65  
ASP CG  OD1  doub N N 66  
ASP CG  OD2  sing N N 67  
ASP OD2 HD2  sing N N 68  
ASP OXT HXT  sing N N 69  
CYS N   CA   sing N N 70  
CYS N   H    sing N N 71  
CYS N   H2   sing N N 72  
CYS CA  C    sing N N 73  
CYS CA  CB   sing N N 74  
CYS CA  HA   sing N N 75  
CYS C   O    doub N N 76  
CYS C   OXT  sing N N 77  
CYS CB  SG   sing N N 78  
CYS CB  HB2  sing N N 79  
CYS CB  HB3  sing N N 80  
CYS SG  HG   sing N N 81  
CYS OXT HXT  sing N N 82  
GLN N   CA   sing N N 83  
GLN N   H    sing N N 84  
GLN N   H2   sing N N 85  
GLN CA  C    sing N N 86  
GLN CA  CB   sing N N 87  
GLN CA  HA   sing N N 88  
GLN C   O    doub N N 89  
GLN C   OXT  sing N N 90  
GLN CB  CG   sing N N 91  
GLN CB  HB2  sing N N 92  
GLN CB  HB3  sing N N 93  
GLN CG  CD   sing N N 94  
GLN CG  HG2  sing N N 95  
GLN CG  HG3  sing N N 96  
GLN CD  OE1  doub N N 97  
GLN CD  NE2  sing N N 98  
GLN NE2 HE21 sing N N 99  
GLN NE2 HE22 sing N N 100 
GLN OXT HXT  sing N N 101 
GLU N   CA   sing N N 102 
GLU N   H    sing N N 103 
GLU N   H2   sing N N 104 
GLU CA  C    sing N N 105 
GLU CA  CB   sing N N 106 
GLU CA  HA   sing N N 107 
GLU C   O    doub N N 108 
GLU C   OXT  sing N N 109 
GLU CB  CG   sing N N 110 
GLU CB  HB2  sing N N 111 
GLU CB  HB3  sing N N 112 
GLU CG  CD   sing N N 113 
GLU CG  HG2  sing N N 114 
GLU CG  HG3  sing N N 115 
GLU CD  OE1  doub N N 116 
GLU CD  OE2  sing N N 117 
GLU OE2 HE2  sing N N 118 
GLU OXT HXT  sing N N 119 
GLY N   CA   sing N N 120 
GLY N   H    sing N N 121 
GLY N   H2   sing N N 122 
GLY CA  C    sing N N 123 
GLY CA  HA2  sing N N 124 
GLY CA  HA3  sing N N 125 
GLY C   O    doub N N 126 
GLY C   OXT  sing N N 127 
GLY OXT HXT  sing N N 128 
HIS N   CA   sing N N 129 
HIS N   H    sing N N 130 
HIS N   H2   sing N N 131 
HIS CA  C    sing N N 132 
HIS CA  CB   sing N N 133 
HIS CA  HA   sing N N 134 
HIS C   O    doub N N 135 
HIS C   OXT  sing N N 136 
HIS CB  CG   sing N N 137 
HIS CB  HB2  sing N N 138 
HIS CB  HB3  sing N N 139 
HIS CG  ND1  sing Y N 140 
HIS CG  CD2  doub Y N 141 
HIS ND1 CE1  doub Y N 142 
HIS ND1 HD1  sing N N 143 
HIS CD2 NE2  sing Y N 144 
HIS CD2 HD2  sing N N 145 
HIS CE1 NE2  sing Y N 146 
HIS CE1 HE1  sing N N 147 
HIS NE2 HE2  sing N N 148 
HIS OXT HXT  sing N N 149 
HOH O   H1   sing N N 150 
HOH O   H2   sing N N 151 
ILE N   CA   sing N N 152 
ILE N   H    sing N N 153 
ILE N   H2   sing N N 154 
ILE CA  C    sing N N 155 
ILE CA  CB   sing N N 156 
ILE CA  HA   sing N N 157 
ILE C   O    doub N N 158 
ILE C   OXT  sing N N 159 
ILE CB  CG1  sing N N 160 
ILE CB  CG2  sing N N 161 
ILE CB  HB   sing N N 162 
ILE CG1 CD1  sing N N 163 
ILE CG1 HG12 sing N N 164 
ILE CG1 HG13 sing N N 165 
ILE CG2 HG21 sing N N 166 
ILE CG2 HG22 sing N N 167 
ILE CG2 HG23 sing N N 168 
ILE CD1 HD11 sing N N 169 
ILE CD1 HD12 sing N N 170 
ILE CD1 HD13 sing N N 171 
ILE OXT HXT  sing N N 172 
LEU N   CA   sing N N 173 
LEU N   H    sing N N 174 
LEU N   H2   sing N N 175 
LEU CA  C    sing N N 176 
LEU CA  CB   sing N N 177 
LEU CA  HA   sing N N 178 
LEU C   O    doub N N 179 
LEU C   OXT  sing N N 180 
LEU CB  CG   sing N N 181 
LEU CB  HB2  sing N N 182 
LEU CB  HB3  sing N N 183 
LEU CG  CD1  sing N N 184 
LEU CG  CD2  sing N N 185 
LEU CG  HG   sing N N 186 
LEU CD1 HD11 sing N N 187 
LEU CD1 HD12 sing N N 188 
LEU CD1 HD13 sing N N 189 
LEU CD2 HD21 sing N N 190 
LEU CD2 HD22 sing N N 191 
LEU CD2 HD23 sing N N 192 
LEU OXT HXT  sing N N 193 
LYS N   CA   sing N N 194 
LYS N   H    sing N N 195 
LYS N   H2   sing N N 196 
LYS CA  C    sing N N 197 
LYS CA  CB   sing N N 198 
LYS CA  HA   sing N N 199 
LYS C   O    doub N N 200 
LYS C   OXT  sing N N 201 
LYS CB  CG   sing N N 202 
LYS CB  HB2  sing N N 203 
LYS CB  HB3  sing N N 204 
LYS CG  CD   sing N N 205 
LYS CG  HG2  sing N N 206 
LYS CG  HG3  sing N N 207 
LYS CD  CE   sing N N 208 
LYS CD  HD2  sing N N 209 
LYS CD  HD3  sing N N 210 
LYS CE  NZ   sing N N 211 
LYS CE  HE2  sing N N 212 
LYS CE  HE3  sing N N 213 
LYS NZ  HZ1  sing N N 214 
LYS NZ  HZ2  sing N N 215 
LYS NZ  HZ3  sing N N 216 
LYS OXT HXT  sing N N 217 
PHE N   CA   sing N N 218 
PHE N   H    sing N N 219 
PHE N   H2   sing N N 220 
PHE CA  C    sing N N 221 
PHE CA  CB   sing N N 222 
PHE CA  HA   sing N N 223 
PHE C   O    doub N N 224 
PHE C   OXT  sing N N 225 
PHE CB  CG   sing N N 226 
PHE CB  HB2  sing N N 227 
PHE CB  HB3  sing N N 228 
PHE CG  CD1  doub Y N 229 
PHE CG  CD2  sing Y N 230 
PHE CD1 CE1  sing Y N 231 
PHE CD1 HD1  sing N N 232 
PHE CD2 CE2  doub Y N 233 
PHE CD2 HD2  sing N N 234 
PHE CE1 CZ   doub Y N 235 
PHE CE1 HE1  sing N N 236 
PHE CE2 CZ   sing Y N 237 
PHE CE2 HE2  sing N N 238 
PHE CZ  HZ   sing N N 239 
PHE OXT HXT  sing N N 240 
PRO N   CA   sing N N 241 
PRO N   CD   sing N N 242 
PRO N   H    sing N N 243 
PRO CA  C    sing N N 244 
PRO CA  CB   sing N N 245 
PRO CA  HA   sing N N 246 
PRO C   O    doub N N 247 
PRO C   OXT  sing N N 248 
PRO CB  CG   sing N N 249 
PRO CB  HB2  sing N N 250 
PRO CB  HB3  sing N N 251 
PRO CG  CD   sing N N 252 
PRO CG  HG2  sing N N 253 
PRO CG  HG3  sing N N 254 
PRO CD  HD2  sing N N 255 
PRO CD  HD3  sing N N 256 
PRO OXT HXT  sing N N 257 
SER N   CA   sing N N 258 
SER N   H    sing N N 259 
SER N   H2   sing N N 260 
SER CA  C    sing N N 261 
SER CA  CB   sing N N 262 
SER CA  HA   sing N N 263 
SER C   O    doub N N 264 
SER C   OXT  sing N N 265 
SER CB  OG   sing N N 266 
SER CB  HB2  sing N N 267 
SER CB  HB3  sing N N 268 
SER OG  HG   sing N N 269 
SER OXT HXT  sing N N 270 
THR N   CA   sing N N 271 
THR N   H    sing N N 272 
THR N   H2   sing N N 273 
THR CA  C    sing N N 274 
THR CA  CB   sing N N 275 
THR CA  HA   sing N N 276 
THR C   O    doub N N 277 
THR C   OXT  sing N N 278 
THR CB  OG1  sing N N 279 
THR CB  CG2  sing N N 280 
THR CB  HB   sing N N 281 
THR OG1 HG1  sing N N 282 
THR CG2 HG21 sing N N 283 
THR CG2 HG22 sing N N 284 
THR CG2 HG23 sing N N 285 
THR OXT HXT  sing N N 286 
TRP N   CA   sing N N 287 
TRP N   H    sing N N 288 
TRP N   H2   sing N N 289 
TRP CA  C    sing N N 290 
TRP CA  CB   sing N N 291 
TRP CA  HA   sing N N 292 
TRP C   O    doub N N 293 
TRP C   OXT  sing N N 294 
TRP CB  CG   sing N N 295 
TRP CB  HB2  sing N N 296 
TRP CB  HB3  sing N N 297 
TRP CG  CD1  doub Y N 298 
TRP CG  CD2  sing Y N 299 
TRP CD1 NE1  sing Y N 300 
TRP CD1 HD1  sing N N 301 
TRP CD2 CE2  doub Y N 302 
TRP CD2 CE3  sing Y N 303 
TRP NE1 CE2  sing Y N 304 
TRP NE1 HE1  sing N N 305 
TRP CE2 CZ2  sing Y N 306 
TRP CE3 CZ3  doub Y N 307 
TRP CE3 HE3  sing N N 308 
TRP CZ2 CH2  doub Y N 309 
TRP CZ2 HZ2  sing N N 310 
TRP CZ3 CH2  sing Y N 311 
TRP CZ3 HZ3  sing N N 312 
TRP CH2 HH2  sing N N 313 
TRP OXT HXT  sing N N 314 
TYR N   CA   sing N N 315 
TYR N   H    sing N N 316 
TYR N   H2   sing N N 317 
TYR CA  C    sing N N 318 
TYR CA  CB   sing N N 319 
TYR CA  HA   sing N N 320 
TYR C   O    doub N N 321 
TYR C   OXT  sing N N 322 
TYR CB  CG   sing N N 323 
TYR CB  HB2  sing N N 324 
TYR CB  HB3  sing N N 325 
TYR CG  CD1  doub Y N 326 
TYR CG  CD2  sing Y N 327 
TYR CD1 CE1  sing Y N 328 
TYR CD1 HD1  sing N N 329 
TYR CD2 CE2  doub Y N 330 
TYR CD2 HD2  sing N N 331 
TYR CE1 CZ   doub Y N 332 
TYR CE1 HE1  sing N N 333 
TYR CE2 CZ   sing Y N 334 
TYR CE2 HE2  sing N N 335 
TYR CZ  OH   sing N N 336 
TYR OH  HH   sing N N 337 
TYR OXT HXT  sing N N 338 
VAL N   CA   sing N N 339 
VAL N   H    sing N N 340 
VAL N   H2   sing N N 341 
VAL CA  C    sing N N 342 
VAL CA  CB   sing N N 343 
VAL CA  HA   sing N N 344 
VAL C   O    doub N N 345 
VAL C   OXT  sing N N 346 
VAL CB  CG1  sing N N 347 
VAL CB  CG2  sing N N 348 
VAL CB  HB   sing N N 349 
VAL CG1 HG11 sing N N 350 
VAL CG1 HG12 sing N N 351 
VAL CG1 HG13 sing N N 352 
VAL CG2 HG21 sing N N 353 
VAL CG2 HG22 sing N N 354 
VAL CG2 HG23 sing N N 355 
VAL OXT HXT  sing N N 356 
# 
_pdbx_entity_nonpoly.entity_id   2 
_pdbx_entity_nonpoly.name        water 
_pdbx_entity_nonpoly.comp_id     HOH 
# 
_pdbx_initial_refinement_model.id               1 
_pdbx_initial_refinement_model.entity_id_list   ? 
_pdbx_initial_refinement_model.type             'experimental model' 
_pdbx_initial_refinement_model.source_name      PDB 
_pdbx_initial_refinement_model.accession_code   3ME9 
_pdbx_initial_refinement_model.details          'PDB ENTRY 3ME9' 
# 
